data_7JKJ
# 
_entry.id   7JKJ 
# 
_audit_conform.dict_name       mmcif_pdbx.dic 
_audit_conform.dict_version    5.380 
_audit_conform.dict_location   http://mmcif.pdb.org/dictionaries/ascii/mmcif_pdbx.dic 
# 
loop_
_database_2.database_id 
_database_2.database_code 
_database_2.pdbx_database_accession 
_database_2.pdbx_DOI 
PDB   7JKJ         pdb_00007jkj 10.2210/pdb7jkj/pdb 
WWPDB D_1000250902 ?            ?                   
# 
_pdbx_database_status.status_code                     REL 
_pdbx_database_status.status_code_sf                  REL 
_pdbx_database_status.status_code_mr                  ? 
_pdbx_database_status.entry_id                        7JKJ 
_pdbx_database_status.recvd_initial_deposition_date   2020-07-28 
_pdbx_database_status.SG_entry                        N 
_pdbx_database_status.deposit_site                    RCSB 
_pdbx_database_status.process_site                    RCSB 
_pdbx_database_status.status_code_cs                  ? 
_pdbx_database_status.status_code_nmr_data            ? 
_pdbx_database_status.methods_development_category    ? 
_pdbx_database_status.pdb_format_compatible           Y 
# 
loop_
_audit_author.name 
_audit_author.pdbx_ordinal 
_audit_author.identifier_ORCID 
'Simmons, C.R.'      1 0000-0002-2290-6132 
'MacCulloch, T.'     2 0000-0001-5875-3361 
'Stephanopoulos, N.' 3 0000-0001-7859-410X 
'Yan, H.'            4 0000-0001-7397-9852 
# 
_citation.abstract                  ? 
_citation.abstract_id_CAS           ? 
_citation.book_id_ISBN              ? 
_citation.book_publisher            ? 
_citation.book_publisher_city       ? 
_citation.book_title                ? 
_citation.coordinate_linkage        ? 
_citation.country                   UK 
_citation.database_id_Medline       ? 
_citation.details                   ? 
_citation.id                        primary 
_citation.journal_abbrev            'Nat Commun' 
_citation.journal_id_ASTM           ? 
_citation.journal_id_CSD            ? 
_citation.journal_id_ISSN           2041-1723 
_citation.journal_full              ? 
_citation.journal_issue             ? 
_citation.journal_volume            13 
_citation.language                  ? 
_citation.page_first                3112 
_citation.page_last                 3112 
_citation.title                     'The influence of Holliday junction sequence and dynamics on DNA crystal self-assembly.' 
_citation.year                      2022 
_citation.database_id_CSD           ? 
_citation.pdbx_database_id_DOI      10.1038/s41467-022-30779-6 
_citation.pdbx_database_id_PubMed   35662248 
_citation.unpublished_flag          ? 
# 
loop_
_citation_author.citation_id 
_citation_author.name 
_citation_author.ordinal 
_citation_author.identifier_ORCID 
primary 'Simmons, C.R.'      1  ?                   
primary 'MacCulloch, T.'     2  ?                   
primary 'Krepl, M.'          3  0000-0002-9833-4281 
primary 'Matthies, M.'       4  ?                   
primary 'Buchberger, A.'     5  ?                   
primary 'Crawford, I.'       6  ?                   
primary 'Sponer, J.'         7  0000-0001-6558-6186 
primary 'Sulc, P.'           8  0000-0003-1565-6769 
primary 'Stephanopoulos, N.' 9  0000-0001-7859-410X 
primary 'Yan, H.'            10 0000-0001-7397-9852 
# 
_cell.angle_alpha                  90.000 
_cell.angle_alpha_esd              ? 
_cell.angle_beta                   90.000 
_cell.angle_beta_esd               ? 
_cell.angle_gamma                  120.000 
_cell.angle_gamma_esd              ? 
_cell.entry_id                     7JKJ 
_cell.details                      ? 
_cell.formula_units_Z              ? 
_cell.length_a                     113.169 
_cell.length_a_esd                 ? 
_cell.length_b                     113.169 
_cell.length_b_esd                 ? 
_cell.length_c                     50.774 
_cell.length_c_esd                 ? 
_cell.volume                       ? 
_cell.volume_esd                   ? 
_cell.Z_PDB                        9 
_cell.reciprocal_angle_alpha       ? 
_cell.reciprocal_angle_beta        ? 
_cell.reciprocal_angle_gamma       ? 
_cell.reciprocal_angle_alpha_esd   ? 
_cell.reciprocal_angle_beta_esd    ? 
_cell.reciprocal_angle_gamma_esd   ? 
_cell.reciprocal_length_a          ? 
_cell.reciprocal_length_b          ? 
_cell.reciprocal_length_c          ? 
_cell.reciprocal_length_a_esd      ? 
_cell.reciprocal_length_b_esd      ? 
_cell.reciprocal_length_c_esd      ? 
_cell.pdbx_unique_axis             ? 
# 
_symmetry.entry_id                         7JKJ 
_symmetry.cell_setting                     ? 
_symmetry.Int_Tables_number                146 
_symmetry.space_group_name_Hall            ? 
_symmetry.space_group_name_H-M             'H 3' 
_symmetry.pdbx_full_space_group_name_H-M   ? 
# 
loop_
_entity.id 
_entity.type 
_entity.src_method 
_entity.pdbx_description 
_entity.formula_weight 
_entity.pdbx_number_of_molecules 
_entity.pdbx_ec 
_entity.pdbx_mutation 
_entity.pdbx_fragment 
_entity.details 
1 polymer     syn 
;DNA (5'-D(*GP*AP*AP*CP*GP*AP*CP*AP*CP*AP*GP*AP*CP*GP*AP*CP*GP*AP*CP*TP*C)-3')
;
6435.191 1 ? ? ? ? 
2 polymer     syn 
;DNA (5'-D(*TP*CP*GP*AP*GP*TP*CP*G)-3')
;
2442.616 1 ? ? ? ? 
3 polymer     syn 
;DNA (5'-D(P*GP*TP*GP*TP*CP*GP*T)-3')
;
2144.420 1 ? ? ? ? 
4 polymer     syn 
;DNA (5'-D(P*TP*CP*GP*TP*CP*T)-3')
;
1775.190 1 ? ? ? ? 
5 non-polymer syn 'CACODYLATE ION'                                                                136.989  2 ? ? ? ? 
# 
loop_
_entity_poly.entity_id 
_entity_poly.type 
_entity_poly.nstd_linkage 
_entity_poly.nstd_monomer 
_entity_poly.pdbx_seq_one_letter_code 
_entity_poly.pdbx_seq_one_letter_code_can 
_entity_poly.pdbx_strand_id 
_entity_poly.pdbx_target_identifier 
1 polydeoxyribonucleotide no no 
;(DG)(DA)(DA)(DC)(DG)(DA)(DC)(DA)(DC)(DA)(DG)(DA)(DC)(DG)(DA)(DC)(DG)(DA)(DC)(DT)
(DC)
;
GAACGACACAGACGACGACTC B ? 
2 polydeoxyribonucleotide no no '(DT)(DC)(DG)(DA)(DG)(DT)(DC)(DG)'                                                      TCGAGTCG C 
? 
3 polydeoxyribonucleotide no no '(DG)(DT)(DG)(DT)(DC)(DG)(DT)'                                                          GTGTCGT D 
? 
4 polydeoxyribonucleotide no no '(DT)(DC)(DG)(DT)(DC)(DT)'                                                              TCGTCT A ? 
# 
loop_
_entity_poly_seq.entity_id 
_entity_poly_seq.num 
_entity_poly_seq.mon_id 
_entity_poly_seq.hetero 
1 1  DG n 
1 2  DA n 
1 3  DA n 
1 4  DC n 
1 5  DG n 
1 6  DA n 
1 7  DC n 
1 8  DA n 
1 9  DC n 
1 10 DA n 
1 11 DG n 
1 12 DA n 
1 13 DC n 
1 14 DG n 
1 15 DA n 
1 16 DC n 
1 17 DG n 
1 18 DA n 
1 19 DC n 
1 20 DT n 
1 21 DC n 
2 1  DT n 
2 2  DC n 
2 3  DG n 
2 4  DA n 
2 5  DG n 
2 6  DT n 
2 7  DC n 
2 8  DG n 
3 1  DG n 
3 2  DT n 
3 3  DG n 
3 4  DT n 
3 5  DC n 
3 6  DG n 
3 7  DT n 
4 1  DT n 
4 2  DC n 
4 3  DG n 
4 4  DT n 
4 5  DC n 
4 6  DT n 
# 
loop_
_pdbx_entity_src_syn.entity_id 
_pdbx_entity_src_syn.pdbx_src_id 
_pdbx_entity_src_syn.pdbx_alt_source_flag 
_pdbx_entity_src_syn.pdbx_beg_seq_num 
_pdbx_entity_src_syn.pdbx_end_seq_num 
_pdbx_entity_src_syn.organism_scientific 
_pdbx_entity_src_syn.organism_common_name 
_pdbx_entity_src_syn.ncbi_taxonomy_id 
_pdbx_entity_src_syn.details 
1 1 sample 1 21 'synthetic construct' ? 32630 ? 
2 1 sample 1 8  'synthetic construct' ? 32630 ? 
3 1 sample 1 7  'synthetic construct' ? 32630 ? 
4 1 sample 1 6  'synthetic construct' ? 32630 ? 
# 
loop_
_struct_ref.id 
_struct_ref.db_name 
_struct_ref.db_code 
_struct_ref.pdbx_db_accession 
_struct_ref.pdbx_db_isoform 
_struct_ref.entity_id 
_struct_ref.pdbx_seq_one_letter_code 
_struct_ref.pdbx_align_begin 
1 PDB 7JKJ 7JKJ ? 1 ? 1 
2 PDB 7JKJ 7JKJ ? 2 ? 1 
3 PDB 7JKJ 7JKJ ? 3 ? 1 
4 PDB 7JKJ 7JKJ ? 4 ? 1 
# 
loop_
_struct_ref_seq.align_id 
_struct_ref_seq.ref_id 
_struct_ref_seq.pdbx_PDB_id_code 
_struct_ref_seq.pdbx_strand_id 
_struct_ref_seq.seq_align_beg 
_struct_ref_seq.pdbx_seq_align_beg_ins_code 
_struct_ref_seq.seq_align_end 
_struct_ref_seq.pdbx_seq_align_end_ins_code 
_struct_ref_seq.pdbx_db_accession 
_struct_ref_seq.db_align_beg 
_struct_ref_seq.pdbx_db_align_beg_ins_code 
_struct_ref_seq.db_align_end 
_struct_ref_seq.pdbx_db_align_end_ins_code 
_struct_ref_seq.pdbx_auth_seq_align_beg 
_struct_ref_seq.pdbx_auth_seq_align_end 
1 1 7JKJ B 1 ? 21 ? 7JKJ 7  ? 27 ? 7  27 
2 2 7JKJ C 1 ? 8  ? 7JKJ 28 ? 35 ? 28 35 
3 3 7JKJ D 1 ? 7  ? 7JKJ 36 ? 42 ? 36 42 
4 4 7JKJ A 1 ? 6  ? 7JKJ 1  ? 6  ? 1  6  
# 
loop_
_chem_comp.id 
_chem_comp.type 
_chem_comp.mon_nstd_flag 
_chem_comp.name 
_chem_comp.pdbx_synonyms 
_chem_comp.formula 
_chem_comp.formula_weight 
CAC non-polymer   . 'CACODYLATE ION'                     dimethylarsinate 'C2 H6 As O2 -1'  136.989 
DA  'DNA linking' y "2'-DEOXYADENOSINE-5'-MONOPHOSPHATE" ?                'C10 H14 N5 O6 P' 331.222 
DC  'DNA linking' y "2'-DEOXYCYTIDINE-5'-MONOPHOSPHATE"  ?                'C9 H14 N3 O7 P'  307.197 
DG  'DNA linking' y "2'-DEOXYGUANOSINE-5'-MONOPHOSPHATE" ?                'C10 H14 N5 O7 P' 347.221 
DT  'DNA linking' y "THYMIDINE-5'-MONOPHOSPHATE"         ?                'C10 H15 N2 O8 P' 322.208 
# 
_exptl.absorpt_coefficient_mu     ? 
_exptl.absorpt_correction_T_max   ? 
_exptl.absorpt_correction_T_min   ? 
_exptl.absorpt_correction_type    ? 
_exptl.absorpt_process_details    ? 
_exptl.entry_id                   7JKJ 
_exptl.crystals_number            1 
_exptl.details                    ? 
_exptl.method                     'X-RAY DIFFRACTION' 
_exptl.method_details             ? 
# 
_exptl_crystal.colour                      ? 
_exptl_crystal.density_diffrn              ? 
_exptl_crystal.density_Matthews            4.89 
_exptl_crystal.density_method              ? 
_exptl_crystal.density_percent_sol         74.84 
_exptl_crystal.description                 ? 
_exptl_crystal.F_000                       ? 
_exptl_crystal.id                          1 
_exptl_crystal.preparation                 ? 
_exptl_crystal.size_max                    ? 
_exptl_crystal.size_mid                    ? 
_exptl_crystal.size_min                    ? 
_exptl_crystal.size_rad                    ? 
_exptl_crystal.colour_lustre               ? 
_exptl_crystal.colour_modifier             ? 
_exptl_crystal.colour_primary              ? 
_exptl_crystal.density_meas                ? 
_exptl_crystal.density_meas_esd            ? 
_exptl_crystal.density_meas_gt             ? 
_exptl_crystal.density_meas_lt             ? 
_exptl_crystal.density_meas_temp           ? 
_exptl_crystal.density_meas_temp_esd       ? 
_exptl_crystal.density_meas_temp_gt        ? 
_exptl_crystal.density_meas_temp_lt        ? 
_exptl_crystal.pdbx_crystal_image_url      ? 
_exptl_crystal.pdbx_crystal_image_format   ? 
_exptl_crystal.pdbx_mosaicity              ? 
_exptl_crystal.pdbx_mosaicity_esd          ? 
# 
_exptl_crystal_grow.apparatus       ? 
_exptl_crystal_grow.atmosphere      ? 
_exptl_crystal_grow.crystal_id      1 
_exptl_crystal_grow.details         ? 
_exptl_crystal_grow.method          'VAPOR DIFFUSION, SITTING DROP' 
_exptl_crystal_grow.method_ref      ? 
_exptl_crystal_grow.pH              ? 
_exptl_crystal_grow.pressure        ? 
_exptl_crystal_grow.pressure_esd    ? 
_exptl_crystal_grow.seeding         ? 
_exptl_crystal_grow.seeding_ref     ? 
_exptl_crystal_grow.temp            298 
_exptl_crystal_grow.temp_details    'temperature gradient generated from 60 to 25 C at 0.3 degrees per hour' 
_exptl_crystal_grow.temp_esd        ? 
_exptl_crystal_grow.time            ? 
_exptl_crystal_grow.pdbx_details    
;0.5 mL of 0.05 M Cacodylate pH 7.0 with 18 mM MgCl2, 2.25 mM spermine, 0.9 mM CoH18N6, and 4.5% MPD was added to the reservoir with 2 uL added to the drop containing 4 uL of DNA stock
;
_exptl_crystal_grow.pdbx_pH_range   ? 
# 
_diffrn.ambient_environment              ? 
_diffrn.ambient_temp                     100 
_diffrn.ambient_temp_details             ? 
_diffrn.ambient_temp_esd                 ? 
_diffrn.crystal_id                       1 
_diffrn.crystal_support                  ? 
_diffrn.crystal_treatment                ? 
_diffrn.details                          ? 
_diffrn.id                               1 
_diffrn.ambient_pressure                 ? 
_diffrn.ambient_pressure_esd             ? 
_diffrn.ambient_pressure_gt              ? 
_diffrn.ambient_pressure_lt              ? 
_diffrn.ambient_temp_gt                  ? 
_diffrn.ambient_temp_lt                  ? 
_diffrn.pdbx_serial_crystal_experiment   N 
# 
_diffrn_detector.details                      ? 
_diffrn_detector.detector                     PIXEL 
_diffrn_detector.diffrn_id                    1 
_diffrn_detector.type                         'DECTRIS PILATUS3 6M' 
_diffrn_detector.area_resol_mean              ? 
_diffrn_detector.dtime                        ? 
_diffrn_detector.pdbx_frames_total            ? 
_diffrn_detector.pdbx_collection_time_total   ? 
_diffrn_detector.pdbx_collection_date         2019-09-15 
_diffrn_detector.pdbx_frequency               ? 
# 
_diffrn_radiation.collimation                      ? 
_diffrn_radiation.diffrn_id                        1 
_diffrn_radiation.filter_edge                      ? 
_diffrn_radiation.inhomogeneity                    ? 
_diffrn_radiation.monochromator                    ? 
_diffrn_radiation.polarisn_norm                    ? 
_diffrn_radiation.polarisn_ratio                   ? 
_diffrn_radiation.probe                            ? 
_diffrn_radiation.type                             ? 
_diffrn_radiation.xray_symbol                      ? 
_diffrn_radiation.wavelength_id                    1 
_diffrn_radiation.pdbx_monochromatic_or_laue_m_l   M 
_diffrn_radiation.pdbx_wavelength_list             ? 
_diffrn_radiation.pdbx_wavelength                  ? 
_diffrn_radiation.pdbx_diffrn_protocol             'SINGLE WAVELENGTH' 
_diffrn_radiation.pdbx_analyzer                    ? 
_diffrn_radiation.pdbx_scattering_type             x-ray 
# 
_diffrn_radiation_wavelength.id           1 
_diffrn_radiation_wavelength.wavelength   1 
_diffrn_radiation_wavelength.wt           1.0 
# 
_diffrn_source.current                     ? 
_diffrn_source.details                     ? 
_diffrn_source.diffrn_id                   1 
_diffrn_source.power                       ? 
_diffrn_source.size                        ? 
_diffrn_source.source                      SYNCHROTRON 
_diffrn_source.target                      ? 
_diffrn_source.type                        'ALS BEAMLINE 5.0.2' 
_diffrn_source.voltage                     ? 
_diffrn_source.take-off_angle              ? 
_diffrn_source.pdbx_wavelength_list        1 
_diffrn_source.pdbx_wavelength             ? 
_diffrn_source.pdbx_synchrotron_beamline   5.0.2 
_diffrn_source.pdbx_synchrotron_site       ALS 
# 
_reflns.B_iso_Wilson_estimate            64.870 
_reflns.entry_id                         7JKJ 
_reflns.data_reduction_details           ? 
_reflns.data_reduction_method            ? 
_reflns.d_resolution_high                3.050 
_reflns.d_resolution_low                 50.000 
_reflns.details                          ? 
_reflns.limit_h_max                      ? 
_reflns.limit_h_min                      ? 
_reflns.limit_k_max                      ? 
_reflns.limit_k_min                      ? 
_reflns.limit_l_max                      ? 
_reflns.limit_l_min                      ? 
_reflns.number_all                       ? 
_reflns.number_obs                       4101 
_reflns.observed_criterion               ? 
_reflns.observed_criterion_F_max         ? 
_reflns.observed_criterion_F_min         ? 
_reflns.observed_criterion_I_max         ? 
_reflns.observed_criterion_I_min         ? 
_reflns.observed_criterion_sigma_F       ? 
_reflns.observed_criterion_sigma_I       ? 
_reflns.percent_possible_obs             91.700 
_reflns.R_free_details                   ? 
_reflns.Rmerge_F_all                     ? 
_reflns.Rmerge_F_obs                     ? 
_reflns.Friedel_coverage                 ? 
_reflns.number_gt                        ? 
_reflns.threshold_expression             ? 
_reflns.pdbx_redundancy                  8.900 
_reflns.pdbx_Rmerge_I_obs                0.168 
_reflns.pdbx_Rmerge_I_all                ? 
_reflns.pdbx_Rsym_value                  ? 
_reflns.pdbx_netI_over_av_sigmaI         ? 
_reflns.pdbx_netI_over_sigmaI            4.700 
_reflns.pdbx_res_netI_over_av_sigmaI_2   ? 
_reflns.pdbx_res_netI_over_sigmaI_2      ? 
_reflns.pdbx_chi_squared                 1.411 
_reflns.pdbx_scaling_rejects             ? 
_reflns.pdbx_d_res_high_opt              ? 
_reflns.pdbx_d_res_low_opt               ? 
_reflns.pdbx_d_res_opt_method            ? 
_reflns.phase_calculation_details        ? 
_reflns.pdbx_Rrim_I_all                  0.177 
_reflns.pdbx_Rpim_I_all                  0.054 
_reflns.pdbx_d_opt                       ? 
_reflns.pdbx_number_measured_all         ? 
_reflns.pdbx_diffrn_id                   1 
_reflns.pdbx_ordinal                     1 
_reflns.pdbx_CC_half                     0.933 
_reflns.pdbx_CC_star                     ? 
_reflns.pdbx_R_split                     ? 
# 
loop_
_reflns_shell.d_res_high 
_reflns_shell.d_res_low 
_reflns_shell.meanI_over_sigI_all 
_reflns_shell.meanI_over_sigI_obs 
_reflns_shell.number_measured_all 
_reflns_shell.number_measured_obs 
_reflns_shell.number_possible 
_reflns_shell.number_unique_all 
_reflns_shell.number_unique_obs 
_reflns_shell.percent_possible_all 
_reflns_shell.percent_possible_obs 
_reflns_shell.Rmerge_F_all 
_reflns_shell.Rmerge_F_obs 
_reflns_shell.Rmerge_I_all 
_reflns_shell.Rmerge_I_obs 
_reflns_shell.meanI_over_sigI_gt 
_reflns_shell.meanI_over_uI_all 
_reflns_shell.meanI_over_uI_gt 
_reflns_shell.number_measured_gt 
_reflns_shell.number_unique_gt 
_reflns_shell.percent_possible_gt 
_reflns_shell.Rmerge_F_gt 
_reflns_shell.Rmerge_I_gt 
_reflns_shell.pdbx_redundancy 
_reflns_shell.pdbx_Rsym_value 
_reflns_shell.pdbx_chi_squared 
_reflns_shell.pdbx_netI_over_sigmaI_all 
_reflns_shell.pdbx_netI_over_sigmaI_obs 
_reflns_shell.pdbx_Rrim_I_all 
_reflns_shell.pdbx_Rpim_I_all 
_reflns_shell.pdbx_rejects 
_reflns_shell.pdbx_ordinal 
_reflns_shell.pdbx_diffrn_id 
_reflns_shell.pdbx_CC_half 
_reflns_shell.pdbx_CC_star 
_reflns_shell.pdbx_R_split 
3.050 3.100  ? ? ? ? ? ? 118 54.100  ? ? ? ? 0.719 ? ? ? ? ? ? ? ? 6.000  ? 0.456 ? ? 0.775 0.278 ? 1  1 0.807 ? ? 
3.100 3.160  ? ? ? ? ? ? 152 68.500  ? ? ? ? 0.333 ? ? ? ? ? ? ? ? 6.700  ? 0.706 ? ? 0.356 0.121 ? 2  1 0.974 ? ? 
3.160 3.220  ? ? ? ? ? ? 156 70.300  ? ? ? ? 0.261 ? ? ? ? ? ? ? ? 6.800  ? 0.756 ? ? 0.278 0.094 ? 3  1 0.985 ? ? 
3.220 3.290  ? ? ? ? ? ? 188 80.000  ? ? ? ? 0.353 ? ? ? ? ? ? ? ? 6.600  ? 0.678 ? ? 0.377 0.129 ? 4  1 0.977 ? ? 
3.290 3.360  ? ? ? ? ? ? 190 86.400  ? ? ? ? 0.224 ? ? ? ? ? ? ? ? 6.900  ? 0.890 ? ? 0.238 0.080 ? 5  1 0.990 ? ? 
3.360 3.430  ? ? ? ? ? ? 192 88.900  ? ? ? ? 0.310 ? ? ? ? ? ? ? ? 6.800  ? 0.756 ? ? 0.332 0.115 ? 6  1 0.984 ? ? 
3.430 3.520  ? ? ? ? ? ? 215 90.300  ? ? ? ? 0.272 ? ? ? ? ? ? ? ? 7.300  ? 0.751 ? ? 0.290 0.098 ? 7  1 0.982 ? ? 
3.520 3.620  ? ? ? ? ? ? 207 95.800  ? ? ? ? 0.407 ? ? ? ? ? ? ? ? 7.300  ? 0.579 ? ? 0.435 0.152 ? 8  1 0.963 ? ? 
3.620 3.720  ? ? ? ? ? ? 226 99.600  ? ? ? ? 0.508 ? ? ? ? ? ? ? ? 8.600  ? 0.463 ? ? 0.539 0.176 ? 9  1 0.949 ? ? 
3.720 3.840  ? ? ? ? ? ? 227 99.600  ? ? ? ? 0.622 ? ? ? ? ? ? ? ? 9.000  ? 0.503 ? ? 0.657 0.211 ? 10 1 0.869 ? ? 
3.840 3.980  ? ? ? ? ? ? 216 100.000 ? ? ? ? 0.393 ? ? ? ? ? ? ? ? 10.100 ? 0.622 ? ? 0.414 0.130 ? 11 1 0.953 ? ? 
3.980 4.140  ? ? ? ? ? ? 218 100.000 ? ? ? ? 0.307 ? ? ? ? ? ? ? ? 10.200 ? 0.655 ? ? 0.323 0.100 ? 12 1 0.972 ? ? 
4.140 4.330  ? ? ? ? ? ? 222 100.000 ? ? ? ? 0.299 ? ? ? ? ? ? ? ? 10.300 ? 0.693 ? ? 0.314 0.098 ? 13 1 0.966 ? ? 
4.330 4.560  ? ? ? ? ? ? 232 100.000 ? ? ? ? 0.298 ? ? ? ? ? ? ? ? 9.500  ? 0.630 ? ? 0.315 0.101 ? 14 1 0.971 ? ? 
4.560 4.840  ? ? ? ? ? ? 221 100.000 ? ? ? ? 0.229 ? ? ? ? ? ? ? ? 9.900  ? 0.805 ? ? 0.242 0.077 ? 15 1 0.980 ? ? 
4.840 5.210  ? ? ? ? ? ? 223 100.000 ? ? ? ? 0.164 ? ? ? ? ? ? ? ? 11.000 ? 1.010 ? ? 0.172 0.052 ? 16 1 0.990 ? ? 
5.210 5.740  ? ? ? ? ? ? 221 100.000 ? ? ? ? 0.130 ? ? ? ? ? ? ? ? 10.700 ? 1.473 ? ? 0.136 0.041 ? 17 1 0.991 ? ? 
5.740 6.570  ? ? ? ? ? ? 230 100.000 ? ? ? ? 0.110 ? ? ? ? ? ? ? ? 10.200 ? 1.351 ? ? 0.116 0.036 ? 18 1 0.994 ? ? 
6.570 8.270  ? ? ? ? ? ? 225 100.000 ? ? ? ? 0.079 ? ? ? ? ? ? ? ? 10.300 ? 1.683 ? ? 0.083 0.026 ? 19 1 0.997 ? ? 
8.270 50.000 ? ? ? ? ? ? 222 100.000 ? ? ? ? 0.159 ? ? ? ? ? ? ? ? 10.500 ? 9.362 ? ? 0.167 0.050 ? 20 1 0.954 ? ? 
# 
_refine.aniso_B[1][1]                            ? 
_refine.aniso_B[1][2]                            ? 
_refine.aniso_B[1][3]                            ? 
_refine.aniso_B[2][2]                            ? 
_refine.aniso_B[2][3]                            ? 
_refine.aniso_B[3][3]                            ? 
_refine.B_iso_max                                192.700 
_refine.B_iso_mean                               91.6765 
_refine.B_iso_min                                43.620 
_refine.correlation_coeff_Fo_to_Fc               ? 
_refine.correlation_coeff_Fo_to_Fc_free          ? 
_refine.details                                  ? 
_refine.diff_density_max                         ? 
_refine.diff_density_max_esd                     ? 
_refine.diff_density_min                         ? 
_refine.diff_density_min_esd                     ? 
_refine.diff_density_rms                         ? 
_refine.diff_density_rms_esd                     ? 
_refine.entry_id                                 7JKJ 
_refine.pdbx_refine_id                           'X-RAY DIFFRACTION' 
_refine.ls_abs_structure_details                 ? 
_refine.ls_abs_structure_Flack                   ? 
_refine.ls_abs_structure_Flack_esd               ? 
_refine.ls_abs_structure_Rogers                  ? 
_refine.ls_abs_structure_Rogers_esd              ? 
_refine.ls_d_res_high                            3.0770 
_refine.ls_d_res_low                             35.2600 
_refine.ls_extinction_coef                       ? 
_refine.ls_extinction_coef_esd                   ? 
_refine.ls_extinction_expression                 ? 
_refine.ls_extinction_method                     ? 
_refine.ls_goodness_of_fit_all                   ? 
_refine.ls_goodness_of_fit_all_esd               ? 
_refine.ls_goodness_of_fit_obs                   ? 
_refine.ls_goodness_of_fit_obs_esd               ? 
_refine.ls_hydrogen_treatment                    ? 
_refine.ls_matrix_type                           ? 
_refine.ls_number_constraints                    ? 
_refine.ls_number_parameters                     ? 
_refine.ls_number_reflns_all                     ? 
_refine.ls_number_reflns_obs                     4062 
_refine.ls_number_reflns_R_free                  414 
_refine.ls_number_reflns_R_work                  3648 
_refine.ls_number_restraints                     ? 
_refine.ls_percent_reflns_obs                    90.0700 
_refine.ls_percent_reflns_R_free                 10.1900 
_refine.ls_R_factor_all                          ? 
_refine.ls_R_factor_obs                          0.2297 
_refine.ls_R_factor_R_free                       0.2408 
_refine.ls_R_factor_R_free_error                 ? 
_refine.ls_R_factor_R_free_error_details         ? 
_refine.ls_R_factor_R_work                       0.2285 
_refine.ls_R_Fsqd_factor_obs                     ? 
_refine.ls_R_I_factor_obs                        ? 
_refine.ls_redundancy_reflns_all                 ? 
_refine.ls_redundancy_reflns_obs                 ? 
_refine.ls_restrained_S_all                      ? 
_refine.ls_restrained_S_obs                      ? 
_refine.ls_shift_over_esd_max                    ? 
_refine.ls_shift_over_esd_mean                   ? 
_refine.ls_structure_factor_coef                 ? 
_refine.ls_weighting_details                     ? 
_refine.ls_weighting_scheme                      ? 
_refine.ls_wR_factor_all                         ? 
_refine.ls_wR_factor_obs                         ? 
_refine.ls_wR_factor_R_free                      ? 
_refine.ls_wR_factor_R_work                      ? 
_refine.occupancy_max                            ? 
_refine.occupancy_min                            ? 
_refine.solvent_model_details                    'FLAT BULK SOLVENT MODEL' 
_refine.solvent_model_param_bsol                 ? 
_refine.solvent_model_param_ksol                 ? 
_refine.pdbx_R_complete                          ? 
_refine.ls_R_factor_gt                           ? 
_refine.ls_goodness_of_fit_gt                    ? 
_refine.ls_goodness_of_fit_ref                   ? 
_refine.ls_shift_over_su_max                     ? 
_refine.ls_shift_over_su_max_lt                  ? 
_refine.ls_shift_over_su_mean                    ? 
_refine.ls_shift_over_su_mean_lt                 ? 
_refine.pdbx_ls_sigma_I                          ? 
_refine.pdbx_ls_sigma_F                          2.010 
_refine.pdbx_ls_sigma_Fsqd                       ? 
_refine.pdbx_data_cutoff_high_absF               ? 
_refine.pdbx_data_cutoff_high_rms_absF           ? 
_refine.pdbx_data_cutoff_low_absF                ? 
_refine.pdbx_isotropic_thermal_model             ? 
_refine.pdbx_ls_cross_valid_method               THROUGHOUT 
_refine.pdbx_method_to_determine_struct          'MOLECULAR REPLACEMENT' 
_refine.pdbx_starting_model                      5VY6 
_refine.pdbx_stereochemistry_target_values       ML 
_refine.pdbx_R_Free_selection_details            ? 
_refine.pdbx_stereochem_target_val_spec_case     ? 
_refine.pdbx_overall_ESU_R                       ? 
_refine.pdbx_overall_ESU_R_Free                  ? 
_refine.pdbx_solvent_vdw_probe_radii             1.1100 
_refine.pdbx_solvent_ion_probe_radii             ? 
_refine.pdbx_solvent_shrinkage_radii             0.9000 
_refine.pdbx_real_space_R                        ? 
_refine.pdbx_density_correlation                 ? 
_refine.pdbx_pd_number_of_powder_patterns        ? 
_refine.pdbx_pd_number_of_points                 ? 
_refine.pdbx_pd_meas_number_of_points            ? 
_refine.pdbx_pd_proc_ls_prof_R_factor            ? 
_refine.pdbx_pd_proc_ls_prof_wR_factor           ? 
_refine.pdbx_pd_Marquardt_correlation_coeff      ? 
_refine.pdbx_pd_Fsqrd_R_factor                   ? 
_refine.pdbx_pd_ls_matrix_band_width             ? 
_refine.pdbx_overall_phase_error                 36.4000 
_refine.pdbx_overall_SU_R_free_Cruickshank_DPI   ? 
_refine.pdbx_overall_SU_R_free_Blow_DPI          ? 
_refine.pdbx_overall_SU_R_Blow_DPI               ? 
_refine.pdbx_TLS_residual_ADP_flag               ? 
_refine.pdbx_diffrn_id                           1 
_refine.overall_SU_B                             ? 
_refine.overall_SU_ML                            0.1800 
_refine.overall_SU_R_Cruickshank_DPI             ? 
_refine.overall_SU_R_free                        ? 
_refine.overall_FOM_free_R_set                   ? 
_refine.overall_FOM_work_R_set                   ? 
_refine.pdbx_average_fsc_overall                 ? 
_refine.pdbx_average_fsc_work                    ? 
_refine.pdbx_average_fsc_free                    ? 
# 
_refine_hist.pdbx_refine_id                   'X-RAY DIFFRACTION' 
_refine_hist.cycle_id                         final 
_refine_hist.details                          ? 
_refine_hist.d_res_high                       3.0770 
_refine_hist.d_res_low                        35.2600 
_refine_hist.number_atoms_solvent             0 
_refine_hist.number_atoms_total               857 
_refine_hist.number_reflns_all                ? 
_refine_hist.number_reflns_obs                ? 
_refine_hist.number_reflns_R_free             ? 
_refine_hist.number_reflns_R_work             ? 
_refine_hist.R_factor_all                     ? 
_refine_hist.R_factor_obs                     ? 
_refine_hist.R_factor_R_free                  ? 
_refine_hist.R_factor_R_work                  ? 
_refine_hist.pdbx_number_residues_total       42 
_refine_hist.pdbx_B_iso_mean_ligand           184.16 
_refine_hist.pdbx_B_iso_mean_solvent          ? 
_refine_hist.pdbx_number_atoms_protein        0 
_refine_hist.pdbx_number_atoms_nucleic_acid   855 
_refine_hist.pdbx_number_atoms_ligand         2 
_refine_hist.pdbx_number_atoms_lipid          ? 
_refine_hist.pdbx_number_atoms_carb           ? 
_refine_hist.pdbx_pseudo_atom_details         ? 
# 
loop_
_refine_ls_restr.pdbx_refine_id 
_refine_ls_restr.criterion 
_refine_ls_restr.dev_ideal 
_refine_ls_restr.dev_ideal_target 
_refine_ls_restr.number 
_refine_ls_restr.rejects 
_refine_ls_restr.type 
_refine_ls_restr.weight 
_refine_ls_restr.pdbx_restraint_function 
'X-RAY DIFFRACTION' ? 0.004  ? 956  ? f_bond_d           ? ? 
'X-RAY DIFFRACTION' ? 0.723  ? 1467 ? f_angle_d          ? ? 
'X-RAY DIFFRACTION' ? 0.042  ? 166  ? f_chiral_restr     ? ? 
'X-RAY DIFFRACTION' ? 0.004  ? 42   ? f_plane_restr      ? ? 
'X-RAY DIFFRACTION' ? 32.564 ? 406  ? f_dihedral_angle_d ? ? 
# 
loop_
_refine_ls_shell.pdbx_refine_id 
_refine_ls_shell.d_res_high 
_refine_ls_shell.d_res_low 
_refine_ls_shell.number_reflns_all 
_refine_ls_shell.number_reflns_obs 
_refine_ls_shell.number_reflns_R_free 
_refine_ls_shell.number_reflns_R_work 
_refine_ls_shell.percent_reflns_obs 
_refine_ls_shell.percent_reflns_R_free 
_refine_ls_shell.R_factor_all 
_refine_ls_shell.R_factor_obs 
_refine_ls_shell.R_factor_R_free 
_refine_ls_shell.R_factor_R_free_error 
_refine_ls_shell.R_factor_R_work 
_refine_ls_shell.redundancy_reflns_all 
_refine_ls_shell.redundancy_reflns_obs 
_refine_ls_shell.wR_factor_all 
_refine_ls_shell.wR_factor_obs 
_refine_ls_shell.wR_factor_R_free 
_refine_ls_shell.wR_factor_R_work 
_refine_ls_shell.pdbx_R_complete 
_refine_ls_shell.pdbx_total_number_of_bins_used 
_refine_ls_shell.pdbx_phase_error 
_refine_ls_shell.pdbx_fsc_work 
_refine_ls_shell.pdbx_fsc_free 
'X-RAY DIFFRACTION' 3.0770 3.5219 . . 110 984  72.0000  . . . 0.2654 0.0000 0.2722 . . . . . . . . . . . 
'X-RAY DIFFRACTION' 3.5219 4.4358 . . 149 1314 98.0000  . . . 0.3146 0.0000 0.3165 . . . . . . . . . . . 
'X-RAY DIFFRACTION' 4.4358 35.26  . . 155 1350 100.0000 . . . 0.2093 0.0000 0.1896 . . . . . . . . . . . 
# 
_struct.entry_id                     7JKJ 
_struct.title                        
;Self-assembly of a 3D DNA crystal lattice (4x6 scramble duplex version) containing the J8 immobile Holliday junction with R3 symmetry
;
_struct.pdbx_model_details           ? 
_struct.pdbx_formula_weight          ? 
_struct.pdbx_formula_weight_method   ? 
_struct.pdbx_model_type_details      ? 
_struct.pdbx_CASP_flag               N 
# 
_struct_keywords.entry_id        7JKJ 
_struct_keywords.text            
'Structural DNA nanotechnology, immobile Holliday junctions, 3D DNA self-assembly, designer DNA crystals, DNA' 
_struct_keywords.pdbx_keywords   DNA 
# 
loop_
_struct_asym.id 
_struct_asym.pdbx_blank_PDB_chainid_flag 
_struct_asym.pdbx_modified 
_struct_asym.entity_id 
_struct_asym.details 
A N N 1 ? 
B N N 2 ? 
C N N 3 ? 
D N N 4 ? 
E N N 5 ? 
F N N 5 ? 
# 
loop_
_struct_conn.id 
_struct_conn.conn_type_id 
_struct_conn.pdbx_leaving_atom_flag 
_struct_conn.pdbx_PDB_id 
_struct_conn.ptnr1_label_asym_id 
_struct_conn.ptnr1_label_comp_id 
_struct_conn.ptnr1_label_seq_id 
_struct_conn.ptnr1_label_atom_id 
_struct_conn.pdbx_ptnr1_label_alt_id 
_struct_conn.pdbx_ptnr1_PDB_ins_code 
_struct_conn.pdbx_ptnr1_standard_comp_id 
_struct_conn.ptnr1_symmetry 
_struct_conn.ptnr2_label_asym_id 
_struct_conn.ptnr2_label_comp_id 
_struct_conn.ptnr2_label_seq_id 
_struct_conn.ptnr2_label_atom_id 
_struct_conn.pdbx_ptnr2_label_alt_id 
_struct_conn.pdbx_ptnr2_PDB_ins_code 
_struct_conn.ptnr1_auth_asym_id 
_struct_conn.ptnr1_auth_comp_id 
_struct_conn.ptnr1_auth_seq_id 
_struct_conn.ptnr2_auth_asym_id 
_struct_conn.ptnr2_auth_comp_id 
_struct_conn.ptnr2_auth_seq_id 
_struct_conn.ptnr2_symmetry 
_struct_conn.pdbx_ptnr3_label_atom_id 
_struct_conn.pdbx_ptnr3_label_seq_id 
_struct_conn.pdbx_ptnr3_label_comp_id 
_struct_conn.pdbx_ptnr3_label_asym_id 
_struct_conn.pdbx_ptnr3_label_alt_id 
_struct_conn.pdbx_ptnr3_PDB_ins_code 
_struct_conn.details 
_struct_conn.pdbx_dist_value 
_struct_conn.pdbx_value_order 
_struct_conn.pdbx_role 
hydrog1  hydrog ? ? A DA 3  N1 ? ? ? 1_555 C DT 7 N3 ? ? B DA 9  D DT 42 1_555 ? ? ? ? ? ? WATSON-CRICK ? ? ? 
hydrog2  hydrog ? ? A DA 3  N6 ? ? ? 1_555 C DT 7 O4 ? ? B DA 9  D DT 42 1_555 ? ? ? ? ? ? WATSON-CRICK ? ? ? 
hydrog3  hydrog ? ? A DC 4  N3 ? ? ? 1_555 C DG 6 N1 ? ? B DC 10 D DG 41 1_555 ? ? ? ? ? ? WATSON-CRICK ? ? ? 
hydrog4  hydrog ? ? A DC 4  N4 ? ? ? 1_555 C DG 6 O6 ? ? B DC 10 D DG 41 1_555 ? ? ? ? ? ? WATSON-CRICK ? ? ? 
hydrog5  hydrog ? ? A DC 4  O2 ? ? ? 1_555 C DG 6 N2 ? ? B DC 10 D DG 41 1_555 ? ? ? ? ? ? WATSON-CRICK ? ? ? 
hydrog6  hydrog ? ? A DG 5  N1 ? ? ? 1_555 C DC 5 N3 ? ? B DG 11 D DC 40 1_555 ? ? ? ? ? ? WATSON-CRICK ? ? ? 
hydrog7  hydrog ? ? A DG 5  N2 ? ? ? 1_555 C DC 5 O2 ? ? B DG 11 D DC 40 1_555 ? ? ? ? ? ? WATSON-CRICK ? ? ? 
hydrog8  hydrog ? ? A DG 5  O6 ? ? ? 1_555 C DC 5 N4 ? ? B DG 11 D DC 40 1_555 ? ? ? ? ? ? WATSON-CRICK ? ? ? 
hydrog9  hydrog ? ? A DA 6  N1 ? ? ? 1_555 C DT 4 N3 ? ? B DA 12 D DT 39 1_555 ? ? ? ? ? ? WATSON-CRICK ? ? ? 
hydrog10 hydrog ? ? A DA 6  N6 ? ? ? 1_555 C DT 4 O4 ? ? B DA 12 D DT 39 1_555 ? ? ? ? ? ? WATSON-CRICK ? ? ? 
hydrog11 hydrog ? ? A DC 7  N3 ? ? ? 1_555 C DG 3 N1 ? ? B DC 13 D DG 38 1_555 ? ? ? ? ? ? WATSON-CRICK ? ? ? 
hydrog12 hydrog ? ? A DC 7  N4 ? ? ? 1_555 C DG 3 O6 ? ? B DC 13 D DG 38 1_555 ? ? ? ? ? ? WATSON-CRICK ? ? ? 
hydrog13 hydrog ? ? A DC 7  O2 ? ? ? 1_555 C DG 3 N2 ? ? B DC 13 D DG 38 1_555 ? ? ? ? ? ? WATSON-CRICK ? ? ? 
hydrog14 hydrog ? ? A DA 8  N1 ? ? ? 1_555 C DT 2 N3 ? ? B DA 14 D DT 37 1_555 ? ? ? ? ? ? WATSON-CRICK ? ? ? 
hydrog15 hydrog ? ? A DA 8  N6 ? ? ? 1_555 C DT 2 O4 ? ? B DA 14 D DT 37 1_555 ? ? ? ? ? ? WATSON-CRICK ? ? ? 
hydrog16 hydrog ? ? A DC 9  N3 ? ? ? 1_555 C DG 1 N1 ? ? B DC 15 D DG 36 1_555 ? ? ? ? ? ? WATSON-CRICK ? ? ? 
hydrog17 hydrog ? ? A DC 9  N4 ? ? ? 1_555 C DG 1 O6 ? ? B DC 15 D DG 36 1_555 ? ? ? ? ? ? WATSON-CRICK ? ? ? 
hydrog18 hydrog ? ? A DC 9  O2 ? ? ? 1_555 C DG 1 N2 ? ? B DC 15 D DG 36 1_555 ? ? ? ? ? ? WATSON-CRICK ? ? ? 
hydrog19 hydrog ? ? A DA 10 N1 ? ? ? 1_555 D DT 6 N3 ? ? B DA 16 A DT 6  1_555 ? ? ? ? ? ? WATSON-CRICK ? ? ? 
hydrog20 hydrog ? ? A DA 10 N6 ? ? ? 1_555 D DT 6 O4 ? ? B DA 16 A DT 6  1_555 ? ? ? ? ? ? WATSON-CRICK ? ? ? 
hydrog21 hydrog ? ? A DG 11 N1 ? ? ? 1_555 D DC 5 N3 ? ? B DG 17 A DC 5  1_555 ? ? ? ? ? ? WATSON-CRICK ? ? ? 
hydrog22 hydrog ? ? A DG 11 N2 ? ? ? 1_555 D DC 5 O2 ? ? B DG 17 A DC 5  1_555 ? ? ? ? ? ? WATSON-CRICK ? ? ? 
hydrog23 hydrog ? ? A DG 11 O6 ? ? ? 1_555 D DC 5 N4 ? ? B DG 17 A DC 5  1_555 ? ? ? ? ? ? WATSON-CRICK ? ? ? 
hydrog24 hydrog ? ? A DA 12 N1 ? ? ? 1_555 D DT 4 N3 ? ? B DA 18 A DT 4  1_555 ? ? ? ? ? ? WATSON-CRICK ? ? ? 
hydrog25 hydrog ? ? A DA 12 N6 ? ? ? 1_555 D DT 4 O4 ? ? B DA 18 A DT 4  1_555 ? ? ? ? ? ? WATSON-CRICK ? ? ? 
hydrog26 hydrog ? ? A DC 13 N3 ? ? ? 1_555 D DG 3 N1 ? ? B DC 19 A DG 3  1_555 ? ? ? ? ? ? WATSON-CRICK ? ? ? 
hydrog27 hydrog ? ? A DC 13 N4 ? ? ? 1_555 D DG 3 O6 ? ? B DC 19 A DG 3  1_555 ? ? ? ? ? ? WATSON-CRICK ? ? ? 
hydrog28 hydrog ? ? A DC 13 O2 ? ? ? 1_555 D DG 3 N2 ? ? B DC 19 A DG 3  1_555 ? ? ? ? ? ? WATSON-CRICK ? ? ? 
hydrog29 hydrog ? ? A DG 14 N1 ? ? ? 1_555 D DC 2 N3 ? ? B DG 20 A DC 2  1_555 ? ? ? ? ? ? WATSON-CRICK ? ? ? 
hydrog30 hydrog ? ? A DG 14 N2 ? ? ? 1_555 D DC 2 O2 ? ? B DG 20 A DC 2  1_555 ? ? ? ? ? ? WATSON-CRICK ? ? ? 
hydrog31 hydrog ? ? A DG 14 O6 ? ? ? 1_555 D DC 2 N4 ? ? B DG 20 A DC 2  1_555 ? ? ? ? ? ? WATSON-CRICK ? ? ? 
hydrog32 hydrog ? ? A DA 15 N1 ? ? ? 1_555 D DT 1 N3 ? ? B DA 21 A DT 1  1_555 ? ? ? ? ? ? WATSON-CRICK ? ? ? 
hydrog33 hydrog ? ? A DA 15 N6 ? ? ? 1_555 D DT 1 O4 ? ? B DA 21 A DT 1  1_555 ? ? ? ? ? ? WATSON-CRICK ? ? ? 
hydrog34 hydrog ? ? A DC 16 N3 ? ? ? 1_555 B DG 8 N1 ? ? B DC 22 C DG 35 1_555 ? ? ? ? ? ? WATSON-CRICK ? ? ? 
hydrog35 hydrog ? ? A DC 16 N4 ? ? ? 1_555 B DG 8 O6 ? ? B DC 22 C DG 35 1_555 ? ? ? ? ? ? WATSON-CRICK ? ? ? 
hydrog36 hydrog ? ? A DC 16 O2 ? ? ? 1_555 B DG 8 N2 ? ? B DC 22 C DG 35 1_555 ? ? ? ? ? ? WATSON-CRICK ? ? ? 
hydrog37 hydrog ? ? A DG 17 N1 ? ? ? 1_555 B DC 7 N3 ? ? B DG 23 C DC 34 1_555 ? ? ? ? ? ? WATSON-CRICK ? ? ? 
hydrog38 hydrog ? ? A DG 17 N2 ? ? ? 1_555 B DC 7 O2 ? ? B DG 23 C DC 34 1_555 ? ? ? ? ? ? WATSON-CRICK ? ? ? 
hydrog39 hydrog ? ? A DG 17 O6 ? ? ? 1_555 B DC 7 N4 ? ? B DG 23 C DC 34 1_555 ? ? ? ? ? ? WATSON-CRICK ? ? ? 
hydrog40 hydrog ? ? A DA 18 N1 ? ? ? 1_555 B DT 6 N3 ? ? B DA 24 C DT 33 1_555 ? ? ? ? ? ? WATSON-CRICK ? ? ? 
hydrog41 hydrog ? ? A DA 18 N6 ? ? ? 1_555 B DT 6 O4 ? ? B DA 24 C DT 33 1_555 ? ? ? ? ? ? WATSON-CRICK ? ? ? 
hydrog42 hydrog ? ? A DC 19 N3 ? ? ? 1_555 B DG 5 N1 ? ? B DC 25 C DG 32 1_555 ? ? ? ? ? ? WATSON-CRICK ? ? ? 
hydrog43 hydrog ? ? A DC 19 N4 ? ? ? 1_555 B DG 5 O6 ? ? B DC 25 C DG 32 1_555 ? ? ? ? ? ? WATSON-CRICK ? ? ? 
hydrog44 hydrog ? ? A DC 19 O2 ? ? ? 1_555 B DG 5 N2 ? ? B DC 25 C DG 32 1_555 ? ? ? ? ? ? WATSON-CRICK ? ? ? 
hydrog45 hydrog ? ? A DT 20 N3 ? ? ? 1_555 B DA 4 N1 ? ? B DT 26 C DA 31 1_555 ? ? ? ? ? ? WATSON-CRICK ? ? ? 
hydrog46 hydrog ? ? A DT 20 O4 ? ? ? 1_555 B DA 4 N6 ? ? B DT 26 C DA 31 1_555 ? ? ? ? ? ? WATSON-CRICK ? ? ? 
hydrog47 hydrog ? ? A DC 21 N3 ? ? ? 1_555 B DG 3 N1 ? ? B DC 27 C DG 30 1_555 ? ? ? ? ? ? WATSON-CRICK ? ? ? 
hydrog48 hydrog ? ? A DC 21 N4 ? ? ? 1_555 B DG 3 O6 ? ? B DC 27 C DG 30 1_555 ? ? ? ? ? ? WATSON-CRICK ? ? ? 
hydrog49 hydrog ? ? A DC 21 O2 ? ? ? 1_555 B DG 3 N2 ? ? B DC 27 C DG 30 1_555 ? ? ? ? ? ? WATSON-CRICK ? ? ? 
# 
_struct_conn_type.id          hydrog 
_struct_conn_type.criteria    ? 
_struct_conn_type.reference   ? 
# 
_atom_sites.entry_id                    7JKJ 
_atom_sites.Cartn_transf_matrix[1][1]   ? 
_atom_sites.Cartn_transf_matrix[1][2]   ? 
_atom_sites.Cartn_transf_matrix[1][3]   ? 
_atom_sites.Cartn_transf_matrix[2][1]   ? 
_atom_sites.Cartn_transf_matrix[2][2]   ? 
_atom_sites.Cartn_transf_matrix[2][3]   ? 
_atom_sites.Cartn_transf_matrix[3][1]   ? 
_atom_sites.Cartn_transf_matrix[3][2]   ? 
_atom_sites.Cartn_transf_matrix[3][3]   ? 
_atom_sites.Cartn_transf_vector[1]      ? 
_atom_sites.Cartn_transf_vector[2]      ? 
_atom_sites.Cartn_transf_vector[3]      ? 
_atom_sites.fract_transf_matrix[1][1]   -0.00895630 
_atom_sites.fract_transf_matrix[1][2]   -0.00131122 
_atom_sites.fract_transf_matrix[1][3]   -0.00470858 
_atom_sites.fract_transf_matrix[2][1]   -0.00836351 
_atom_sites.fract_transf_matrix[2][2]   -0.00212397 
_atom_sites.fract_transf_matrix[2][3]   0.00544441 
_atom_sites.fract_transf_matrix[3][1]   -0.00374434 
_atom_sites.fract_transf_matrix[3][2]   0.01925553 
_atom_sites.fract_transf_matrix[3][3]   0.00176002 
_atom_sites.fract_transf_vector[1]      0.342399 
_atom_sites.fract_transf_vector[2]      -0.071747 
_atom_sites.fract_transf_vector[3]      0.225272 
_atom_sites.solution_primary            ? 
_atom_sites.solution_secondary          ? 
_atom_sites.solution_hydrogens          ? 
_atom_sites.special_details             ? 
# 
loop_
_atom_type.symbol 
AS 
C  
H  
N  
O  
P  
# 
loop_
_atom_site.group_PDB 
_atom_site.id 
_atom_site.type_symbol 
_atom_site.label_atom_id 
_atom_site.label_alt_id 
_atom_site.label_comp_id 
_atom_site.label_asym_id 
_atom_site.label_entity_id 
_atom_site.label_seq_id 
_atom_site.pdbx_PDB_ins_code 
_atom_site.Cartn_x 
_atom_site.Cartn_y 
_atom_site.Cartn_z 
_atom_site.occupancy 
_atom_site.B_iso_or_equiv 
_atom_site.pdbx_formal_charge 
_atom_site.auth_seq_id 
_atom_site.auth_comp_id 
_atom_site.auth_asym_id 
_atom_site.auth_atom_id 
_atom_site.pdbx_PDB_model_num 
ATOM   1    O  "O5'"  . DG  A 1 1  ? -32.723 8.387   -7.494  1.00 111.87 ? 7   DG  B "O5'"  1 
ATOM   2    C  "C5'"  . DG  A 1 1  ? -33.723 7.850   -6.635  1.00 110.80 ? 7   DG  B "C5'"  1 
ATOM   3    C  "C4'"  . DG  A 1 1  ? -34.376 6.630   -7.257  1.00 110.33 ? 7   DG  B "C4'"  1 
ATOM   4    O  "O4'"  . DG  A 1 1  ? -34.559 6.862   -8.681  1.00 99.46  ? 7   DG  B "O4'"  1 
ATOM   5    C  "C3'"  . DG  A 1 1  ? -33.570 5.335   -7.124  1.00 110.72 ? 7   DG  B "C3'"  1 
ATOM   6    O  "O3'"  . DG  A 1 1  ? -34.377 4.291   -6.588  1.00 113.17 ? 7   DG  B "O3'"  1 
ATOM   7    C  "C2'"  . DG  A 1 1  ? -33.097 5.028   -8.542  1.00 101.65 ? 7   DG  B "C2'"  1 
ATOM   8    C  "C1'"  . DG  A 1 1  ? -34.098 5.755   -9.422  1.00 90.69  ? 7   DG  B "C1'"  1 
ATOM   9    N  N9     . DG  A 1 1  ? -33.531 6.244   -10.676 1.00 83.21  ? 7   DG  B N9     1 
ATOM   10   C  C8     . DG  A 1 1  ? -33.110 7.523   -10.948 1.00 84.57  ? 7   DG  B C8     1 
ATOM   11   N  N7     . DG  A 1 1  ? -32.647 7.673   -12.157 1.00 78.91  ? 7   DG  B N7     1 
ATOM   12   C  C5     . DG  A 1 1  ? -32.767 6.412   -12.726 1.00 80.21  ? 7   DG  B C5     1 
ATOM   13   C  C6     . DG  A 1 1  ? -32.426 5.961   -14.023 1.00 76.24  ? 7   DG  B C6     1 
ATOM   14   O  O6     . DG  A 1 1  ? -31.933 6.612   -14.956 1.00 74.59  ? 7   DG  B O6     1 
ATOM   15   N  N1     . DG  A 1 1  ? -32.710 4.609   -14.191 1.00 72.54  ? 7   DG  B N1     1 
ATOM   16   C  C2     . DG  A 1 1  ? -33.255 3.794   -13.226 1.00 79.45  ? 7   DG  B C2     1 
ATOM   17   N  N2     . DG  A 1 1  ? -33.457 2.515   -13.575 1.00 75.17  ? 7   DG  B N2     1 
ATOM   18   N  N3     . DG  A 1 1  ? -33.580 4.203   -12.005 1.00 82.03  ? 7   DG  B N3     1 
ATOM   19   C  C4     . DG  A 1 1  ? -33.309 5.519   -11.826 1.00 80.87  ? 7   DG  B C4     1 
ATOM   20   H  "H5'"  . DG  A 1 1  ? -34.399 8.526   -6.473  1.00 133.59 ? 7   DG  B "H5'"  1 
ATOM   21   H  "H5''" . DG  A 1 1  ? -33.316 7.598   -5.791  1.00 133.59 ? 7   DG  B "H5''" 1 
ATOM   22   H  "H4'"  . DG  A 1 1  ? -35.247 6.499   -6.848  1.00 133.02 ? 7   DG  B "H4'"  1 
ATOM   23   H  "H3'"  . DG  A 1 1  ? -32.805 5.486   -6.549  1.00 133.49 ? 7   DG  B "H3'"  1 
ATOM   24   H  "H2'"  . DG  A 1 1  ? -32.202 5.376   -8.685  1.00 122.60 ? 7   DG  B "H2'"  1 
ATOM   25   H  "H2''" . DG  A 1 1  ? -33.124 4.074   -8.711  1.00 122.60 ? 7   DG  B "H2''" 1 
ATOM   26   H  "H1'"  . DG  A 1 1  ? -34.843 5.165   -9.615  1.00 109.45 ? 7   DG  B "H1'"  1 
ATOM   27   H  H8     . DG  A 1 1  ? -33.152 8.215   -10.328 1.00 102.11 ? 7   DG  B H8     1 
ATOM   28   H  H1     . DG  A 1 1  ? -32.531 4.257   -14.955 1.00 87.67  ? 7   DG  B H1     1 
ATOM   29   H  H21    . DG  A 1 1  ? -33.798 1.964   -13.009 1.00 90.82  ? 7   DG  B H21    1 
ATOM   30   H  H22    . DG  A 1 1  ? -33.248 2.246   -14.365 1.00 90.82  ? 7   DG  B H22    1 
ATOM   31   H  "HO5'" . DG  A 1 1  ? -32.937 8.696   -8.245  1.00 134.87 ? 7   DG  B "HO5'" 1 
ATOM   32   P  P      . DA  A 1 2  ? -33.688 3.032   -5.864  1.00 127.96 ? 8   DA  B P      1 
ATOM   33   O  OP1    . DA  A 1 2  ? -34.767 2.198   -5.289  1.00 119.35 ? 8   DA  B OP1    1 
ATOM   34   O  OP2    . DA  A 1 2  ? -32.614 3.551   -4.988  1.00 113.83 ? 8   DA  B OP2    1 
ATOM   35   O  "O5'"  . DA  A 1 2  ? -33.003 2.228   -7.065  1.00 114.63 ? 8   DA  B "O5'"  1 
ATOM   36   C  "C5'"  . DA  A 1 2  ? -32.175 1.107   -6.787  1.00 110.67 ? 8   DA  B "C5'"  1 
ATOM   37   C  "C4'"  . DA  A 1 2  ? -32.462 -0.028  -7.753  1.00 109.69 ? 8   DA  B "C4'"  1 
ATOM   38   O  "O4'"  . DA  A 1 2  ? -32.651 0.505   -9.086  1.00 100.84 ? 8   DA  B "O4'"  1 
ATOM   39   C  "C3'"  . DA  A 1 2  ? -31.347 -1.047  -7.895  1.00 109.50 ? 8   DA  B "C3'"  1 
ATOM   40   O  "O3'"  . DA  A 1 2  ? -31.870 -2.325  -8.254  1.00 116.12 ? 8   DA  B "O3'"  1 
ATOM   41   C  "C2'"  . DA  A 1 2  ? -30.473 -0.444  -8.988  1.00 104.26 ? 8   DA  B "C2'"  1 
ATOM   42   C  "C1'"  . DA  A 1 2  ? -31.458 0.359   -9.841  1.00 93.16  ? 8   DA  B "C1'"  1 
ATOM   43   N  N9     . DA  A 1 2  ? -30.980 1.692   -10.199 1.00 92.27  ? 8   DA  B N9     1 
ATOM   44   C  C8     . DA  A 1 2  ? -30.934 2.792   -9.393  1.00 96.83  ? 8   DA  B C8     1 
ATOM   45   N  N7     . DA  A 1 2  ? -30.468 3.867   -9.984  1.00 89.22  ? 8   DA  B N7     1 
ATOM   46   C  C5     . DA  A 1 2  ? -30.186 3.441   -11.270 1.00 83.57  ? 8   DA  B C5     1 
ATOM   47   C  C6     . DA  A 1 2  ? -29.661 4.107   -12.395 1.00 87.05  ? 8   DA  B C6     1 
ATOM   48   N  N6     . DA  A 1 2  ? -29.316 5.399   -12.392 1.00 87.25  ? 8   DA  B N6     1 
ATOM   49   N  N1     . DA  A 1 2  ? -29.504 3.390   -13.527 1.00 80.32  ? 8   DA  B N1     1 
ATOM   50   C  C2     . DA  A 1 2  ? -29.850 2.096   -13.526 1.00 81.16  ? 8   DA  B C2     1 
ATOM   51   N  N3     . DA  A 1 2  ? -30.353 1.364   -12.531 1.00 85.79  ? 8   DA  B N3     1 
ATOM   52   C  C4     . DA  A 1 2  ? -30.498 2.102   -11.422 1.00 87.74  ? 8   DA  B C4     1 
ATOM   53   H  "H5'"  . DA  A 1 2  ? -32.340 0.804   -5.882  1.00 133.43 ? 8   DA  B "H5'"  1 
ATOM   54   H  "H5''" . DA  A 1 2  ? -31.245 1.369   -6.872  1.00 133.43 ? 8   DA  B "H5''" 1 
ATOM   55   H  "H4'"  . DA  A 1 2  ? -33.273 -0.484  -7.476  1.00 132.25 ? 8   DA  B "H4'"  1 
ATOM   56   H  "H3'"  . DA  A 1 2  ? -30.847 -1.110  -7.067  1.00 132.03 ? 8   DA  B "H3'"  1 
ATOM   57   H  "H2'"  . DA  A 1 2  ? -29.801 0.140   -8.604  1.00 125.74 ? 8   DA  B "H2'"  1 
ATOM   58   H  "H2''" . DA  A 1 2  ? -30.058 -1.144  -9.516  1.00 125.74 ? 8   DA  B "H2''" 1 
ATOM   59   H  "H1'"  . DA  A 1 2  ? -31.654 -0.137  -10.651 1.00 112.42 ? 8   DA  B "H1'"  1 
ATOM   60   H  H8     . DA  A 1 2  ? -31.213 2.783   -8.505  1.00 116.82 ? 8   DA  B H8     1 
ATOM   61   H  H61    . DA  A 1 2  ? -28.999 5.761   -13.105 1.00 105.32 ? 8   DA  B H61    1 
ATOM   62   H  H62    . DA  A 1 2  ? -29.411 5.868   -11.677 1.00 105.32 ? 8   DA  B H62    1 
ATOM   63   H  H2     . DA  A 1 2  ? -29.724 1.647   -14.329 1.00 98.01  ? 8   DA  B H2     1 
ATOM   64   P  P      . DA  A 1 3  ? -30.885 -3.582  -8.445  1.00 122.47 ? 9   DA  B P      1 
ATOM   65   O  OP1    . DA  A 1 3  ? -31.691 -4.815  -8.308  1.00 122.96 ? 9   DA  B OP1    1 
ATOM   66   O  OP2    . DA  A 1 3  ? -29.713 -3.368  -7.568  1.00 118.86 ? 9   DA  B OP2    1 
ATOM   67   O  "O5'"  . DA  A 1 3  ? -30.386 -3.454  -9.960  1.00 112.48 ? 9   DA  B "O5'"  1 
ATOM   68   C  "C5'"  . DA  A 1 3  ? -29.990 -4.616  -10.676 1.00 112.27 ? 9   DA  B "C5'"  1 
ATOM   69   C  "C4'"  . DA  A 1 3  ? -28.877 -4.294  -11.658 1.00 103.37 ? 9   DA  B "C4'"  1 
ATOM   70   O  "O4'"  . DA  A 1 3  ? -28.964 -2.910  -12.054 1.00 102.01 ? 9   DA  B "O4'"  1 
ATOM   71   C  "C3'"  . DA  A 1 3  ? -27.470 -4.449  -11.102 1.00 100.90 ? 9   DA  B "C3'"  1 
ATOM   72   O  "O3'"  . DA  A 1 3  ? -26.983 -5.819  -11.238 1.00 107.75 ? 9   DA  B "O3'"  1 
ATOM   73   C  "C2'"  . DA  A 1 3  ? -26.650 -3.428  -11.900 1.00 95.12  ? 9   DA  B "C2'"  1 
ATOM   74   C  "C1'"  . DA  A 1 3  ? -27.686 -2.447  -12.453 1.00 90.50  ? 9   DA  B "C1'"  1 
ATOM   75   N  N9     . DA  A 1 3  ? -27.519 -1.076  -11.973 1.00 87.66  ? 9   DA  B N9     1 
ATOM   76   C  C8     . DA  A 1 3  ? -27.798 -0.602  -10.723 1.00 83.65  ? 9   DA  B C8     1 
ATOM   77   N  N7     . DA  A 1 3  ? -27.563 0.679   -10.574 1.00 76.07  ? 9   DA  B N7     1 
ATOM   78   C  C5     . DA  A 1 3  ? -27.095 1.075   -11.813 1.00 82.12  ? 9   DA  B C5     1 
ATOM   79   C  C6     . DA  A 1 3  ? -26.669 2.322   -12.311 1.00 84.05  ? 9   DA  B C6     1 
ATOM   80   N  N6     . DA  A 1 3  ? -26.646 3.438   -11.572 1.00 80.99  ? 9   DA  B N6     1 
ATOM   81   N  N1     . DA  A 1 3  ? -26.262 2.376   -13.596 1.00 80.20  ? 9   DA  B N1     1 
ATOM   82   C  C2     . DA  A 1 3  ? -26.285 1.254   -14.328 1.00 81.12  ? 9   DA  B C2     1 
ATOM   83   N  N3     . DA  A 1 3  ? -26.665 0.028   -13.971 1.00 82.97  ? 9   DA  B N3     1 
ATOM   84   C  C4     . DA  A 1 3  ? -27.063 0.006   -12.690 1.00 84.18  ? 9   DA  B C4     1 
ATOM   85   H  "H5'"  . DA  A 1 3  ? -30.753 -4.965  -11.162 1.00 135.35 ? 9   DA  B "H5'"  1 
ATOM   86   H  "H5''" . DA  A 1 3  ? -29.678 -5.286  -10.048 1.00 135.35 ? 9   DA  B "H5''" 1 
ATOM   87   H  "H4'"  . DA  A 1 3  ? -28.971 -4.856  -12.442 1.00 124.66 ? 9   DA  B "H4'"  1 
ATOM   88   H  "H3'"  . DA  A 1 3  ? -27.467 -4.199  -10.165 1.00 121.70 ? 9   DA  B "H3'"  1 
ATOM   89   H  "H2'"  . DA  A 1 3  ? -26.025 -2.967  -11.319 1.00 114.77 ? 9   DA  B "H2'"  1 
ATOM   90   H  "H2''" . DA  A 1 3  ? -26.178 -3.866  -12.626 1.00 114.77 ? 9   DA  B "H2''" 1 
ATOM   91   H  "H1'"  . DA  A 1 3  ? -27.638 -2.451  -13.422 1.00 109.23 ? 9   DA  B "H1'"  1 
ATOM   92   H  H8     . DA  A 1 3  ? -28.129 -1.139  -10.039 1.00 101.01 ? 9   DA  B H8     1 
ATOM   93   H  H61    . DA  A 1 3  ? -26.375 4.177   -11.919 1.00 97.81  ? 9   DA  B H61    1 
ATOM   94   H  H62    . DA  A 1 3  ? -26.903 3.415   -10.753 1.00 97.81  ? 9   DA  B H62    1 
ATOM   95   H  H2     . DA  A 1 3  ? -25.996 1.344   -15.207 1.00 97.96  ? 9   DA  B H2     1 
ATOM   96   P  P      . DC  A 1 4  ? -26.750 -6.528  -12.669 1.00 111.13 ? 10  DC  B P      1 
ATOM   97   O  OP1    . DC  A 1 4  ? -27.894 -6.296  -13.576 1.00 116.12 ? 10  DC  B OP1    1 
ATOM   98   O  OP2    . DC  A 1 4  ? -26.358 -7.921  -12.362 1.00 105.00 ? 10  DC  B OP2    1 
ATOM   99   O  "O5'"  . DC  A 1 4  ? -25.481 -5.784  -13.292 1.00 101.32 ? 10  DC  B "O5'"  1 
ATOM   100  C  "C5'"  . DC  A 1 4  ? -25.353 -5.677  -14.702 1.00 101.01 ? 10  DC  B "C5'"  1 
ATOM   101  C  "C4'"  . DC  A 1 4  ? -24.125 -4.873  -15.091 1.00 105.45 ? 10  DC  B "C4'"  1 
ATOM   102  O  "O4'"  . DC  A 1 4  ? -24.404 -3.459  -14.985 1.00 101.68 ? 10  DC  B "O4'"  1 
ATOM   103  C  "C3'"  . DC  A 1 4  ? -22.909 -5.068  -14.204 1.00 105.41 ? 10  DC  B "C3'"  1 
ATOM   104  O  "O3'"  . DC  A 1 4  ? -22.190 -6.290  -14.529 1.00 110.32 ? 10  DC  B "O3'"  1 
ATOM   105  C  "C2'"  . DC  A 1 4  ? -22.109 -3.792  -14.473 1.00 93.35  ? 10  DC  B "C2'"  1 
ATOM   106  C  "C1'"  . DC  A 1 4  ? -23.182 -2.755  -14.804 1.00 93.20  ? 10  DC  B "C1'"  1 
ATOM   107  N  N1     . DC  A 1 4  ? -23.369 -1.725  -13.737 1.00 84.74  ? 10  DC  B N1     1 
ATOM   108  C  C2     . DC  A 1 4  ? -23.076 -0.382  -14.004 1.00 81.52  ? 10  DC  B C2     1 
ATOM   109  O  O2     . DC  A 1 4  ? -22.661 -0.065  -15.126 1.00 83.88  ? 10  DC  B O2     1 
ATOM   110  N  N3     . DC  A 1 4  ? -23.258 0.538   -13.023 1.00 76.44  ? 10  DC  B N3     1 
ATOM   111  C  C4     . DC  A 1 4  ? -23.708 0.157   -11.825 1.00 79.56  ? 10  DC  B C4     1 
ATOM   112  N  N4     . DC  A 1 4  ? -23.870 1.098   -10.888 1.00 73.26  ? 10  DC  B N4     1 
ATOM   113  C  C5     . DC  A 1 4  ? -24.007 -1.205  -11.535 1.00 81.34  ? 10  DC  B C5     1 
ATOM   114  C  C6     . DC  A 1 4  ? -23.822 -2.103  -12.510 1.00 85.01  ? 10  DC  B C6     1 
ATOM   115  H  "H5'"  . DC  A 1 4  ? -26.143 -5.242  -15.061 1.00 121.84 ? 10  DC  B "H5'"  1 
ATOM   116  H  "H5''" . DC  A 1 4  ? -25.282 -6.567  -15.082 1.00 121.84 ? 10  DC  B "H5''" 1 
ATOM   117  H  "H4'"  . DC  A 1 4  ? -23.885 -5.081  -16.008 1.00 127.16 ? 10  DC  B "H4'"  1 
ATOM   118  H  "H3'"  . DC  A 1 4  ? -23.185 -5.090  -13.275 1.00 127.12 ? 10  DC  B "H3'"  1 
ATOM   119  H  "H2'"  . DC  A 1 4  ? -21.613 -3.528  -13.683 1.00 112.64 ? 10  DC  B "H2'"  1 
ATOM   120  H  "H2''" . DC  A 1 4  ? -21.512 -3.917  -15.227 1.00 112.64 ? 10  DC  B "H2''" 1 
ATOM   121  H  "H1'"  . DC  A 1 4  ? -22.947 -2.311  -15.635 1.00 112.46 ? 10  DC  B "H1'"  1 
ATOM   122  H  H41    . DC  A 1 4  ? -24.159 0.882   -10.107 1.00 88.54  ? 10  DC  B H41    1 
ATOM   123  H  H42    . DC  A 1 4  ? -23.684 1.919   -11.065 1.00 88.54  ? 10  DC  B H42    1 
ATOM   124  H  H5     . DC  A 1 4  ? -24.321 -1.461  -10.698 1.00 98.23  ? 10  DC  B H5     1 
ATOM   125  H  H6     . DC  A 1 4  ? -24.014 -2.998  -12.349 1.00 102.64 ? 10  DC  B H6     1 
ATOM   126  P  P      . DG  A 1 5  ? -21.327 -6.449  -15.882 1.00 118.58 ? 11  DG  B P      1 
ATOM   127  O  OP1    . DG  A 1 5  ? -22.127 -5.986  -17.036 1.00 122.62 ? 11  DG  B OP1    1 
ATOM   128  O  OP2    . DG  A 1 5  ? -20.792 -7.829  -15.876 1.00 113.22 ? 11  DG  B OP2    1 
ATOM   129  O  "O5'"  . DG  A 1 5  ? -20.084 -5.459  -15.690 1.00 101.09 ? 11  DG  B "O5'"  1 
ATOM   130  C  "C5'"  . DG  A 1 5  ? -19.275 -5.129  -16.810 1.00 100.72 ? 11  DG  B "C5'"  1 
ATOM   131  C  "C4'"  . DG  A 1 5  ? -18.757 -3.702  -16.727 1.00 104.91 ? 11  DG  B "C4'"  1 
ATOM   132  O  "O4'"  . DG  A 1 5  ? -19.419 -2.991  -15.660 1.00 97.76  ? 11  DG  B "O4'"  1 
ATOM   133  C  "C3'"  . DG  A 1 5  ? -17.258 -3.575  -16.439 1.00 105.31 ? 11  DG  B "C3'"  1 
ATOM   134  O  "O3'"  . DG  A 1 5  ? -16.589 -3.099  -17.596 1.00 104.14 ? 11  DG  B "O3'"  1 
ATOM   135  C  "C2'"  . DG  A 1 5  ? -17.165 -2.595  -15.251 1.00 99.46  ? 11  DG  B "C2'"  1 
ATOM   136  C  "C1'"  . DG  A 1 5  ? -18.555 -1.982  -15.201 1.00 93.39  ? 11  DG  B "C1'"  1 
ATOM   137  N  N9     . DG  A 1 5  ? -19.014 -1.557  -13.878 1.00 81.62  ? 11  DG  B N9     1 
ATOM   138  C  C8     . DG  A 1 5  ? -19.513 -2.357  -12.881 1.00 85.25  ? 11  DG  B C8     1 
ATOM   139  N  N7     . DG  A 1 5  ? -19.891 -1.697  -11.821 1.00 82.89  ? 11  DG  B N7     1 
ATOM   140  C  C5     . DG  A 1 5  ? -19.633 -0.370  -12.137 1.00 79.82  ? 11  DG  B C5     1 
ATOM   141  C  C6     . DG  A 1 5  ? -19.833 0.805   -11.372 1.00 76.86  ? 11  DG  B C6     1 
ATOM   142  O  O6     . DG  A 1 5  ? -20.296 0.907   -10.227 1.00 75.79  ? 11  DG  B O6     1 
ATOM   143  N  N1     . DG  A 1 5  ? -19.436 1.945   -12.067 1.00 75.07  ? 11  DG  B N1     1 
ATOM   144  C  C2     . DG  A 1 5  ? -18.911 1.947   -13.340 1.00 85.94  ? 11  DG  B C2     1 
ATOM   145  N  N2     . DG  A 1 5  ? -18.586 3.145   -13.848 1.00 90.04  ? 11  DG  B N2     1 
ATOM   146  N  N3     . DG  A 1 5  ? -18.719 0.852   -14.066 1.00 83.70  ? 11  DG  B N3     1 
ATOM   147  C  C4     . DG  A 1 5  ? -19.101 -0.266  -13.404 1.00 80.56  ? 11  DG  B C4     1 
ATOM   148  H  "H5'"  . DG  A 1 5  ? -19.800 -5.229  -17.619 1.00 121.49 ? 11  DG  B "H5'"  1 
ATOM   149  H  "H5''" . DG  A 1 5  ? -18.521 -5.738  -16.846 1.00 121.49 ? 11  DG  B "H5''" 1 
ATOM   150  H  "H4'"  . DG  A 1 5  ? -18.950 -3.253  -17.565 1.00 126.52 ? 11  DG  B "H4'"  1 
ATOM   151  H  "H3'"  . DG  A 1 5  ? -16.898 -4.438  -16.183 1.00 127.00 ? 11  DG  B "H3'"  1 
ATOM   152  H  "H2'"  . DG  A 1 5  ? -16.973 -3.072  -14.428 1.00 119.97 ? 11  DG  B "H2'"  1 
ATOM   153  H  "H2''" . DG  A 1 5  ? -16.497 -1.914  -15.420 1.00 119.97 ? 11  DG  B "H2''" 1 
ATOM   154  H  "H1'"  . DG  A 1 5  ? -18.593 -1.229  -15.809 1.00 112.69 ? 11  DG  B "H1'"  1 
ATOM   155  H  H8     . DG  A 1 5  ? -19.579 -3.282  -12.954 1.00 102.93 ? 11  DG  B H8     1 
ATOM   156  H  H1     . DG  A 1 5  ? -19.527 2.704   -11.672 1.00 90.71  ? 11  DG  B H1     1 
ATOM   157  H  H21    . DG  A 1 5  ? -18.255 3.201   -14.640 1.00 108.67 ? 11  DG  B H21    1 
ATOM   158  H  H22    . DG  A 1 5  ? -18.707 3.857   -13.381 1.00 108.67 ? 11  DG  B H22    1 
ATOM   159  P  P      . DA  A 1 6  ? -14.993 -3.178  -17.706 1.00 113.52 ? 12  DA  B P      1 
ATOM   160  O  OP1    . DA  A 1 6  ? -14.645 -3.292  -19.141 1.00 114.13 ? 12  DA  B OP1    1 
ATOM   161  O  OP2    . DA  A 1 6  ? -14.518 -4.205  -16.752 1.00 115.04 ? 12  DA  B OP2    1 
ATOM   162  O  "O5'"  . DA  A 1 6  ? -14.518 -1.752  -17.174 1.00 109.68 ? 12  DA  B "O5'"  1 
ATOM   163  C  "C5'"  . DA  A 1 6  ? -15.106 -0.563  -17.695 1.00 105.07 ? 12  DA  B "C5'"  1 
ATOM   164  C  "C4'"  . DA  A 1 6  ? -14.286 0.648   -17.304 1.00 106.04 ? 12  DA  B "C4'"  1 
ATOM   165  O  "O4'"  . DA  A 1 6  ? -14.782 1.192   -16.048 1.00 97.62  ? 12  DA  B "O4'"  1 
ATOM   166  C  "C3'"  . DA  A 1 6  ? -12.819 0.355   -17.055 1.00 103.47 ? 12  DA  B "C3'"  1 
ATOM   167  O  "O3'"  . DA  A 1 6  ? -12.026 1.509   -17.320 1.00 104.56 ? 12  DA  B "O3'"  1 
ATOM   168  C  "C2'"  . DA  A 1 6  ? -12.827 -0.038  -15.583 1.00 99.32  ? 12  DA  B "C2'"  1 
ATOM   169  C  "C1'"  . DA  A 1 6  ? -13.846 0.942   -15.007 1.00 99.26  ? 12  DA  B "C1'"  1 
ATOM   170  N  N9     . DA  A 1 6  ? -14.576 0.453   -13.834 1.00 93.97  ? 12  DA  B N9     1 
ATOM   171  C  C8     . DA  A 1 6  ? -14.793 -0.848  -13.468 1.00 90.61  ? 12  DA  B C8     1 
ATOM   172  N  N7     . DA  A 1 6  ? -15.497 -0.979  -12.367 1.00 81.37  ? 12  DA  B N7     1 
ATOM   173  C  C5     . DA  A 1 6  ? -15.765 0.325   -11.987 1.00 85.03  ? 12  DA  B C5     1 
ATOM   174  C  C6     . DA  A 1 6  ? -16.476 0.870   -10.898 1.00 84.21  ? 12  DA  B C6     1 
ATOM   175  N  N6     . DA  A 1 6  ? -17.064 0.124   -9.957  1.00 79.37  ? 12  DA  B N6     1 
ATOM   176  N  N1     . DA  A 1 6  ? -16.555 2.214   -10.812 1.00 86.10  ? 12  DA  B N1     1 
ATOM   177  C  C2     . DA  A 1 6  ? -15.961 2.956   -11.756 1.00 93.57  ? 12  DA  B C2     1 
ATOM   178  N  N3     . DA  A 1 6  ? -15.269 2.559   -12.823 1.00 92.61  ? 12  DA  B N3     1 
ATOM   179  C  C4     . DA  A 1 6  ? -15.208 1.220   -12.881 1.00 89.48  ? 12  DA  B C4     1 
ATOM   180  H  "H5'"  . DA  A 1 6  ? -16.004 -0.469  -17.341 1.00 126.71 ? 12  DA  B "H5'"  1 
ATOM   181  H  "H5''" . DA  A 1 6  ? -15.147 -0.623  -18.662 1.00 126.71 ? 12  DA  B "H5''" 1 
ATOM   182  H  "H4'"  . DA  A 1 6  ? -14.364 1.323   -17.997 1.00 127.88 ? 12  DA  B "H4'"  1 
ATOM   183  H  "H3'"  . DA  A 1 6  ? -12.527 -0.390  -17.602 1.00 124.79 ? 12  DA  B "H3'"  1 
ATOM   184  H  "H2'"  . DA  A 1 6  ? -13.126 -0.954  -15.471 1.00 119.81 ? 12  DA  B "H2'"  1 
ATOM   185  H  "H2''" . DA  A 1 6  ? -11.953 0.095   -15.184 1.00 119.81 ? 12  DA  B "H2''" 1 
ATOM   186  H  "H1'"  . DA  A 1 6  ? -13.396 1.770   -14.779 1.00 119.74 ? 12  DA  B "H1'"  1 
ATOM   187  H  H8     . DA  A 1 6  ? -14.468 -1.572  -13.952 1.00 109.36 ? 12  DA  B H8     1 
ATOM   188  H  H61    . DA  A 1 6  ? -17.486 0.503   -9.310  1.00 95.86  ? 12  DA  B H61    1 
ATOM   189  H  H62    . DA  A 1 6  ? -17.022 -0.733  -9.999  1.00 95.86  ? 12  DA  B H62    1 
ATOM   190  H  H2     . DA  A 1 6  ? -16.046 3.877   -11.654 1.00 112.91 ? 12  DA  B H2     1 
ATOM   191  P  P      . DC  A 1 7  ? -10.443 1.376   -17.555 1.00 121.49 ? 13  DC  B P      1 
ATOM   192  O  OP1    . DC  A 1 7  ? -10.140 1.866   -18.919 1.00 115.25 ? 13  DC  B OP1    1 
ATOM   193  O  OP2    . DC  A 1 7  ? -10.046 0.006   -17.159 1.00 115.97 ? 13  DC  B OP2    1 
ATOM   194  O  "O5'"  . DC  A 1 7  ? -9.828  2.389   -16.485 1.00 110.30 ? 13  DC  B "O5'"  1 
ATOM   195  C  "C5'"  . DC  A 1 7  ? -10.295 2.362   -15.145 1.00 107.60 ? 13  DC  B "C5'"  1 
ATOM   196  C  "C4'"  . DC  A 1 7  ? -10.404 3.756   -14.573 1.00 110.36 ? 13  DC  B "C4'"  1 
ATOM   197  O  "O4'"  . DC  A 1 7  ? -11.493 3.791   -13.616 1.00 103.39 ? 13  DC  B "O4'"  1 
ATOM   198  C  "C3'"  . DC  A 1 7  ? -9.174  4.228   -13.817 1.00 110.48 ? 13  DC  B "C3'"  1 
ATOM   199  O  "O3'"  . DC  A 1 7  ? -9.014  5.640   -13.932 1.00 121.01 ? 13  DC  B "O3'"  1 
ATOM   200  C  "C2'"  . DC  A 1 7  ? -9.455  3.779   -12.387 1.00 104.65 ? 13  DC  B "C2'"  1 
ATOM   201  C  "C1'"  . DC  A 1 7  ? -10.984 3.797   -12.293 1.00 102.97 ? 13  DC  B "C1'"  1 
ATOM   202  N  N1     . DC  A 1 7  ? -11.544 2.619   -11.547 1.00 98.76  ? 13  DC  B N1     1 
ATOM   203  C  C2     . DC  A 1 7  ? -12.390 2.825   -10.448 1.00 91.80  ? 13  DC  B C2     1 
ATOM   204  O  O2     . DC  A 1 7  ? -12.684 3.981   -10.119 1.00 88.04  ? 13  DC  B O2     1 
ATOM   205  N  N3     . DC  A 1 7  ? -12.870 1.747   -9.777  1.00 86.35  ? 13  DC  B N3     1 
ATOM   206  C  C4     . DC  A 1 7  ? -12.531 0.515   -10.162 1.00 85.71  ? 13  DC  B C4     1 
ATOM   207  N  N4     . DC  A 1 7  ? -13.029 -0.515  -9.469  1.00 77.99  ? 13  DC  B N4     1 
ATOM   208  C  C5     . DC  A 1 7  ? -11.665 0.285   -11.272 1.00 89.02  ? 13  DC  B C5     1 
ATOM   209  C  C6     . DC  A 1 7  ? -11.199 1.352   -11.927 1.00 94.38  ? 13  DC  B C6     1 
ATOM   210  H  "H5'"  . DC  A 1 7  ? -9.680  1.844   -14.604 1.00 129.75 ? 13  DC  B "H5'"  1 
ATOM   211  H  "H5''" . DC  A 1 7  ? -11.169 1.941   -15.123 1.00 129.75 ? 13  DC  B "H5''" 1 
ATOM   212  H  "H4'"  . DC  A 1 7  ? -10.593 4.380   -15.292 1.00 133.06 ? 13  DC  B "H4'"  1 
ATOM   213  H  "H3'"  . DC  A 1 7  ? -8.384  3.776   -14.156 1.00 133.20 ? 13  DC  B "H3'"  1 
ATOM   214  H  "H2'"  . DC  A 1 7  ? -9.116  2.883   -12.238 1.00 126.21 ? 13  DC  B "H2'"  1 
ATOM   215  H  "H2''" . DC  A 1 7  ? -9.068  4.401   -11.752 1.00 126.21 ? 13  DC  B "H2''" 1 
ATOM   216  H  "H1'"  . DC  A 1 7  ? -11.265 4.613   -11.851 1.00 124.18 ? 13  DC  B "H1'"  1 
ATOM   217  H  H41    . DC  A 1 7  ? -12.828 -1.321  -9.692  1.00 94.21  ? 13  DC  B H41    1 
ATOM   218  H  H42    . DC  A 1 7  ? -13.550 -0.372  -8.800  1.00 94.21  ? 13  DC  B H42    1 
ATOM   219  H  H5     . DC  A 1 7  ? -11.434 -0.578  -11.531 1.00 107.45 ? 13  DC  B H5     1 
ATOM   220  H  H6     . DC  A 1 7  ? -10.631 1.231   -12.653 1.00 113.88 ? 13  DC  B H6     1 
ATOM   221  P  P      . DA  A 1 8  ? -7.909  6.403   -13.049 1.00 137.25 ? 14  DA  B P      1 
ATOM   222  O  OP1    . DA  A 1 8  ? -7.536  7.653   -13.750 1.00 136.70 ? 14  DA  B OP1    1 
ATOM   223  O  OP2    . DA  A 1 8  ? -6.866  5.413   -12.698 1.00 123.24 ? 14  DA  B OP2    1 
ATOM   224  O  "O5'"  . DA  A 1 8  ? -8.698  6.773   -11.709 1.00 107.81 ? 14  DA  B "O5'"  1 
ATOM   225  C  "C5'"  . DA  A 1 8  ? -8.009  6.850   -10.471 1.00 99.84  ? 14  DA  B "C5'"  1 
ATOM   226  C  "C4'"  . DA  A 1 8  ? -8.978  6.738   -9.310  1.00 97.35  ? 14  DA  B "C4'"  1 
ATOM   227  O  "O4'"  . DA  A 1 8  ? -9.502  5.396   -9.250  1.00 89.81  ? 14  DA  B "O4'"  1 
ATOM   228  C  "C3'"  . DA  A 1 8  ? -8.365  6.992   -7.934  1.00 98.47  ? 14  DA  B "C3'"  1 
ATOM   229  O  "O3'"  . DA  A 1 8  ? -8.625  8.325   -7.505  1.00 104.81 ? 14  DA  B "O3'"  1 
ATOM   230  C  "C2'"  . DA  A 1 8  ? -9.024  5.949   -7.017  1.00 91.90  ? 14  DA  B "C2'"  1 
ATOM   231  C  "C1'"  . DA  A 1 8  ? -9.942  5.150   -7.939  1.00 89.45  ? 14  DA  B "C1'"  1 
ATOM   232  N  N9     . DA  A 1 8  ? -9.914  3.710   -7.689  1.00 86.17  ? 14  DA  B N9     1 
ATOM   233  C  C8     . DA  A 1 8  ? -9.264  2.755   -8.421  1.00 85.79  ? 14  DA  B C8     1 
ATOM   234  N  N7     . DA  A 1 8  ? -9.417  1.537   -7.956  1.00 85.48  ? 14  DA  B N7     1 
ATOM   235  C  C5     . DA  A 1 8  ? -10.222 1.706   -6.841  1.00 78.53  ? 14  DA  B C5     1 
ATOM   236  C  C6     . DA  A 1 8  ? -10.749 0.797   -5.902  1.00 78.30  ? 14  DA  B C6     1 
ATOM   237  N  N6     . DA  A 1 8  ? -10.529 -0.521  -5.951  1.00 80.99  ? 14  DA  B N6     1 
ATOM   238  N  N1     . DA  A 1 8  ? -11.515 1.295   -4.911  1.00 78.95  ? 14  DA  B N1     1 
ATOM   239  C  C2     . DA  A 1 8  ? -11.728 2.615   -4.862  1.00 80.31  ? 14  DA  B C2     1 
ATOM   240  N  N3     . DA  A 1 8  ? -11.293 3.565   -5.688  1.00 80.49  ? 14  DA  B N3     1 
ATOM   241  C  C4     . DA  A 1 8  ? -10.537 3.039   -6.663  1.00 80.20  ? 14  DA  B C4     1 
ATOM   242  H  "H5'"  . DA  A 1 8  ? -7.543  7.699   -10.417 1.00 120.44 ? 14  DA  B "H5'"  1 
ATOM   243  H  "H5''" . DA  A 1 8  ? -7.364  6.128   -10.419 1.00 120.44 ? 14  DA  B "H5''" 1 
ATOM   244  H  "H4'"  . DA  A 1 8  ? -9.711  7.358   -9.448  1.00 117.44 ? 14  DA  B "H4'"  1 
ATOM   245  H  "H3'"  . DA  A 1 8  ? -7.408  6.839   -7.970  1.00 118.78 ? 14  DA  B "H3'"  1 
ATOM   246  H  "H2'"  . DA  A 1 8  ? -8.351  5.371   -6.625  1.00 110.90 ? 14  DA  B "H2'"  1 
ATOM   247  H  "H2''" . DA  A 1 8  ? -9.540  6.388   -6.323  1.00 110.90 ? 14  DA  B "H2''" 1 
ATOM   248  H  "H1'"  . DA  A 1 8  ? -10.851 5.473   -7.842  1.00 107.96 ? 14  DA  B "H1'"  1 
ATOM   249  H  H8     . DA  A 1 8  ? -8.760  2.951   -9.178  1.00 103.58 ? 14  DA  B H8     1 
ATOM   250  H  H61    . DA  A 1 8  ? -10.874 -1.036  -5.355  1.00 97.82  ? 14  DA  B H61    1 
ATOM   251  H  H62    . DA  A 1 8  ? -10.043 -0.853  -6.577  1.00 97.82  ? 14  DA  B H62    1 
ATOM   252  H  H2     . DA  A 1 8  ? -12.268 2.908   -4.165  1.00 96.99  ? 14  DA  B H2     1 
ATOM   253  P  P      . DC  A 1 9  ? -7.982  8.870   -6.138  1.00 112.70 ? 15  DC  B P      1 
ATOM   254  O  OP1    . DC  A 1 9  ? -8.213  10.330  -6.081  1.00 117.85 ? 15  DC  B OP1    1 
ATOM   255  O  OP2    . DC  A 1 9  ? -6.605  8.335   -6.048  1.00 107.26 ? 15  DC  B OP2    1 
ATOM   256  O  "O5'"  . DC  A 1 9  ? -8.856  8.164   -5.000  1.00 89.62  ? 15  DC  B "O5'"  1 
ATOM   257  C  "C5'"  . DC  A 1 9  ? -8.290  7.897   -3.724  1.00 95.48  ? 15  DC  B "C5'"  1 
ATOM   258  C  "C4'"  . DC  A 1 9  ? -9.208  7.006   -2.908  1.00 97.43  ? 15  DC  B "C4'"  1 
ATOM   259  O  "O4'"  . DC  A 1 9  ? -9.588  5.854   -3.698  1.00 96.63  ? 15  DC  B "O4'"  1 
ATOM   260  C  "C3'"  . DC  A 1 9  ? -8.592  6.423   -1.648  1.00 98.02  ? 15  DC  B "C3'"  1 
ATOM   261  O  "O3'"  . DC  A 1 9  ? -8.716  7.324   -0.553  1.00 108.76 ? 15  DC  B "O3'"  1 
ATOM   262  C  "C2'"  . DC  A 1 9  ? -9.393  5.143   -1.435  1.00 92.24  ? 15  DC  B "C2'"  1 
ATOM   263  C  "C1'"  . DC  A 1 9  ? -9.831  4.745   -2.847  1.00 95.61  ? 15  DC  B "C1'"  1 
ATOM   264  N  N1     . DC  A 1 9  ? -9.108  3.557   -3.391  1.00 87.29  ? 15  DC  B N1     1 
ATOM   265  C  C2     . DC  A 1 9  ? -9.302  2.300   -2.805  1.00 83.74  ? 15  DC  B C2     1 
ATOM   266  O  O2     . DC  A 1 9  ? -10.067 2.196   -1.840  1.00 89.37  ? 15  DC  B O2     1 
ATOM   267  N  N3     . DC  A 1 9  ? -8.643  1.230   -3.315  1.00 75.93  ? 15  DC  B N3     1 
ATOM   268  C  C4     . DC  A 1 9  ? -7.827  1.383   -4.359  1.00 77.93  ? 15  DC  B C4     1 
ATOM   269  N  N4     . DC  A 1 9  ? -7.202  0.299   -4.826  1.00 78.44  ? 15  DC  B N4     1 
ATOM   270  C  C5     . DC  A 1 9  ? -7.619  2.655   -4.969  1.00 81.34  ? 15  DC  B C5     1 
ATOM   271  C  C6     . DC  A 1 9  ? -8.272  3.703   -4.457  1.00 84.50  ? 15  DC  B C6     1 
ATOM   272  H  "H5'"  . DC  A 1 9  ? -8.156  8.733   -3.252  1.00 115.20 ? 15  DC  B "H5'"  1 
ATOM   273  H  "H5''" . DC  A 1 9  ? -7.435  7.454   -3.840  1.00 115.20 ? 15  DC  B "H5''" 1 
ATOM   274  H  "H4'"  . DC  A 1 9  ? -10.006 7.504   -2.670  1.00 117.54 ? 15  DC  B "H4'"  1 
ATOM   275  H  "H3'"  . DC  A 1 9  ? -7.659  6.209   -1.802  1.00 118.25 ? 15  DC  B "H3'"  1 
ATOM   276  H  "H2'"  . DC  A 1 9  ? -8.834  4.452   -1.046  1.00 111.31 ? 15  DC  B "H2'"  1 
ATOM   277  H  "H2''" . DC  A 1 9  ? -10.166 5.314   -0.875  1.00 111.31 ? 15  DC  B "H2''" 1 
ATOM   278  H  "H1'"  . DC  A 1 9  ? -10.783 4.557   -2.839  1.00 115.35 ? 15  DC  B "H1'"  1 
ATOM   279  H  H41    . DC  A 1 9  ? -6.669  0.365   -5.498  1.00 94.75  ? 15  DC  B H41    1 
ATOM   280  H  H42    . DC  A 1 9  ? -7.332  -0.466  -4.456  1.00 94.75  ? 15  DC  B H42    1 
ATOM   281  H  H5     . DC  A 1 9  ? -7.047  2.752   -5.696  1.00 98.23  ? 15  DC  B H5     1 
ATOM   282  H  H6     . DC  A 1 9  ? -8.156  4.545   -4.837  1.00 102.03 ? 15  DC  B H6     1 
ATOM   283  P  P      . DA  A 1 10 ? -7.862  7.082   0.787   1.00 126.89 ? 16  DA  B P      1 
ATOM   284  O  OP1    . DA  A 1 10 ? -8.153  8.194   1.719   1.00 120.02 ? 16  DA  B OP1    1 
ATOM   285  O  OP2    . DA  A 1 10 ? -6.467  6.807   0.374   1.00 123.00 ? 16  DA  B OP2    1 
ATOM   286  O  "O5'"  . DA  A 1 10 ? -8.467  5.731   1.397   1.00 96.83  ? 16  DA  B "O5'"  1 
ATOM   287  C  "C5'"  . DA  A 1 10 ? -9.763  5.735   1.989   1.00 101.50 ? 16  DA  B "C5'"  1 
ATOM   288  C  "C4'"  . DA  A 1 10 ? -9.934  4.557   2.932   1.00 110.66 ? 16  DA  B "C4'"  1 
ATOM   289  O  "O4'"  . DA  A 1 10 ? -9.854  3.312   2.179   1.00 109.77 ? 16  DA  B "O4'"  1 
ATOM   290  C  "C3'"  . DA  A 1 10 ? -8.871  4.442   4.015   1.00 111.71 ? 16  DA  B "C3'"  1 
ATOM   291  O  "O3'"  . DA  A 1 10 ? -9.431  3.884   5.200   1.00 111.58 ? 16  DA  B "O3'"  1 
ATOM   292  C  "C2'"  . DA  A 1 10 ? -7.845  3.528   3.364   1.00 104.40 ? 16  DA  B "C2'"  1 
ATOM   293  C  "C1'"  . DA  A 1 10 ? -8.740  2.551   2.621   1.00 100.57 ? 16  DA  B "C1'"  1 
ATOM   294  N  N9     . DA  A 1 10 ? -8.122  1.912   1.458   1.00 95.30  ? 16  DA  B N9     1 
ATOM   295  C  C8     . DA  A 1 10 ? -7.680  2.525   0.321   1.00 95.66  ? 16  DA  B C8     1 
ATOM   296  N  N7     . DA  A 1 10 ? -7.185  1.699   -0.571  1.00 92.22  ? 16  DA  B N7     1 
ATOM   297  C  C5     . DA  A 1 10 ? -7.317  0.455   0.020   1.00 86.27  ? 16  DA  B C5     1 
ATOM   298  C  C6     . DA  A 1 10 ? -6.979  -0.842  -0.415  1.00 78.25  ? 16  DA  B C6     1 
ATOM   299  N  N6     . DA  A 1 10 ? -6.413  -1.096  -1.601  1.00 73.59  ? 16  DA  B N6     1 
ATOM   300  N  N1     . DA  A 1 10 ? -7.246  -1.870  0.418   1.00 78.37  ? 16  DA  B N1     1 
ATOM   301  C  C2     . DA  A 1 10 ? -7.813  -1.610  1.603   1.00 86.36  ? 16  DA  B C2     1 
ATOM   302  N  N3     . DA  A 1 10 ? -8.176  -0.435  2.121   1.00 90.15  ? 16  DA  B N3     1 
ATOM   303  C  C4     . DA  A 1 10 ? -7.898  0.567   1.270   1.00 90.15  ? 16  DA  B C4     1 
ATOM   304  H  "H5'"  . DA  A 1 10 ? -10.433 5.683   1.289   1.00 122.42 ? 16  DA  B "H5'"  1 
ATOM   305  H  "H5''" . DA  A 1 10 ? -9.884  6.559   2.485   1.00 122.42 ? 16  DA  B "H5''" 1 
ATOM   306  H  "H4'"  . DA  A 1 10 ? -10.807 4.616   3.351   1.00 133.41 ? 16  DA  B "H4'"  1 
ATOM   307  H  "H3'"  . DA  A 1 10 ? -8.481  5.311   4.199   1.00 134.68 ? 16  DA  B "H3'"  1 
ATOM   308  H  "H2'"  . DA  A 1 10 ? -7.282  4.021   2.747   1.00 125.91 ? 16  DA  B "H2'"  1 
ATOM   309  H  "H2''" . DA  A 1 10 ? -7.312  3.070   4.033   1.00 125.91 ? 16  DA  B "H2''" 1 
ATOM   310  H  "H1'"  . DA  A 1 10 ? -9.045  1.866   3.237   1.00 121.30 ? 16  DA  B "H1'"  1 
ATOM   311  H  H8     . DA  A 1 10 ? -7.723  3.444   0.191   1.00 115.42 ? 16  DA  B H8     1 
ATOM   312  H  H61    . DA  A 1 10 ? -6.225  -1.905  -1.822  1.00 88.93  ? 16  DA  B H61    1 
ATOM   313  H  H62    . DA  A 1 10 ? -6.238  -0.450  -2.140  1.00 88.93  ? 16  DA  B H62    1 
ATOM   314  H  H2     . DA  A 1 10 ? -7.975  -2.351  2.141   1.00 104.26 ? 16  DA  B H2     1 
ATOM   315  P  P      . DG  A 1 11 ? -8.628  3.941   6.589   1.00 133.16 ? 17  DG  B P      1 
ATOM   316  O  OP1    . DG  A 1 11 ? -9.479  4.651   7.569   1.00 127.69 ? 17  DG  B OP1    1 
ATOM   317  O  OP2    . DG  A 1 11 ? -7.259  4.422   6.300   1.00 111.97 ? 17  DG  B OP2    1 
ATOM   318  O  "O5'"  . DG  A 1 11 ? -8.523  2.408   7.027   1.00 113.83 ? 17  DG  B "O5'"  1 
ATOM   319  C  "C5'"  . DG  A 1 11 ? -8.029  1.454   6.110   1.00 107.68 ? 17  DG  B "C5'"  1 
ATOM   320  C  "C4'"  . DG  A 1 11 ? -7.658  0.164   6.806   1.00 103.50 ? 17  DG  B "C4'"  1 
ATOM   321  O  "O4'"  . DG  A 1 11 ? -7.205  -0.787  5.818   1.00 102.99 ? 17  DG  B "O4'"  1 
ATOM   322  C  "C3'"  . DG  A 1 11 ? -6.512  0.273   7.795   1.00 99.64  ? 17  DG  B "C3'"  1 
ATOM   323  O  "O3'"  . DG  A 1 11 ? -6.610  -0.737  8.798   1.00 102.82 ? 17  DG  B "O3'"  1 
ATOM   324  C  "C2'"  . DG  A 1 11 ? -5.284  0.106   6.902   1.00 86.20  ? 17  DG  B "C2'"  1 
ATOM   325  C  "C1'"  . DG  A 1 11 ? -5.788  -0.797  5.773   1.00 85.14  ? 17  DG  B "C1'"  1 
ATOM   326  N  N9     . DG  A 1 11 ? -5.358  -0.376  4.440   1.00 79.46  ? 17  DG  B N9     1 
ATOM   327  C  C8     . DG  A 1 11 ? -5.309  0.905   3.939   1.00 87.89  ? 17  DG  B C8     1 
ATOM   328  N  N7     . DG  A 1 11 ? -4.878  0.962   2.707   1.00 87.52  ? 17  DG  B N7     1 
ATOM   329  C  C5     . DG  A 1 11 ? -4.632  -0.365  2.373   1.00 74.09  ? 17  DG  B C5     1 
ATOM   330  C  C6     . DG  A 1 11 ? -4.151  -0.932  1.170   1.00 70.16  ? 17  DG  B C6     1 
ATOM   331  O  O6     . DG  A 1 11 ? -3.839  -0.355  0.121   1.00 78.34  ? 17  DG  B O6     1 
ATOM   332  N  N1     . DG  A 1 11 ? -4.050  -2.320  1.258   1.00 65.83  ? 17  DG  B N1     1 
ATOM   333  C  C2     . DG  A 1 11 ? -4.371  -3.062  2.371   1.00 72.05  ? 17  DG  B C2     1 
ATOM   334  N  N2     . DG  A 1 11 ? -4.209  -4.390  2.279   1.00 72.53  ? 17  DG  B N2     1 
ATOM   335  N  N3     . DG  A 1 11 ? -4.819  -2.541  3.501   1.00 70.78  ? 17  DG  B N3     1 
ATOM   336  C  C4     . DG  A 1 11 ? -4.924  -1.194  3.430   1.00 75.70  ? 17  DG  B C4     1 
ATOM   337  H  "H5'"  . DG  A 1 11 ? -7.243  1.815   5.670   1.00 129.84 ? 17  DG  B "H5'"  1 
ATOM   338  H  "H5''" . DG  A 1 11 ? -8.710  1.271   5.444   1.00 129.84 ? 17  DG  B "H5''" 1 
ATOM   339  H  "H4'"  . DG  A 1 11 ? -8.439  -0.191  7.259   1.00 124.82 ? 17  DG  B "H4'"  1 
ATOM   340  H  "H3'"  . DG  A 1 11 ? -6.508  1.153   8.204   1.00 120.20 ? 17  DG  B "H3'"  1 
ATOM   341  H  "H2'"  . DG  A 1 11 ? -4.998  0.964   6.552   1.00 104.06 ? 17  DG  B "H2'"  1 
ATOM   342  H  "H2''" . DG  A 1 11 ? -4.564  -0.324  7.389   1.00 104.06 ? 17  DG  B "H2''" 1 
ATOM   343  H  "H1'"  . DG  A 1 11 ? -5.475  -1.701  5.932   1.00 102.79 ? 17  DG  B "H1'"  1 
ATOM   344  H  H8     . DG  A 1 11 ? -5.553  1.656   4.430   1.00 106.09 ? 17  DG  B H8     1 
ATOM   345  H  H1     . DG  A 1 11 ? -3.764  -2.744  0.566   1.00 79.61  ? 17  DG  B H1     1 
ATOM   346  H  H21    . DG  A 1 11 ? -4.394  -4.893  2.951   1.00 87.66  ? 17  DG  B H21    1 
ATOM   347  H  H22    . DG  A 1 11 ? -3.918  -4.737  1.548   1.00 87.66  ? 17  DG  B H22    1 
ATOM   348  P  P      . DA  A 1 12 ? -5.388  -1.006  9.807   1.00 100.37 ? 18  DA  B P      1 
ATOM   349  O  OP1    . DA  A 1 12 ? -5.948  -1.503  11.083  1.00 92.81  ? 18  DA  B OP1    1 
ATOM   350  O  OP2    . DA  A 1 12 ? -4.524  0.196   9.793   1.00 92.13  ? 18  DA  B OP2    1 
ATOM   351  O  "O5'"  . DA  A 1 12 ? -4.579  -2.190  9.104   1.00 87.38  ? 18  DA  B "O5'"  1 
ATOM   352  C  "C5'"  . DA  A 1 12 ? -3.531  -2.842  9.796   1.00 89.42  ? 18  DA  B "C5'"  1 
ATOM   353  C  "C4'"  . DA  A 1 12 ? -3.470  -4.308  9.418   1.00 85.09  ? 18  DA  B "C4'"  1 
ATOM   354  O  "O4'"  . DA  A 1 12 ? -3.742  -4.450  8.003   1.00 79.29  ? 18  DA  B "O4'"  1 
ATOM   355  C  "C3'"  . DA  A 1 12 ? -2.124  -4.968  9.641   1.00 81.12  ? 18  DA  B "C3'"  1 
ATOM   356  O  "O3'"  . DA  A 1 12 ? -2.283  -6.340  9.974   1.00 82.61  ? 18  DA  B "O3'"  1 
ATOM   357  C  "C2'"  . DA  A 1 12 ? -1.403  -4.769  8.310   1.00 78.87  ? 18  DA  B "C2'"  1 
ATOM   358  C  "C1'"  . DA  A 1 12 ? -2.532  -4.621  7.287   1.00 71.19  ? 18  DA  B "C1'"  1 
ATOM   359  N  N9     . DA  A 1 12 ? -2.356  -3.477  6.393   1.00 70.90  ? 18  DA  B N9     1 
ATOM   360  C  C8     . DA  A 1 12 ? -2.604  -2.163  6.677   1.00 74.39  ? 18  DA  B C8     1 
ATOM   361  N  N7     . DA  A 1 12 ? -2.350  -1.348  5.681   1.00 73.51  ? 18  DA  B N7     1 
ATOM   362  C  C5     . DA  A 1 12 ? -1.900  -2.184  4.674   1.00 67.61  ? 18  DA  B C5     1 
ATOM   363  C  C6     . DA  A 1 12 ? -1.466  -1.936  3.356   1.00 67.74  ? 18  DA  B C6     1 
ATOM   364  N  N6     . DA  A 1 12 ? -1.419  -0.714  2.815   1.00 67.77  ? 18  DA  B N6     1 
ATOM   365  N  N1     . DA  A 1 12 ? -1.086  -2.995  2.613   1.00 61.86  ? 18  DA  B N1     1 
ATOM   366  C  C2     . DA  A 1 12 ? -1.136  -4.216  3.159   1.00 67.70  ? 18  DA  B C2     1 
ATOM   367  N  N3     . DA  A 1 12 ? -1.524  -4.573  4.383   1.00 63.77  ? 18  DA  B N3     1 
ATOM   368  C  C4     . DA  A 1 12 ? -1.899  -3.500  5.095   1.00 67.23  ? 18  DA  B C4     1 
ATOM   369  H  "H5'"  . DA  A 1 12 ? -3.681  -2.764  10.751  1.00 107.93 ? 18  DA  B "H5'"  1 
ATOM   370  H  "H5''" . DA  A 1 12 ? -2.686  -2.419  9.571   1.00 107.93 ? 18  DA  B "H5''" 1 
ATOM   371  H  "H4'"  . DA  A 1 12 ? -4.146  -4.790  9.918   1.00 102.73 ? 18  DA  B "H4'"  1 
ATOM   372  H  "H3'"  . DA  A 1 12 ? -1.645  -4.509  10.348  1.00 97.96  ? 18  DA  B "H3'"  1 
ATOM   373  H  "H2'"  . DA  A 1 12 ? -0.860  -3.965  8.335   1.00 95.26  ? 18  DA  B "H2'"  1 
ATOM   374  H  "H2''" . DA  A 1 12 ? -0.856  -5.542  8.100   1.00 95.26  ? 18  DA  B "H2''" 1 
ATOM   375  H  "H1'"  . DA  A 1 12 ? -2.588  -5.431  6.757   1.00 86.05  ? 18  DA  B "H1'"  1 
ATOM   376  H  H8     . DA  A 1 12 ? -2.926  -1.873  7.501   1.00 89.89  ? 18  DA  B H8     1 
ATOM   377  H  H61    . DA  A 1 12 ? -1.148  -0.612  2.005   1.00 81.95  ? 18  DA  B H61    1 
ATOM   378  H  H62    . DA  A 1 12 ? -1.658  -0.029  3.277   1.00 81.95  ? 18  DA  B H62    1 
ATOM   379  H  H2     . DA  A 1 12 ? -0.864  -4.913  2.607   1.00 81.86  ? 18  DA  B H2     1 
ATOM   380  P  P      . DC  A 1 13 ? -1.090  -7.133  10.699  1.00 104.84 ? 19  DC  B P      1 
ATOM   381  O  OP1    . DC  A 1 13 ? -1.630  -8.432  11.159  1.00 105.33 ? 19  DC  B OP1    1 
ATOM   382  O  OP2    . DC  A 1 13 ? -0.461  -6.211  11.673  1.00 94.40  ? 19  DC  B OP2    1 
ATOM   383  O  "O5'"  . DC  A 1 13 ? -0.041  -7.395  9.521   1.00 84.19  ? 19  DC  B "O5'"  1 
ATOM   384  C  "C5'"  . DC  A 1 13 ? -0.409  -8.210  8.415   1.00 86.23  ? 19  DC  B "C5'"  1 
ATOM   385  C  "C4'"  . DC  A 1 13 ? 0.631   -8.141  7.311   1.00 81.60  ? 19  DC  B "C4'"  1 
ATOM   386  O  "O4'"  . DC  A 1 13 ? 0.391   -6.991  6.480   1.00 80.10  ? 19  DC  B "O4'"  1 
ATOM   387  C  "C3'"  . DC  A 1 13 ? 2.071   -7.984  7.784   1.00 82.86  ? 19  DC  B "C3'"  1 
ATOM   388  O  "O3'"  . DC  A 1 13 ? 2.701   -9.253  7.895   1.00 80.00  ? 19  DC  B "O3'"  1 
ATOM   389  C  "C2'"  . DC  A 1 13 ? 2.727   -7.095  6.713   1.00 79.11  ? 19  DC  B "C2'"  1 
ATOM   390  C  "C1'"  . DC  A 1 13 ? 1.576   -6.707  5.781   1.00 75.09  ? 19  DC  B "C1'"  1 
ATOM   391  N  N1     . DC  A 1 13 ? 1.574   -5.265  5.387   1.00 71.80  ? 19  DC  B N1     1 
ATOM   392  C  C2     . DC  A 1 13 ? 1.985   -4.894  4.099   1.00 71.38  ? 19  DC  B C2     1 
ATOM   393  O  O2     . DC  A 1 13 ? 2.344   -5.770  3.302   1.00 68.33  ? 19  DC  B O2     1 
ATOM   394  N  N3     . DC  A 1 13 ? 1.975   -3.581  3.759   1.00 66.18  ? 19  DC  B N3     1 
ATOM   395  C  C4     . DC  A 1 13 ? 1.581   -2.666  4.645   1.00 64.34  ? 19  DC  B C4     1 
ATOM   396  N  N4     . DC  A 1 13 ? 1.589   -1.385  4.263   1.00 67.81  ? 19  DC  B N4     1 
ATOM   397  C  C5     . DC  A 1 13 ? 1.163   -3.023  5.961   1.00 57.39  ? 19  DC  B C5     1 
ATOM   398  C  C6     . DC  A 1 13 ? 1.174   -4.320  6.286   1.00 63.20  ? 19  DC  B C6     1 
ATOM   399  H  "H5'"  . DC  A 1 13 ? -1.262  -7.907  8.068   1.00 104.10 ? 19  DC  B "H5'"  1 
ATOM   400  H  "H5''" . DC  A 1 13 ? -0.495  -9.130  8.713   1.00 104.10 ? 19  DC  B "H5''" 1 
ATOM   401  H  "H4'"  . DC  A 1 13 ? 0.565   -8.941  6.767   1.00 98.54  ? 19  DC  B "H4'"  1 
ATOM   402  H  "H3'"  . DC  A 1 13 ? 2.088   -7.531  8.642   1.00 100.06 ? 19  DC  B "H3'"  1 
ATOM   403  H  "H2'"  . DC  A 1 13 ? 3.114   -6.304  7.120   1.00 95.55  ? 19  DC  B "H2'"  1 
ATOM   404  H  "H2''" . DC  A 1 13 ? 3.402   -7.593  6.227   1.00 95.55  ? 19  DC  B "H2''" 1 
ATOM   405  H  "H1'"  . DC  A 1 13 ? 1.614   -7.255  4.982   1.00 90.74  ? 19  DC  B "H1'"  1 
ATOM   406  H  H41    . DC  A 1 13 ? 1.339   -0.772  4.812   1.00 82.00  ? 19  DC  B H41    1 
ATOM   407  H  H42    . DC  A 1 13 ? 1.842   -1.174  3.469   1.00 82.00  ? 19  DC  B H42    1 
ATOM   408  H  H5     . DC  A 1 13 ? 0.888   -2.376  6.571   1.00 69.50  ? 19  DC  B H5     1 
ATOM   409  H  H6     . DC  A 1 13 ? 0.905   -4.581  7.137   1.00 76.46  ? 19  DC  B H6     1 
ATOM   410  P  P      . DG  A 1 14 ? 4.223   -9.356  8.398   1.00 88.00  ? 20  DG  B P      1 
ATOM   411  O  OP1    . DG  A 1 14 ? 4.447   -10.735 8.889   1.00 98.89  ? 20  DG  B OP1    1 
ATOM   412  O  OP2    . DG  A 1 14 ? 4.477   -8.204  9.293   1.00 78.89  ? 20  DG  B OP2    1 
ATOM   413  O  "O5'"  . DG  A 1 14 ? 5.079   -9.139  7.065   1.00 83.06  ? 20  DG  B "O5'"  1 
ATOM   414  C  "C5'"  . DG  A 1 14 ? 4.811   -9.932  5.917   1.00 84.69  ? 20  DG  B "C5'"  1 
ATOM   415  C  "C4'"  . DG  A 1 14 ? 5.432   -9.319  4.676   1.00 85.86  ? 20  DG  B "C4'"  1 
ATOM   416  O  "O4'"  . DG  A 1 14 ? 4.920   -7.976  4.497   1.00 86.47  ? 20  DG  B "O4'"  1 
ATOM   417  C  "C3'"  . DG  A 1 14 ? 6.959   -9.195  4.719   1.00 82.53  ? 20  DG  B "C3'"  1 
ATOM   418  O  "O3'"  . DG  A 1 14 ? 7.555   -10.032 3.734   1.00 84.50  ? 20  DG  B "O3'"  1 
ATOM   419  C  "C2'"  . DG  A 1 14 ? 7.239   -7.709  4.466   1.00 80.56  ? 20  DG  B "C2'"  1 
ATOM   420  C  "C1'"  . DG  A 1 14 ? 5.922   -7.173  3.930   1.00 81.43  ? 20  DG  B "C1'"  1 
ATOM   421  N  N9     . DG  A 1 14 ? 5.668   -5.778  4.284   1.00 74.43  ? 20  DG  B N9     1 
ATOM   422  C  C8     . DG  A 1 14 ? 5.205   -5.301  5.486   1.00 73.01  ? 20  DG  B C8     1 
ATOM   423  N  N7     . DG  A 1 14 ? 5.074   -4.005  5.516   1.00 68.50  ? 20  DG  B N7     1 
ATOM   424  C  C5     . DG  A 1 14 ? 5.476   -3.593  4.253   1.00 69.55  ? 20  DG  B C5     1 
ATOM   425  C  C6     . DG  A 1 14 ? 5.547   -2.293  3.697   1.00 69.82  ? 20  DG  B C6     1 
ATOM   426  O  O6     . DG  A 1 14 ? 5.262   -1.213  4.233   1.00 66.14  ? 20  DG  B O6     1 
ATOM   427  N  N1     . DG  A 1 14 ? 6.009   -2.319  2.383   1.00 71.11  ? 20  DG  B N1     1 
ATOM   428  C  C2     . DG  A 1 14 ? 6.352   -3.458  1.692   1.00 69.66  ? 20  DG  B C2     1 
ATOM   429  N  N2     . DG  A 1 14 ? 6.777   -3.284  0.432   1.00 71.06  ? 20  DG  B N2     1 
ATOM   430  N  N3     . DG  A 1 14 ? 6.291   -4.682  2.202   1.00 64.65  ? 20  DG  B N3     1 
ATOM   431  C  C4     . DG  A 1 14 ? 5.842   -4.674  3.480   1.00 66.90  ? 20  DG  B C4     1 
ATOM   432  H  "H5'"  . DG  A 1 14 ? 3.851   -9.998  5.793   1.00 102.25 ? 20  DG  B "H5'"  1 
ATOM   433  H  "H5''" . DG  A 1 14 ? 5.177   -10.820 6.050   1.00 102.25 ? 20  DG  B "H5''" 1 
ATOM   434  H  "H4'"  . DG  A 1 14 ? 5.183   -9.854  3.906   1.00 103.65 ? 20  DG  B "H4'"  1 
ATOM   435  H  "H3'"  . DG  A 1 14 ? 7.281   -9.444  5.599   1.00 99.66  ? 20  DG  B "H3'"  1 
ATOM   436  H  "H2'"  . DG  A 1 14 ? 7.476   -7.262  5.294   1.00 97.29  ? 20  DG  B "H2'"  1 
ATOM   437  H  "H2''" . DG  A 1 14 ? 7.943   -7.604  3.807   1.00 97.29  ? 20  DG  B "H2''" 1 
ATOM   438  H  "H1'"  . DG  A 1 14 ? 5.904   -7.270  2.965   1.00 98.34  ? 20  DG  B "H1'"  1 
ATOM   439  H  H8     . DG  A 1 14 ? 5.003   -5.851  6.210   1.00 88.24  ? 20  DG  B H8     1 
ATOM   440  H  H1     . DG  A 1 14 ? 6.082   -1.567  1.971   1.00 85.96  ? 20  DG  B H1     1 
ATOM   441  H  H21    . DG  A 1 14 ? 7.009   -3.963  -0.041  1.00 85.89  ? 20  DG  B H21    1 
ATOM   442  H  H22    . DG  A 1 14 ? 6.818   -2.492  0.098   1.00 85.89  ? 20  DG  B H22    1 
ATOM   443  P  P      . DA  A 1 15 ? 9.116   -10.401 3.822   1.00 96.76  ? 21  DA  B P      1 
ATOM   444  O  OP1    . DA  A 1 15 ? 9.441   -11.229 2.640   1.00 94.38  ? 21  DA  B OP1    1 
ATOM   445  O  OP2    . DA  A 1 15 ? 9.380   -10.929 5.178   1.00 98.27  ? 21  DA  B OP2    1 
ATOM   446  O  "O5'"  . DA  A 1 15 ? 9.848   -8.981  3.708   1.00 82.72  ? 21  DA  B "O5'"  1 
ATOM   447  C  "C5'"  . DA  A 1 15 ? 10.915  -8.791  2.787   1.00 89.15  ? 21  DA  B "C5'"  1 
ATOM   448  C  "C4'"  . DA  A 1 15 ? 10.592  -7.672  1.810   1.00 86.48  ? 21  DA  B "C4'"  1 
ATOM   449  O  "O4'"  . DA  A 1 15 ? 9.608   -6.798  2.401   1.00 78.45  ? 21  DA  B "O4'"  1 
ATOM   450  C  "C3'"  . DA  A 1 15 ? 11.782  -6.789  1.434   1.00 85.44  ? 21  DA  B "C3'"  1 
ATOM   451  O  "O3'"  . DA  A 1 15 ? 12.203  -7.057  0.100   1.00 86.43  ? 21  DA  B "O3'"  1 
ATOM   452  C  "C2'"  . DA  A 1 15 ? 11.282  -5.348  1.607   1.00 79.06  ? 21  DA  B "C2'"  1 
ATOM   453  C  "C1'"  . DA  A 1 15 ? 9.801   -5.486  1.938   1.00 77.01  ? 21  DA  B "C1'"  1 
ATOM   454  N  N9     . DA  A 1 15 ? 9.347   -4.563  2.974   1.00 74.28  ? 21  DA  B N9     1 
ATOM   455  C  C8     . DA  A 1 15 ? 8.904   -4.888  4.226   1.00 75.86  ? 21  DA  B C8     1 
ATOM   456  N  N7     . DA  A 1 15 ? 8.561   -3.852  4.952   1.00 73.92  ? 21  DA  B N7     1 
ATOM   457  C  C5     . DA  A 1 15 ? 8.803   -2.770  4.124   1.00 67.44  ? 21  DA  B C5     1 
ATOM   458  C  C6     . DA  A 1 15 ? 8.646   -1.382  4.306   1.00 61.55  ? 21  DA  B C6     1 
ATOM   459  N  N6     . DA  A 1 15 ? 8.187   -0.836  5.438   1.00 59.84  ? 21  DA  B N6     1 
ATOM   460  N  N1     . DA  A 1 15 ? 8.980   -0.575  3.278   1.00 61.71  ? 21  DA  B N1     1 
ATOM   461  C  C2     . DA  A 1 15 ? 9.437   -1.127  2.146   1.00 66.76  ? 21  DA  B C2     1 
ATOM   462  N  N3     . DA  A 1 15 ? 9.629   -2.414  1.858   1.00 70.31  ? 21  DA  B N3     1 
ATOM   463  C  C4     . DA  A 1 15 ? 9.288   -3.191  2.899   1.00 70.07  ? 21  DA  B C4     1 
ATOM   464  H  "H5'"  . DA  A 1 15 ? 11.061  -9.614  2.293   1.00 107.60 ? 21  DA  B "H5'"  1 
ATOM   465  H  "H5''" . DA  A 1 15 ? 11.722  -8.565  3.275   1.00 107.60 ? 21  DA  B "H5''" 1 
ATOM   466  H  "H4'"  . DA  A 1 15 ? 10.222  -8.060  1.002   1.00 104.40 ? 21  DA  B "H4'"  1 
ATOM   467  H  "H3'"  . DA  A 1 15 ? 12.516  -6.955  2.047   1.00 103.15 ? 21  DA  B "H3'"  1 
ATOM   468  H  "H2'"  . DA  A 1 15 ? 11.751  -4.913  2.336   1.00 95.50  ? 21  DA  B "H2'"  1 
ATOM   469  H  "H2''" . DA  A 1 15 ? 11.399  -4.850  0.784   1.00 95.50  ? 21  DA  B "H2''" 1 
ATOM   470  H  "H1'"  . DA  A 1 15 ? 9.278   -5.349  1.133   1.00 93.03  ? 21  DA  B "H1'"  1 
ATOM   471  H  H8     . DA  A 1 15 ? 8.841   -5.765  4.530   1.00 91.66  ? 21  DA  B H8     1 
ATOM   472  H  H61    . DA  A 1 15 ? 8.108   0.017   5.503   1.00 72.44  ? 21  DA  B H61    1 
ATOM   473  H  H62    . DA  A 1 15 ? 7.970   -1.340  6.100   1.00 72.44  ? 21  DA  B H62    1 
ATOM   474  H  H2     . DA  A 1 15 ? 9.657   -0.528  1.469   1.00 80.74  ? 21  DA  B H2     1 
ATOM   475  P  P      . DC  A 1 16 ? 13.767  -7.065  -0.266  1.00 101.47 ? 22  DC  B P      1 
ATOM   476  O  OP1    . DC  A 1 16 ? 13.922  -7.706  -1.590  1.00 85.48  ? 22  DC  B OP1    1 
ATOM   477  O  OP2    . DC  A 1 16 ? 14.506  -7.599  0.901   1.00 93.66  ? 22  DC  B OP2    1 
ATOM   478  O  "O5'"  . DC  A 1 16 ? 14.131  -5.515  -0.402  1.00 82.03  ? 22  DC  B "O5'"  1 
ATOM   479  C  "C5'"  . DC  A 1 16 ? 13.605  -4.753  -1.483  1.00 81.61  ? 22  DC  B "C5'"  1 
ATOM   480  C  "C4'"  . DC  A 1 16 ? 13.928  -3.280  -1.315  1.00 83.43  ? 22  DC  B "C4'"  1 
ATOM   481  O  "O4'"  . DC  A 1 16 ? 13.006  -2.691  -0.379  1.00 75.35  ? 22  DC  B "O4'"  1 
ATOM   482  C  "C3'"  . DC  A 1 16 ? 15.315  -2.989  -0.750  1.00 83.89  ? 22  DC  B "C3'"  1 
ATOM   483  O  "O3'"  . DC  A 1 16 ? 16.240  -2.698  -1.792  1.00 83.47  ? 22  DC  B "O3'"  1 
ATOM   484  C  "C2'"  . DC  A 1 16 ? 15.108  -1.790  0.181   1.00 74.52  ? 22  DC  B "C2'"  1 
ATOM   485  C  "C1'"  . DC  A 1 16 ? 13.604  -1.553  0.195   1.00 65.04  ? 22  DC  B "C1'"  1 
ATOM   486  N  N1     . DC  A 1 16 ? 13.043  -1.360  1.563   1.00 60.61  ? 22  DC  B N1     1 
ATOM   487  C  C2     . DC  A 1 16 ? 12.848  -0.066  2.065   1.00 58.79  ? 22  DC  B C2     1 
ATOM   488  O  O2     . DC  A 1 16 ? 13.150  0.906   1.363   1.00 60.04  ? 22  DC  B O2     1 
ATOM   489  N  N3     . DC  A 1 16 ? 12.332  0.082   3.312   1.00 53.39  ? 22  DC  B N3     1 
ATOM   490  C  C4     . DC  A 1 16 ? 12.024  -0.994  4.038   1.00 58.42  ? 22  DC  B C4     1 
ATOM   491  N  N4     . DC  A 1 16 ? 11.516  -0.801  5.260   1.00 52.25  ? 22  DC  B N4     1 
ATOM   492  C  C5     . DC  A 1 16 ? 12.218  -2.315  3.543   1.00 66.67  ? 22  DC  B C5     1 
ATOM   493  C  C6     . DC  A 1 16 ? 12.723  -2.450  2.313   1.00 65.81  ? 22  DC  B C6     1 
ATOM   494  H  "H5'"  . DC  A 1 16 ? 12.642  -4.868  -1.515  1.00 98.55  ? 22  DC  B "H5'"  1 
ATOM   495  H  "H5''" . DC  A 1 16 ? 13.992  -5.071  -2.314  1.00 98.55  ? 22  DC  B "H5''" 1 
ATOM   496  H  "H4'"  . DC  A 1 16 ? 13.836  -2.836  -2.172  1.00 100.73 ? 22  DC  B "H4'"  1 
ATOM   497  H  "H3'"  . DC  A 1 16 ? 15.627  -3.752  -0.237  1.00 101.30 ? 22  DC  B "H3'"  1 
ATOM   498  H  "H2'"  . DC  A 1 16 ? 15.425  -1.998  1.074   1.00 90.05  ? 22  DC  B "H2'"  1 
ATOM   499  H  "H2''" . DC  A 1 16 ? 15.569  -1.011  -0.168  1.00 90.05  ? 22  DC  B "H2''" 1 
ATOM   500  H  "H1'"  . DC  A 1 16 ? 13.398  -0.775  -0.347  1.00 78.67  ? 22  DC  B "H1'"  1 
ATOM   501  H  H41    . DC  A 1 16 ? 11.306  -1.475  5.750   1.00 63.33  ? 22  DC  B H41    1 
ATOM   502  H  H42    . DC  A 1 16 ? 11.397  -0.002  5.555   1.00 63.33  ? 22  DC  B H42    1 
ATOM   503  H  H5     . DC  A 1 16 ? 11.994  -3.059  4.054   1.00 80.63  ? 22  DC  B H5     1 
ATOM   504  H  H6     . DC  A 1 16 ? 12.859  -3.302  1.964   1.00 79.59  ? 22  DC  B H6     1 
ATOM   505  P  P      . DG  A 1 17 ? 17.781  -2.402  -1.439  1.00 92.31  ? 23  DG  B P      1 
ATOM   506  O  OP1    . DG  A 1 17 ? 18.579  -2.662  -2.657  1.00 99.67  ? 23  DG  B OP1    1 
ATOM   507  O  OP2    . DG  A 1 17 ? 18.098  -3.120  -0.184  1.00 87.74  ? 23  DG  B OP2    1 
ATOM   508  O  "O5'"  . DG  A 1 17 ? 17.814  -0.832  -1.124  1.00 83.20  ? 23  DG  B "O5'"  1 
ATOM   509  C  "C5'"  . DG  A 1 17 ? 17.307  0.090   -2.079  1.00 86.59  ? 23  DG  B "C5'"  1 
ATOM   510  C  "C4'"  . DG  A 1 17 ? 17.656  1.522   -1.704  1.00 89.94  ? 23  DG  B "C4'"  1 
ATOM   511  O  "O4'"  . DG  A 1 17 ? 16.914  1.917   -0.518  1.00 86.91  ? 23  DG  B "O4'"  1 
ATOM   512  C  "C3'"  . DG  A 1 17 ? 19.117  1.762   -1.362  1.00 85.09  ? 23  DG  B "C3'"  1 
ATOM   513  O  "O3'"  . DG  A 1 17 ? 19.494  3.089   -1.740  1.00 86.21  ? 23  DG  B "O3'"  1 
ATOM   514  C  "C2'"  . DG  A 1 17 ? 19.154  1.530   0.149   1.00 81.00  ? 23  DG  B "C2'"  1 
ATOM   515  C  "C1'"  . DG  A 1 17 ? 17.782  2.021   0.604   1.00 75.51  ? 23  DG  B "C1'"  1 
ATOM   516  N  N9     . DG  A 1 17 ? 17.196  1.242   1.693   1.00 66.03  ? 23  DG  B N9     1 
ATOM   517  C  C8     . DG  A 1 17 ? 17.100  -0.123  1.764   1.00 68.27  ? 23  DG  B C8     1 
ATOM   518  N  N7     . DG  A 1 17 ? 16.502  -0.550  2.841   1.00 63.65  ? 23  DG  B N7     1 
ATOM   519  C  C5     . DG  A 1 17 ? 16.181  0.606   3.533   1.00 58.89  ? 23  DG  B C5     1 
ATOM   520  C  C6     . DG  A 1 17 ? 15.525  0.770   4.774   1.00 58.69  ? 23  DG  B C6     1 
ATOM   521  O  O6     . DG  A 1 17 ? 15.087  -0.107  5.532   1.00 60.08  ? 23  DG  B O6     1 
ATOM   522  N  N1     . DG  A 1 17 ? 15.401  2.113   5.119   1.00 54.96  ? 23  DG  B N1     1 
ATOM   523  C  C2     . DG  A 1 17 ? 15.851  3.164   4.355   1.00 62.80  ? 23  DG  B C2     1 
ATOM   524  N  N2     . DG  A 1 17 ? 15.637  4.391   4.852   1.00 63.55  ? 23  DG  B N2     1 
ATOM   525  N  N3     . DG  A 1 17 ? 16.467  3.024   3.186   1.00 64.59  ? 23  DG  B N3     1 
ATOM   526  C  C4     . DG  A 1 17 ? 16.597  1.722   2.838   1.00 62.53  ? 23  DG  B C4     1 
ATOM   527  H  "H5'"  . DG  A 1 17 ? 16.343  0.001   -2.126  1.00 104.53 ? 23  DG  B "H5'"  1 
ATOM   528  H  "H5''" . DG  A 1 17 ? 17.688  -0.111  -2.949  1.00 104.53 ? 23  DG  B "H5''" 1 
ATOM   529  H  "H4'"  . DG  A 1 17 ? 17.407  2.105   -2.437  1.00 108.55 ? 23  DG  B "H4'"  1 
ATOM   530  H  "H3'"  . DG  A 1 17 ? 19.676  1.113   -1.814  1.00 102.74 ? 23  DG  B "H3'"  1 
ATOM   531  H  "H2'"  . DG  A 1 17 ? 19.265  0.587   0.348   1.00 97.82  ? 23  DG  B "H2'"  1 
ATOM   532  H  "H2''" . DG  A 1 17 ? 19.859  2.055   0.559   1.00 97.82  ? 23  DG  B "H2''" 1 
ATOM   533  H  "H1'"  . DG  A 1 17 ? 17.847  2.950   0.874   1.00 91.24  ? 23  DG  B "H1'"  1 
ATOM   534  H  H8     . DG  A 1 17 ? 17.420  -0.691  1.101   1.00 82.55  ? 23  DG  B H8     1 
ATOM   535  H  H1     . DG  A 1 17 ? 15.013  2.298   5.863   1.00 66.57  ? 23  DG  B H1     1 
ATOM   536  H  H21    . DG  A 1 17 ? 15.899  5.084   4.414   1.00 76.88  ? 23  DG  B H21    1 
ATOM   537  H  H22    . DG  A 1 17 ? 15.239  4.485   5.609   1.00 76.88  ? 23  DG  B H22    1 
ATOM   538  P  P      . DA  A 1 18 ? 20.849  3.748   -1.187  1.00 103.27 ? 24  DA  B P      1 
ATOM   539  O  OP1    . DA  A 1 18 ? 21.203  4.868   -2.089  1.00 100.76 ? 24  DA  B OP1    1 
ATOM   540  O  OP2    . DA  A 1 18 ? 21.821  2.660   -0.936  1.00 99.50  ? 24  DA  B OP2    1 
ATOM   541  O  "O5'"  . DA  A 1 18 ? 20.415  4.349   0.228   1.00 81.31  ? 24  DA  B "O5'"  1 
ATOM   542  C  "C5'"  . DA  A 1 18 ? 21.399  4.734   1.163   1.00 86.66  ? 24  DA  B "C5'"  1 
ATOM   543  C  "C4'"  . DA  A 1 18 ? 20.847  5.753   2.136   1.00 86.87  ? 24  DA  B "C4'"  1 
ATOM   544  O  "O4'"  . DA  A 1 18 ? 19.714  5.179   2.843   1.00 76.18  ? 24  DA  B "O4'"  1 
ATOM   545  C  "C3'"  . DA  A 1 18 ? 21.821  6.197   3.214   1.00 89.24  ? 24  DA  B "C3'"  1 
ATOM   546  O  "O3'"  . DA  A 1 18 ? 21.585  7.551   3.572   1.00 89.63  ? 24  DA  B "O3'"  1 
ATOM   547  C  "C2'"  . DA  A 1 18 ? 21.532  5.227   4.352   1.00 83.48  ? 24  DA  B "C2'"  1 
ATOM   548  C  "C1'"  . DA  A 1 18 ? 20.036  4.982   4.211   1.00 76.93  ? 24  DA  B "C1'"  1 
ATOM   549  N  N9     . DA  A 1 18 ? 19.614  3.637   4.593   1.00 74.91  ? 24  DA  B N9     1 
ATOM   550  C  C8     . DA  A 1 18 ? 19.818  2.477   3.897   1.00 74.79  ? 24  DA  B C8     1 
ATOM   551  N  N7     . DA  A 1 18 ? 19.313  1.414   4.481   1.00 62.97  ? 24  DA  B N7     1 
ATOM   552  C  C5     . DA  A 1 18 ? 18.733  1.914   5.634   1.00 61.51  ? 24  DA  B C5     1 
ATOM   553  C  C6     . DA  A 1 18 ? 18.033  1.296   6.691   1.00 64.66  ? 24  DA  B C6     1 
ATOM   554  N  N6     . DA  A 1 18 ? 17.788  -0.018  6.745   1.00 64.92  ? 24  DA  B N6     1 
ATOM   555  N  N1     . DA  A 1 18 ? 17.588  2.087   7.691   1.00 66.11  ? 24  DA  B N1     1 
ATOM   556  C  C2     . DA  A 1 18 ? 17.833  3.402   7.632   1.00 63.83  ? 24  DA  B C2     1 
ATOM   557  N  N3     . DA  A 1 18 ? 18.481  4.093   6.697   1.00 62.34  ? 24  DA  B N3     1 
ATOM   558  C  C4     . DA  A 1 18 ? 18.909  3.282   5.718   1.00 65.35  ? 24  DA  B C4     1 
ATOM   559  H  "H5'"  . DA  A 1 18 ? 22.154  5.120   0.691   1.00 104.62 ? 24  DA  B "H5'"  1 
ATOM   560  H  "H5''" . DA  A 1 18 ? 21.696  3.952   1.654   1.00 104.62 ? 24  DA  B "H5''" 1 
ATOM   561  H  "H4'"  . DA  A 1 18 ? 20.548  6.531   1.641   1.00 104.86 ? 24  DA  B "H4'"  1 
ATOM   562  H  "H3'"  . DA  A 1 18 ? 22.733  6.085   2.904   1.00 107.71 ? 24  DA  B "H3'"  1 
ATOM   563  H  "H2'"  . DA  A 1 18 ? 22.028  4.403   4.236   1.00 100.80 ? 24  DA  B "H2'"  1 
ATOM   564  H  "H2''" . DA  A 1 18 ? 21.734  5.634   5.209   1.00 100.80 ? 24  DA  B "H2''" 1 
ATOM   565  H  "H1'"  . DA  A 1 18 ? 19.555  5.631   4.747   1.00 92.94  ? 24  DA  B "H1'"  1 
ATOM   566  H  H8     . DA  A 1 18 ? 20.275  2.443   3.088   1.00 90.37  ? 24  DA  B H8     1 
ATOM   567  H  H61    . DA  A 1 18 ? 17.352  -0.348  7.409   1.00 78.53  ? 24  DA  B H61    1 
ATOM   568  H  H62    . DA  A 1 18 ? 18.066  -0.534  6.114   1.00 78.53  ? 24  DA  B H62    1 
ATOM   569  H  H2     . DA  A 1 18 ? 17.508  3.903   8.345   1.00 77.21  ? 24  DA  B H2     1 
ATOM   570  P  P      . DC  A 1 19 ? 22.753  8.422   4.246   1.00 107.37 ? 25  DC  B P      1 
ATOM   571  O  OP1    . DC  A 1 19 ? 22.384  9.848   4.100   1.00 106.39 ? 25  DC  B OP1    1 
ATOM   572  O  OP2    . DC  A 1 19 ? 24.048  7.940   3.713   1.00 100.38 ? 25  DC  B OP2    1 
ATOM   573  O  "O5'"  . DC  A 1 19 ? 22.676  8.024   5.791   1.00 82.92  ? 25  DC  B "O5'"  1 
ATOM   574  C  "C5'"  . DC  A 1 19 ? 21.520  8.355   6.547   1.00 89.95  ? 25  DC  B "C5'"  1 
ATOM   575  C  "C4'"  . DC  A 1 19 ? 21.515  7.639   7.887   1.00 90.27  ? 25  DC  B "C4'"  1 
ATOM   576  O  "O4'"  . DC  A 1 19 ? 21.011  6.300   7.724   1.00 80.27  ? 25  DC  B "O4'"  1 
ATOM   577  C  "C3'"  . DC  A 1 19 ? 22.888  7.479   8.545   1.00 95.01  ? 25  DC  B "C3'"  1 
ATOM   578  O  "O3'"  . DC  A 1 19 ? 23.047  8.432   9.591   1.00 95.87  ? 25  DC  B "O3'"  1 
ATOM   579  C  "C2'"  . DC  A 1 19 ? 22.906  6.024   9.059   1.00 92.67  ? 25  DC  B "C2'"  1 
ATOM   580  C  "C1'"  . DC  A 1 19 ? 21.493  5.522   8.786   1.00 78.85  ? 25  DC  B "C1'"  1 
ATOM   581  N  N1     . DC  A 1 19 ? 21.403  4.081   8.398   1.00 70.11  ? 25  DC  B N1     1 
ATOM   582  C  C2     . DC  A 1 19 ? 20.666  3.197   9.192   1.00 67.40  ? 25  DC  B C2     1 
ATOM   583  O  O2     . DC  A 1 19 ? 20.114  3.621   10.214  1.00 67.16  ? 25  DC  B O2     1 
ATOM   584  N  N3     . DC  A 1 19 ? 20.577  1.897   8.821   1.00 65.71  ? 25  DC  B N3     1 
ATOM   585  C  C4     . DC  A 1 19 ? 21.186  1.475   7.715   1.00 71.27  ? 25  DC  B C4     1 
ATOM   586  N  N4     . DC  A 1 19 ? 21.068  0.184   7.391   1.00 78.77  ? 25  DC  B N4     1 
ATOM   587  C  C5     . DC  A 1 19 ? 21.938  2.361   6.886   1.00 68.71  ? 25  DC  B C5     1 
ATOM   588  C  C6     . DC  A 1 19 ? 22.017  3.643   7.260   1.00 68.86  ? 25  DC  B C6     1 
ATOM   589  H  "H5'"  . DC  A 1 19 ? 20.730  8.097   6.046   1.00 108.56 ? 25  DC  B "H5'"  1 
ATOM   590  H  "H5''" . DC  A 1 19 ? 21.503  9.313   6.697   1.00 108.56 ? 25  DC  B "H5''" 1 
ATOM   591  H  "H4'"  . DC  A 1 19 ? 20.932  8.121   8.495   1.00 108.95 ? 25  DC  B "H4'"  1 
ATOM   592  H  "H3'"  . DC  A 1 19 ? 23.585  7.600   7.882   1.00 114.63 ? 25  DC  B "H3'"  1 
ATOM   593  H  "H2'"  . DC  A 1 19 ? 23.554  5.497   8.566   1.00 111.83 ? 25  DC  B "H2'"  1 
ATOM   594  H  "H2''" . DC  A 1 19 ? 23.097  6.001   10.010  1.00 111.83 ? 25  DC  B "H2''" 1 
ATOM   595  H  "H1'"  . DC  A 1 19 ? 20.943  5.677   9.570   1.00 95.24  ? 25  DC  B "H1'"  1 
ATOM   596  H  H41    . DC  A 1 19 ? 21.450  -0.119  6.682   1.00 95.15  ? 25  DC  B H41    1 
ATOM   597  H  H42    . DC  A 1 19 ? 20.610  -0.345  7.892   1.00 95.15  ? 25  DC  B H42    1 
ATOM   598  H  H5     . DC  A 1 19 ? 22.359  2.058   6.113   1.00 83.08  ? 25  DC  B H5     1 
ATOM   599  H  H6     . DC  A 1 19 ? 22.501  4.243   6.740   1.00 83.26  ? 25  DC  B H6     1 
ATOM   600  P  P      . DT  A 1 20 ? 24.337  8.388   10.544  1.00 113.85 ? 26  DT  B P      1 
ATOM   601  O  OP1    . DT  A 1 20 ? 24.604  9.769   11.004  1.00 116.14 ? 26  DT  B OP1    1 
ATOM   602  O  OP2    . DT  A 1 20 ? 25.395  7.628   9.841   1.00 104.89 ? 26  DT  B OP2    1 
ATOM   603  O  "O5'"  . DT  A 1 20 ? 23.851  7.513   11.789  1.00 96.99  ? 26  DT  B "O5'"  1 
ATOM   604  C  "C5'"  . DT  A 1 20 ? 22.565  7.745   12.351  1.00 98.45  ? 26  DT  B "C5'"  1 
ATOM   605  C  "C4'"  . DT  A 1 20 ? 22.317  6.827   13.532  1.00 105.50 ? 26  DT  B "C4'"  1 
ATOM   606  O  "O4'"  . DT  A 1 20 ? 21.964  5.503   13.047  1.00 99.89  ? 26  DT  B "O4'"  1 
ATOM   607  C  "C3'"  . DT  A 1 20 ? 23.519  6.646   14.460  1.00 109.84 ? 26  DT  B "C3'"  1 
ATOM   608  O  "O3'"  . DT  A 1 20 ? 23.142  6.876   15.811  1.00 109.95 ? 26  DT  B "O3'"  1 
ATOM   609  C  "C2'"  . DT  A 1 20 ? 23.972  5.206   14.216  1.00 105.21 ? 26  DT  B "C2'"  1 
ATOM   610  C  "C1'"  . DT  A 1 20 ? 22.700  4.521   13.741  1.00 95.67  ? 26  DT  B "C1'"  1 
ATOM   611  N  N1     . DT  A 1 20 ? 22.928  3.362   12.820  1.00 85.45  ? 26  DT  B N1     1 
ATOM   612  C  C2     . DT  A 1 20 ? 22.335  2.151   13.103  1.00 87.29  ? 26  DT  B C2     1 
ATOM   613  O  O2     . DT  A 1 20 ? 21.633  1.961   14.082  1.00 91.13  ? 26  DT  B O2     1 
ATOM   614  N  N3     . DT  A 1 20 ? 22.596  1.161   12.195  1.00 80.61  ? 26  DT  B N3     1 
ATOM   615  C  C4     . DT  A 1 20 ? 23.371  1.256   11.055  1.00 78.84  ? 26  DT  B C4     1 
ATOM   616  O  O4     . DT  A 1 20 ? 23.547  0.305   10.299  1.00 77.05  ? 26  DT  B O4     1 
ATOM   617  C  C5     . DT  A 1 20 ? 23.961  2.553   10.814  1.00 79.47  ? 26  DT  B C5     1 
ATOM   618  C  C7     . DT  A 1 20 ? 24.823  2.775   9.606   1.00 73.71  ? 26  DT  B C7     1 
ATOM   619  C  C6     . DT  A 1 20 ? 23.711  3.535   11.696  1.00 80.27  ? 26  DT  B C6     1 
ATOM   620  H  "H5'"  . DT  A 1 20 ? 21.888  7.584   11.675  1.00 118.77 ? 26  DT  B "H5'"  1 
ATOM   621  H  "H5''" . DT  A 1 20 ? 22.508  8.666   12.647  1.00 118.77 ? 26  DT  B "H5''" 1 
ATOM   622  H  "H4'"  . DT  A 1 20 ? 21.573  7.177   14.048  1.00 127.23 ? 26  DT  B "H4'"  1 
ATOM   623  H  "H3'"  . DT  A 1 20 ? 24.225  7.260   14.206  1.00 132.43 ? 26  DT  B "H3'"  1 
ATOM   624  H  "H2'"  . DT  A 1 20 ? 24.655  5.174   13.529  1.00 126.87 ? 26  DT  B "H2'"  1 
ATOM   625  H  "H2''" . DT  A 1 20 ? 24.291  4.803   15.039  1.00 126.87 ? 26  DT  B "H2''" 1 
ATOM   626  H  "H1'"  . DT  A 1 20 ? 22.189  4.224   14.511  1.00 115.43 ? 26  DT  B "H1'"  1 
ATOM   627  H  H3     . DT  A 1 20 ? 22.239  0.394   12.352  1.00 97.36  ? 26  DT  B H3     1 
ATOM   628  H  H71    . DT  A 1 20 ? 24.899  1.946   9.107   1.00 89.08  ? 26  DT  B H71    1 
ATOM   629  H  H72    . DT  A 1 20 ? 24.421  3.456   9.043   1.00 89.08  ? 26  DT  B H72    1 
ATOM   630  H  H73    . DT  A 1 20 ? 25.704  3.066   9.887   1.00 89.08  ? 26  DT  B H73    1 
ATOM   631  H  H6     . DT  A 1 20 ? 24.090  4.370   11.544  1.00 96.95  ? 26  DT  B H6     1 
ATOM   632  P  P      . DC  A 1 21 ? 24.265  6.995   16.953  1.00 122.85 ? 27  DC  B P      1 
ATOM   633  O  OP1    . DC  A 1 21 ? 23.751  7.910   17.997  1.00 121.91 ? 27  DC  B OP1    1 
ATOM   634  O  OP2    . DC  A 1 21 ? 25.554  7.287   16.286  1.00 107.18 ? 27  DC  B OP2    1 
ATOM   635  O  "O5'"  . DC  A 1 21 ? 24.347  5.516   17.552  1.00 107.99 ? 27  DC  B "O5'"  1 
ATOM   636  C  "C5'"  . DC  A 1 21 ? 23.169  4.881   18.026  1.00 103.07 ? 27  DC  B "C5'"  1 
ATOM   637  C  "C4'"  . DC  A 1 21 ? 23.413  3.405   18.279  1.00 104.77 ? 27  DC  B "C4'"  1 
ATOM   638  O  "O4'"  . DC  A 1 21 ? 23.636  2.732   17.019  1.00 99.92  ? 27  DC  B "O4'"  1 
ATOM   639  C  "C3'"  . DC  A 1 21 ? 24.639  3.097   19.145  1.00 109.64 ? 27  DC  B "C3'"  1 
ATOM   640  O  "O3'"  . DC  A 1 21 ? 24.243  2.593   20.416  1.00 114.40 ? 27  DC  B "O3'"  1 
ATOM   641  C  "C2'"  . DC  A 1 21 ? 25.441  2.064   18.337  1.00 101.42 ? 27  DC  B "C2'"  1 
ATOM   642  C  "C1'"  . DC  A 1 21 ? 24.477  1.632   17.242  1.00 91.31  ? 27  DC  B "C1'"  1 
ATOM   643  N  N1     . DC  A 1 21 ? 25.140  1.263   15.954  1.00 85.58  ? 27  DC  B N1     1 
ATOM   644  C  C2     . DC  A 1 21 ? 24.978  -0.028  15.435  1.00 80.12  ? 27  DC  B C2     1 
ATOM   645  O  O2     . DC  A 1 21 ? 24.287  -0.847  16.054  1.00 77.41  ? 27  DC  B O2     1 
ATOM   646  N  N3     . DC  A 1 21 ? 25.584  -0.346  14.264  1.00 76.31  ? 27  DC  B N3     1 
ATOM   647  C  C4     . DC  A 1 21 ? 26.321  0.564   13.626  1.00 83.55  ? 27  DC  B C4     1 
ATOM   648  N  N4     . DC  A 1 21 ? 26.899  0.203   12.475  1.00 84.19  ? 27  DC  B N4     1 
ATOM   649  C  C5     . DC  A 1 21 ? 26.498  1.883   14.137  1.00 86.36  ? 27  DC  B C5     1 
ATOM   650  C  C6     . DC  A 1 21 ? 25.894  2.186   15.292  1.00 86.24  ? 27  DC  B C6     1 
ATOM   651  H  "H5'"  . DC  A 1 21 ? 22.466  4.978   17.365  1.00 124.30 ? 27  DC  B "H5'"  1 
ATOM   652  H  "H5''" . DC  A 1 21 ? 22.889  5.303   18.853  1.00 124.30 ? 27  DC  B "H5''" 1 
ATOM   653  H  "H4'"  . DC  A 1 21 ? 22.627  3.026   18.702  1.00 126.34 ? 27  DC  B "H4'"  1 
ATOM   654  H  "H3'"  . DC  A 1 21 ? 25.168  3.902   19.261  1.00 132.19 ? 27  DC  B "H3'"  1 
ATOM   655  H  "HO3'" . DC  A 1 21 ? 24.461  3.002   21.116  1.00 137.90 ? 27  DC  B "HO3'" 1 
ATOM   656  H  "H2'"  . DC  A 1 21 ? 26.232  2.473   17.952  1.00 122.32 ? 27  DC  B "H2'"  1 
ATOM   657  H  "H2''" . DC  A 1 21 ? 25.683  1.309   18.896  1.00 122.32 ? 27  DC  B "H2''" 1 
ATOM   658  H  "H1'"  . DC  A 1 21 ? 23.948  0.882   17.557  1.00 110.19 ? 27  DC  B "H1'"  1 
ATOM   659  H  H41    . DC  A 1 21 ? 27.381  0.767   12.041  1.00 101.65 ? 27  DC  B H41    1 
ATOM   660  H  H42    . DC  A 1 21 ? 26.789  -0.594  12.169  1.00 101.65 ? 27  DC  B H42    1 
ATOM   661  H  H5     . DC  A 1 21 ? 27.014  2.511   13.684  1.00 104.25 ? 27  DC  B H5     1 
ATOM   662  H  H6     . DC  A 1 21 ? 25.992  3.039   15.650  1.00 104.11 ? 27  DC  B H6     1 
ATOM   663  O  "O5'"  . DT  B 2 1  ? 34.491  -3.081  6.702   1.00 96.19  ? 28  DT  C "O5'"  1 
ATOM   664  C  "C5'"  . DT  B 2 1  ? 33.398  -3.911  6.326   1.00 100.66 ? 28  DT  C "C5'"  1 
ATOM   665  C  "C4'"  . DT  B 2 1  ? 33.638  -5.349  6.749   1.00 97.84  ? 28  DT  C "C4'"  1 
ATOM   666  O  "O4'"  . DT  B 2 1  ? 34.375  -5.355  7.995   1.00 91.70  ? 28  DT  C "O4'"  1 
ATOM   667  C  "C3'"  . DT  B 2 1  ? 32.368  -6.165  6.976   1.00 100.04 ? 28  DT  C "C3'"  1 
ATOM   668  O  "O3'"  . DT  B 2 1  ? 32.131  -7.034  5.870   1.00 107.28 ? 28  DT  C "O3'"  1 
ATOM   669  C  "C2'"  . DT  B 2 1  ? 32.627  -6.944  8.264   1.00 93.28  ? 28  DT  C "C2'"  1 
ATOM   670  C  "C1'"  . DT  B 2 1  ? 33.756  -6.187  8.954   1.00 93.53  ? 28  DT  C "C1'"  1 
ATOM   671  N  N1     . DT  B 2 1  ? 33.320  -5.334  10.106  1.00 89.70  ? 28  DT  C N1     1 
ATOM   672  C  C2     . DT  B 2 1  ? 32.777  -5.933  11.219  1.00 87.53  ? 28  DT  C C2     1 
ATOM   673  O  O2     . DT  B 2 1  ? 32.600  -7.134  11.311  1.00 88.35  ? 28  DT  C O2     1 
ATOM   674  N  N3     . DT  B 2 1  ? 32.432  -5.069  12.224  1.00 87.90  ? 28  DT  C N3     1 
ATOM   675  C  C4     . DT  B 2 1  ? 32.583  -3.694  12.232  1.00 85.76  ? 28  DT  C C4     1 
ATOM   676  O  O4     . DT  B 2 1  ? 32.242  -3.003  13.186  1.00 80.69  ? 28  DT  C O4     1 
ATOM   677  C  C5     . DT  B 2 1  ? 33.170  -3.130  11.039  1.00 79.64  ? 28  DT  C C5     1 
ATOM   678  C  C7     . DT  B 2 1  ? 33.381  -1.648  10.931  1.00 74.98  ? 28  DT  C C7     1 
ATOM   679  C  C6     . DT  B 2 1  ? 33.512  -3.967  10.047  1.00 85.64  ? 28  DT  C C6     1 
ATOM   680  H  "H5'"  . DT  B 2 1  ? 33.288  -3.877  5.362   1.00 121.42 ? 28  DT  C "H5'"  1 
ATOM   681  H  "H5''" . DT  B 2 1  ? 32.590  -3.584  6.750   1.00 121.42 ? 28  DT  C "H5''" 1 
ATOM   682  H  "H4'"  . DT  B 2 1  ? 34.172  -5.789  6.068   1.00 118.03 ? 28  DT  C "H4'"  1 
ATOM   683  H  "H3'"  . DT  B 2 1  ? 31.611  -5.571  7.098   1.00 120.67 ? 28  DT  C "H3'"  1 
ATOM   684  H  "H2'"  . DT  B 2 1  ? 31.833  -6.947  8.822   1.00 112.56 ? 28  DT  C "H2'"  1 
ATOM   685  H  "H2''" . DT  B 2 1  ? 32.902  -7.850  8.060   1.00 112.56 ? 28  DT  C "H2''" 1 
ATOM   686  H  "H1'"  . DT  B 2 1  ? 34.409  -6.829  9.274   1.00 112.86 ? 28  DT  C "H1'"  1 
ATOM   687  H  H3     . DT  B 2 1  ? 32.085  -5.420  12.927  1.00 106.10 ? 28  DT  C H3     1 
ATOM   688  H  H71    . DT  B 2 1  ? 34.327  -1.464  10.816  1.00 90.60  ? 28  DT  C H71    1 
ATOM   689  H  H72    . DT  B 2 1  ? 32.889  -1.307  10.168  1.00 90.60  ? 28  DT  C H72    1 
ATOM   690  H  H73    . DT  B 2 1  ? 33.064  -1.217  11.740  1.00 90.60  ? 28  DT  C H73    1 
ATOM   691  H  H6     . DT  B 2 1  ? 33.889  -3.608  9.277   1.00 103.39 ? 28  DT  C H6     1 
ATOM   692  H  "HO5'" . DT  B 2 1  ? 34.849  -3.174  7.457   1.00 116.05 ? 28  DT  C "HO5'" 1 
ATOM   693  P  P      . DC  B 2 2  ? 30.642  -7.253  5.310   1.00 114.87 ? 29  DC  C P      1 
ATOM   694  O  OP1    . DC  B 2 2  ? 30.727  -8.229  4.200   1.00 85.88  ? 29  DC  C OP1    1 
ATOM   695  O  OP2    . DC  B 2 2  ? 30.051  -5.918  5.070   1.00 111.87 ? 29  DC  C OP2    1 
ATOM   696  O  "O5'"  . DC  B 2 2  ? 29.860  -7.926  6.534   1.00 107.08 ? 29  DC  C "O5'"  1 
ATOM   697  C  "C5'"  . DC  B 2 2  ? 30.276  -9.194  7.036   1.00 107.83 ? 29  DC  C "C5'"  1 
ATOM   698  C  "C4'"  . DC  B 2 2  ? 29.618  -9.493  8.372   1.00 108.25 ? 29  DC  C "C4'"  1 
ATOM   699  O  "O4'"  . DC  B 2 2  ? 29.984  -8.457  9.326   1.00 106.42 ? 29  DC  C "O4'"  1 
ATOM   700  C  "C3'"  . DC  B 2 2  ? 28.085  -9.532  8.340   1.00 113.07 ? 29  DC  C "C3'"  1 
ATOM   701  O  "O3'"  . DC  B 2 2  ? 27.589  -10.721 8.962   1.00 119.21 ? 29  DC  C "O3'"  1 
ATOM   702  C  "C2'"  . DC  B 2 2  ? 27.665  -8.270  9.087   1.00 109.29 ? 29  DC  C "C2'"  1 
ATOM   703  C  "C1'"  . DC  B 2 2  ? 28.838  -8.013  10.016  1.00 100.60 ? 29  DC  C "C1'"  1 
ATOM   704  N  N1     . DC  B 2 2  ? 29.016  -6.571  10.375  1.00 84.58  ? 29  DC  C N1     1 
ATOM   705  C  C2     . DC  B 2 2  ? 28.667  -6.124  11.657  1.00 76.91  ? 29  DC  C C2     1 
ATOM   706  O  O2     . DC  B 2 2  ? 28.218  -6.933  12.480  1.00 78.85  ? 29  DC  C O2     1 
ATOM   707  N  N3     . DC  B 2 2  ? 28.831  -4.812  11.963  1.00 73.01  ? 29  DC  C N3     1 
ATOM   708  C  C4     . DC  B 2 2  ? 29.318  -3.969  11.050  1.00 77.36  ? 29  DC  C C4     1 
ATOM   709  N  N4     . DC  B 2 2  ? 29.462  -2.686  11.397  1.00 73.80  ? 29  DC  C N4     1 
ATOM   710  C  C5     . DC  B 2 2  ? 29.675  -4.405  9.740   1.00 84.87  ? 29  DC  C C5     1 
ATOM   711  C  C6     . DC  B 2 2  ? 29.508  -5.699  9.448   1.00 89.11  ? 29  DC  C C6     1 
ATOM   712  H  "H5'"  . DC  B 2 2  ? 31.239  -9.191  7.148   1.00 130.02 ? 29  DC  C "H5'"  1 
ATOM   713  H  "H5''" . DC  B 2 2  ? 30.031  -9.883  6.399   1.00 130.02 ? 29  DC  C "H5''" 1 
ATOM   714  H  "H4'"  . DC  B 2 2  ? 29.946  -10.346 8.695   1.00 130.52 ? 29  DC  C "H4'"  1 
ATOM   715  H  "H3'"  . DC  B 2 2  ? 27.775  -9.488  7.421   1.00 136.31 ? 29  DC  C "H3'"  1 
ATOM   716  H  "H2'"  . DC  B 2 2  ? 27.547  -7.531  8.471   1.00 131.77 ? 29  DC  C "H2'"  1 
ATOM   717  H  "H2''" . DC  B 2 2  ? 26.854  -8.428  9.596   1.00 131.77 ? 29  DC  C "H2''" 1 
ATOM   718  H  "H1'"  . DC  B 2 2  ? 28.728  -8.536  10.825  1.00 121.34 ? 29  DC  C "H1'"  1 
ATOM   719  H  H41    . DC  B 2 2  ? 29.773  -2.120  10.830  1.00 89.19  ? 29  DC  C H41    1 
ATOM   720  H  H42    . DC  B 2 2  ? 29.245  -2.428  12.188  1.00 89.19  ? 29  DC  C H42    1 
ATOM   721  H  H5     . DC  B 2 2  ? 30.013  -3.809  9.110   1.00 102.46 ? 29  DC  C H5     1 
ATOM   722  H  H6     . DC  B 2 2  ? 29.734  -6.010  8.602   1.00 107.55 ? 29  DC  C H6     1 
ATOM   723  P  P      . DG  B 2 3  ? 26.024  -11.085 8.880   1.00 133.78 ? 30  DG  C P      1 
ATOM   724  O  OP1    . DG  B 2 3  ? 25.895  -12.295 8.038   1.00 133.59 ? 30  DG  C OP1    1 
ATOM   725  O  OP2    . DG  B 2 3  ? 25.285  -9.858  8.508   1.00 116.04 ? 30  DG  C OP2    1 
ATOM   726  O  "O5'"  . DG  B 2 3  ? 25.630  -11.462 10.388  1.00 123.84 ? 30  DG  C "O5'"  1 
ATOM   727  C  "C5'"  . DG  B 2 3  ? 26.204  -10.746 11.478  1.00 116.92 ? 30  DG  C "C5'"  1 
ATOM   728  C  "C4'"  . DG  B 2 3  ? 25.147  -10.012 12.288  1.00 113.56 ? 30  DG  C "C4'"  1 
ATOM   729  O  "O4'"  . DG  B 2 3  ? 25.592  -8.657  12.498  1.00 109.18 ? 30  DG  C "O4'"  1 
ATOM   730  C  "C3'"  . DG  B 2 3  ? 23.766  -9.915  11.635  1.00 104.61 ? 30  DG  C "C3'"  1 
ATOM   731  O  "O3'"  . DG  B 2 3  ? 22.847  -10.803 12.277  1.00 119.08 ? 30  DG  C "O3'"  1 
ATOM   732  C  "C2'"  . DG  B 2 3  ? 23.352  -8.446  11.787  1.00 93.65  ? 30  DG  C "C2'"  1 
ATOM   733  C  "C1'"  . DG  B 2 3  ? 24.497  -7.779  12.539  1.00 83.91  ? 30  DG  C "C1'"  1 
ATOM   734  N  N9     . DG  B 2 3  ? 24.919  -6.507  11.961  1.00 68.60  ? 30  DG  C N9     1 
ATOM   735  C  C8     . DG  B 2 3  ? 25.496  -6.309  10.730  1.00 69.29  ? 30  DG  C C8     1 
ATOM   736  N  N7     . DG  B 2 3  ? 25.783  -5.062  10.485  1.00 64.75  ? 30  DG  C N7     1 
ATOM   737  C  C5     . DG  B 2 3  ? 25.376  -4.389  11.629  1.00 63.82  ? 30  DG  C C5     1 
ATOM   738  C  C6     . DG  B 2 3  ? 25.434  -3.011  11.945  1.00 64.23  ? 30  DG  C C6     1 
ATOM   739  O  O6     . DG  B 2 3  ? 25.873  -2.083  11.251  1.00 63.18  ? 30  DG  C O6     1 
ATOM   740  N  N1     . DG  B 2 3  ? 24.915  -2.750  13.210  1.00 62.99  ? 30  DG  C N1     1 
ATOM   741  C  C2     . DG  B 2 3  ? 24.403  -3.702  14.061  1.00 66.12  ? 30  DG  C C2     1 
ATOM   742  N  N2     . DG  B 2 3  ? 23.948  -3.260  15.242  1.00 65.51  ? 30  DG  C N2     1 
ATOM   743  N  N3     . DG  B 2 3  ? 24.343  -4.997  13.778  1.00 63.99  ? 30  DG  C N3     1 
ATOM   744  C  C4     . DG  B 2 3  ? 24.845  -5.266  12.549  1.00 63.71  ? 30  DG  C C4     1 
ATOM   745  H  "H5'"  . DG  B 2 3  ? 26.841  -10.101 11.131  1.00 140.93 ? 30  DG  C "H5'"  1 
ATOM   746  H  "H5''" . DG  B 2 3  ? 26.669  -11.370 12.056  1.00 140.93 ? 30  DG  C "H5''" 1 
ATOM   747  H  "H4'"  . DG  B 2 3  ? 25.055  -10.448 13.150  1.00 136.89 ? 30  DG  C "H4'"  1 
ATOM   748  H  "H3'"  . DG  B 2 3  ? 23.834  -10.139 10.694  1.00 126.15 ? 30  DG  C "H3'"  1 
ATOM   749  H  "H2'"  . DG  B 2 3  ? 23.240  -8.036  10.914  1.00 113.00 ? 30  DG  C "H2'"  1 
ATOM   750  H  "H2''" . DG  B 2 3  ? 22.530  -8.380  12.297  1.00 113.00 ? 30  DG  C "H2''" 1 
ATOM   751  H  "H1'"  . DG  B 2 3  ? 24.233  -7.639  13.462  1.00 101.32 ? 30  DG  C "H1'"  1 
ATOM   752  H  H8     . DG  B 2 3  ? 25.662  -6.998  10.129  1.00 83.78  ? 30  DG  C H8     1 
ATOM   753  H  H1     . DG  B 2 3  ? 24.913  -1.933  13.479  1.00 76.21  ? 30  DG  C H1     1 
ATOM   754  H  H21    . DG  B 2 3  ? 23.621  -3.814  15.811  1.00 79.24  ? 30  DG  C H21    1 
ATOM   755  H  H22    . DG  B 2 3  ? 23.985  -2.422  15.430  1.00 79.24  ? 30  DG  C H22    1 
ATOM   756  P  P      . DA  B 2 4  ? 21.288  -10.789 11.881  1.00 136.55 ? 31  DA  C P      1 
ATOM   757  O  OP1    . DA  B 2 4  ? 20.720  -12.104 12.252  1.00 127.80 ? 31  DA  C OP1    1 
ATOM   758  O  OP2    . DA  B 2 4  ? 21.184  -10.309 10.486  1.00 122.71 ? 31  DA  C OP2    1 
ATOM   759  O  "O5'"  . DA  B 2 4  ? 20.651  -9.670  12.833  1.00 102.91 ? 31  DA  C "O5'"  1 
ATOM   760  C  "C5'"  . DA  B 2 4  ? 20.833  -9.749  14.242  1.00 100.59 ? 31  DA  C "C5'"  1 
ATOM   761  C  "C4'"  . DA  B 2 4  ? 20.322  -8.496  14.935  1.00 101.25 ? 31  DA  C "C4'"  1 
ATOM   762  O  "O4'"  . DA  B 2 4  ? 21.091  -7.342  14.484  1.00 90.25  ? 31  DA  C "O4'"  1 
ATOM   763  C  "C3'"  . DA  B 2 4  ? 18.853  -8.158  14.663  1.00 96.62  ? 31  DA  C "C3'"  1 
ATOM   764  O  "O3'"  . DA  B 2 4  ? 18.203  -7.759  15.871  1.00 90.84  ? 31  DA  C "O3'"  1 
ATOM   765  C  "C2'"  . DA  B 2 4  ? 18.938  -7.029  13.640  1.00 85.72  ? 31  DA  C "C2'"  1 
ATOM   766  C  "C1'"  . DA  B 2 4  ? 20.211  -6.319  14.062  1.00 79.88  ? 31  DA  C "C1'"  1 
ATOM   767  N  N9     . DA  B 2 4  ? 20.856  -5.554  12.996  1.00 69.24  ? 31  DA  C N9     1 
ATOM   768  C  C8     . DA  B 2 4  ? 21.363  -6.039  11.824  1.00 68.30  ? 31  DA  C C8     1 
ATOM   769  N  N7     . DA  B 2 4  ? 21.896  -5.120  11.055  1.00 61.51  ? 31  DA  C N7     1 
ATOM   770  C  C5     . DA  B 2 4  ? 21.725  -3.949  11.771  1.00 57.87  ? 31  DA  C C5     1 
ATOM   771  C  C6     . DA  B 2 4  ? 22.073  -2.612  11.498  1.00 55.86  ? 31  DA  C C6     1 
ATOM   772  N  N6     . DA  B 2 4  ? 22.691  -2.229  10.375  1.00 62.38  ? 31  DA  C N6     1 
ATOM   773  N  N1     . DA  B 2 4  ? 21.757  -1.681  12.422  1.00 57.12  ? 31  DA  C N1     1 
ATOM   774  C  C2     . DA  B 2 4  ? 21.139  -2.071  13.544  1.00 66.28  ? 31  DA  C C2     1 
ATOM   775  N  N3     . DA  B 2 4  ? 20.761  -3.296  13.913  1.00 64.22  ? 31  DA  C N3     1 
ATOM   776  C  C4     . DA  B 2 4  ? 21.088  -4.197  12.972  1.00 63.84  ? 31  DA  C C4     1 
ATOM   777  H  "H5'"  . DA  B 2 4  ? 21.778  -9.855  14.435  1.00 121.33 ? 31  DA  C "H5'"  1 
ATOM   778  H  "H5''" . DA  B 2 4  ? 20.351  -10.518 14.582  1.00 121.33 ? 31  DA  C "H5''" 1 
ATOM   779  H  "H4'"  . DA  B 2 4  ? 20.446  -8.598  15.891  1.00 122.12 ? 31  DA  C "H4'"  1 
ATOM   780  H  "H3'"  . DA  B 2 4  ? 18.402  -8.925  14.277  1.00 116.57 ? 31  DA  C "H3'"  1 
ATOM   781  H  "H2'"  . DA  B 2 4  ? 19.021  -7.382  12.741  1.00 103.49 ? 31  DA  C "H2'"  1 
ATOM   782  H  "H2''" . DA  B 2 4  ? 18.173  -6.438  13.714  1.00 103.49 ? 31  DA  C "H2''" 1 
ATOM   783  H  "H1'"  . DA  B 2 4  ? 20.020  -5.731  14.809  1.00 96.48  ? 31  DA  C "H1'"  1 
ATOM   784  H  H8     . DA  B 2 4  ? 21.340  -6.940  11.596  1.00 82.58  ? 31  DA  C H8     1 
ATOM   785  H  H61    . DA  B 2 4  ? 22.881  -1.400  10.250  1.00 75.49  ? 31  DA  C H61    1 
ATOM   786  H  H62    . DA  B 2 4  ? 22.898  -2.812  9.778   1.00 75.49  ? 31  DA  C H62    1 
ATOM   787  H  H2     . DA  B 2 4  ? 20.942  -1.393  14.149  1.00 80.16  ? 31  DA  C H2     1 
ATOM   788  P  P      . DG  B 2 5  ? 16.600  -7.660  15.947  1.00 100.72 ? 32  DG  C P      1 
ATOM   789  O  OP1    . DG  B 2 5  ? 16.148  -8.538  17.050  1.00 106.55 ? 32  DG  C OP1    1 
ATOM   790  O  OP2    . DG  B 2 5  ? 16.073  -7.855  14.578  1.00 96.48  ? 32  DG  C OP2    1 
ATOM   791  O  "O5'"  . DG  B 2 5  ? 16.337  -6.137  16.360  1.00 93.49  ? 32  DG  C "O5'"  1 
ATOM   792  C  "C5'"  . DG  B 2 5  ? 16.922  -5.106  15.592  1.00 81.52  ? 32  DG  C "C5'"  1 
ATOM   793  C  "C4'"  . DG  B 2 5  ? 16.670  -3.739  16.194  1.00 83.06  ? 32  DG  C "C4'"  1 
ATOM   794  O  "O4'"  . DG  B 2 5  ? 17.573  -2.794  15.574  1.00 78.82  ? 32  DG  C "O4'"  1 
ATOM   795  C  "C3'"  . DG  B 2 5  ? 15.287  -3.165  15.942  1.00 84.43  ? 32  DG  C "C3'"  1 
ATOM   796  O  "O3'"  . DG  B 2 5  ? 14.949  -2.163  16.910  1.00 91.46  ? 32  DG  C "O3'"  1 
ATOM   797  C  "C2'"  . DG  B 2 5  ? 15.440  -2.589  14.545  1.00 79.90  ? 32  DG  C "C2'"  1 
ATOM   798  C  "C1'"  . DG  B 2 5  ? 16.900  -2.124  14.520  1.00 70.06  ? 32  DG  C "C1'"  1 
ATOM   799  N  N9     . DG  B 2 5  ? 17.572  -2.414  13.254  1.00 67.86  ? 32  DG  C N9     1 
ATOM   800  C  C8     . DG  B 2 5  ? 17.748  -3.645  12.664  1.00 68.06  ? 32  DG  C C8     1 
ATOM   801  N  N7     . DG  B 2 5  ? 18.366  -3.587  11.516  1.00 55.05  ? 32  DG  C N7     1 
ATOM   802  C  C5     . DG  B 2 5  ? 18.606  -2.231  11.329  1.00 56.16  ? 32  DG  C C5     1 
ATOM   803  C  C6     . DG  B 2 5  ? 19.245  -1.555  10.262  1.00 64.97  ? 32  DG  C C6     1 
ATOM   804  O  O6     . DG  B 2 5  ? 19.744  -2.037  9.235   1.00 62.56  ? 32  DG  C O6     1 
ATOM   805  N  N1     . DG  B 2 5  ? 19.277  -0.178  10.471  1.00 66.24  ? 32  DG  C N1     1 
ATOM   806  C  C2     . DG  B 2 5  ? 18.758  0.462   11.571  1.00 65.98  ? 32  DG  C C2     1 
ATOM   807  N  N2     . DG  B 2 5  ? 18.882  1.797   11.598  1.00 69.39  ? 32  DG  C N2     1 
ATOM   808  N  N3     . DG  B 2 5  ? 18.157  -0.158  12.575  1.00 61.06  ? 32  DG  C N3     1 
ATOM   809  C  C4     . DG  B 2 5  ? 18.119  -1.498  12.388  1.00 61.03  ? 32  DG  C C4     1 
ATOM   810  H  "H5'"  . DG  B 2 5  ? 16.549  -5.130  14.697  1.00 98.45  ? 32  DG  C "H5'"  1 
ATOM   811  H  "H5''" . DG  B 2 5  ? 17.879  -5.256  15.538  1.00 98.45  ? 32  DG  C "H5''" 1 
ATOM   812  H  "H4'"  . DG  B 2 5  ? 16.840  -3.769  17.149  1.00 100.29 ? 32  DG  C "H4'"  1 
ATOM   813  H  "H3'"  . DG  B 2 5  ? 14.624  -3.873  15.942  1.00 101.93 ? 32  DG  C "H3'"  1 
ATOM   814  H  "H2'"  . DG  B 2 5  ? 15.287  -3.274  13.874  1.00 96.50  ? 32  DG  C "H2'"  1 
ATOM   815  H  "H2''" . DG  B 2 5  ? 14.839  -1.839  14.416  1.00 96.50  ? 32  DG  C "H2''" 1 
ATOM   816  H  "H1'"  . DG  B 2 5  ? 16.931  -1.167  14.684  1.00 84.69  ? 32  DG  C "H1'"  1 
ATOM   817  H  H8     . DG  B 2 5  ? 17.459  -4.441  13.048  1.00 82.29  ? 32  DG  C H8     1 
ATOM   818  H  H1     . DG  B 2 5  ? 19.651  0.307   9.868   1.00 80.11  ? 32  DG  C H1     1 
ATOM   819  H  H21    . DG  B 2 5  ? 18.573  2.244   12.265  1.00 83.89  ? 32  DG  C H21    1 
ATOM   820  H  H22    . DG  B 2 5  ? 19.269  2.206   10.949  1.00 83.89  ? 32  DG  C H22    1 
ATOM   821  P  P      . DT  B 2 6  ? 13.475  -1.516  16.930  1.00 100.18 ? 33  DT  C P      1 
ATOM   822  O  OP1    . DT  B 2 6  ? 12.927  -1.681  18.293  1.00 94.65  ? 33  DT  C OP1    1 
ATOM   823  O  OP2    . DT  B 2 6  ? 12.732  -2.049  15.765  1.00 78.51  ? 33  DT  C OP2    1 
ATOM   824  O  "O5'"  . DT  B 2 6  ? 13.728  0.044   16.667  1.00 88.53  ? 33  DT  C "O5'"  1 
ATOM   825  C  "C5'"  . DT  B 2 6  ? 14.346  0.460   15.462  1.00 76.75  ? 33  DT  C "C5'"  1 
ATOM   826  C  "C4'"  . DT  B 2 6  ? 14.412  1.971   15.358  1.00 76.72  ? 33  DT  C "C4'"  1 
ATOM   827  O  "O4'"  . DT  B 2 6  ? 15.370  2.327   14.327  1.00 73.07  ? 33  DT  C "O4'"  1 
ATOM   828  C  "C3'"  . DT  B 2 6  ? 13.111  2.648   14.950  1.00 71.82  ? 33  DT  C "C3'"  1 
ATOM   829  O  "O3'"  . DT  B 2 6  ? 13.016  3.966   15.489  1.00 73.29  ? 33  DT  C "O3'"  1 
ATOM   830  C  "C2'"  . DT  B 2 6  ? 13.194  2.653   13.432  1.00 64.38  ? 33  DT  C "C2'"  1 
ATOM   831  C  "C1'"  . DT  B 2 6  ? 14.694  2.759   13.158  1.00 59.69  ? 33  DT  C "C1'"  1 
ATOM   832  N  N1     . DT  B 2 6  ? 15.137  1.923   11.998  1.00 58.08  ? 33  DT  C N1     1 
ATOM   833  C  C2     . DT  B 2 6  ? 15.701  2.536   10.902  1.00 59.18  ? 33  DT  C C2     1 
ATOM   834  O  O2     . DT  B 2 6  ? 15.880  3.738   10.825  1.00 58.42  ? 33  DT  C O2     1 
ATOM   835  N  N3     . DT  B 2 6  ? 16.053  1.686   9.888   1.00 57.30  ? 33  DT  C N3     1 
ATOM   836  C  C4     . DT  B 2 6  ? 15.896  0.313   9.859   1.00 60.32  ? 33  DT  C C4     1 
ATOM   837  O  O4     . DT  B 2 6  ? 16.247  -0.367  8.899   1.00 63.84  ? 33  DT  C O4     1 
ATOM   838  C  C5     . DT  B 2 6  ? 15.295  -0.265  11.036  1.00 55.50  ? 33  DT  C C5     1 
ATOM   839  C  C7     . DT  B 2 6  ? 15.070  -1.745  11.115  1.00 53.26  ? 33  DT  C C7     1 
ATOM   840  C  C6     . DT  B 2 6  ? 14.944  0.557   12.036  1.00 53.39  ? 33  DT  C C6     1 
ATOM   841  H  "H5'"  . DT  B 2 6  ? 13.839  0.114   14.711  1.00 92.72  ? 33  DT  C "H5'"  1 
ATOM   842  H  "H5''" . DT  B 2 6  ? 15.246  0.101   15.428  1.00 92.72  ? 33  DT  C "H5''" 1 
ATOM   843  H  "H4'"  . DT  B 2 6  ? 14.709  2.336   16.207  1.00 92.69  ? 33  DT  C "H4'"  1 
ATOM   844  H  "H3'"  . DT  B 2 6  ? 12.355  2.114   15.240  1.00 86.81  ? 33  DT  C "H3'"  1 
ATOM   845  H  "H2'"  . DT  B 2 6  ? 12.838  1.828   13.067  1.00 77.88  ? 33  DT  C "H2'"  1 
ATOM   846  H  "H2''" . DT  B 2 6  ? 12.725  3.420   13.067  1.00 77.88  ? 33  DT  C "H2''" 1 
ATOM   847  H  "H1'"  . DT  B 2 6  ? 14.920  3.686   12.986  1.00 72.25  ? 33  DT  C "H1'"  1 
ATOM   848  H  H3     . DT  B 2 6  ? 16.410  2.046   9.194   1.00 69.39  ? 33  DT  C H3     1 
ATOM   849  H  H71    . DT  B 2 6  ? 15.567  -2.108  11.865  1.00 64.53  ? 33  DT  C H71    1 
ATOM   850  H  H72    . DT  B 2 6  ? 14.124  -1.923  11.237  1.00 64.53  ? 33  DT  C H72    1 
ATOM   851  H  H73    . DT  B 2 6  ? 15.374  -2.162  10.294  1.00 64.53  ? 33  DT  C H73    1 
ATOM   852  H  H6     . DT  B 2 6  ? 14.554  0.187   12.795  1.00 64.69  ? 33  DT  C H6     1 
ATOM   853  P  P      . DC  B 2 7  ? 11.695  4.847   15.230  1.00 74.80  ? 34  DC  C P      1 
ATOM   854  O  OP1    . DC  B 2 7  ? 11.668  5.927   16.241  1.00 62.50  ? 34  DC  C OP1    1 
ATOM   855  O  OP2    . DC  B 2 7  ? 10.551  3.914   15.119  1.00 85.01  ? 34  DC  C OP2    1 
ATOM   856  O  "O5'"  . DC  B 2 7  ? 11.940  5.499   13.787  1.00 71.40  ? 34  DC  C "O5'"  1 
ATOM   857  C  "C5'"  . DC  B 2 7  ? 13.032  6.385   13.592  1.00 68.63  ? 34  DC  C "C5'"  1 
ATOM   858  C  "C4'"  . DC  B 2 7  ? 13.124  6.852   12.148  1.00 68.96  ? 34  DC  C "C4'"  1 
ATOM   859  O  "O4'"  . DC  B 2 7  ? 13.604  5.774   11.314  1.00 64.16  ? 34  DC  C "O4'"  1 
ATOM   860  C  "C3'"  . DC  B 2 7  ? 11.802  7.316   11.523  1.00 63.62  ? 34  DC  C "C3'"  1 
ATOM   861  O  "O3'"  . DC  B 2 7  ? 11.878  8.714   11.221  1.00 68.23  ? 34  DC  C "O3'"  1 
ATOM   862  C  "C2'"  . DC  B 2 7  ? 11.640  6.436   10.266  1.00 62.50  ? 34  DC  C "C2'"  1 
ATOM   863  C  "C1'"  . DC  B 2 7  ? 13.044  5.912   10.034  1.00 54.91  ? 34  DC  C "C1'"  1 
ATOM   864  N  N1     . DC  B 2 7  ? 13.128  4.585   9.344   1.00 45.63  ? 34  DC  C N1     1 
ATOM   865  C  C2     . DC  B 2 7  ? 13.625  4.510   8.034   1.00 56.07  ? 34  DC  C C2     1 
ATOM   866  O  O2     . DC  B 2 7  ? 13.952  5.551   7.448   1.00 56.13  ? 34  DC  C O2     1 
ATOM   867  N  N3     . DC  B 2 7  ? 13.722  3.295   7.438   1.00 55.62  ? 34  DC  C N3     1 
ATOM   868  C  C4     . DC  B 2 7  ? 13.362  2.194   8.101   1.00 51.22  ? 34  DC  C C4     1 
ATOM   869  N  N4     . DC  B 2 7  ? 13.474  1.020   7.471   1.00 55.76  ? 34  DC  C N4     1 
ATOM   870  C  C5     . DC  B 2 7  ? 12.865  2.250   9.437   1.00 43.62  ? 34  DC  C C5     1 
ATOM   871  C  C6     . DC  B 2 7  ? 12.772  3.453   10.015  1.00 45.45  ? 34  DC  C C6     1 
ATOM   872  H  "H5'"  . DC  B 2 7  ? 13.855  5.931   13.832  1.00 82.98  ? 34  DC  C "H5'"  1 
ATOM   873  H  "H5''" . DC  B 2 7  ? 12.919  7.159   14.169  1.00 82.98  ? 34  DC  C "H5''" 1 
ATOM   874  H  "H4'"  . DC  B 2 7  ? 13.760  7.584   12.102  1.00 83.38  ? 34  DC  C "H4'"  1 
ATOM   875  H  "H3'"  . DC  B 2 7  ? 11.071  7.150   12.137  1.00 76.97  ? 34  DC  C "H3'"  1 
ATOM   876  H  "H2'"  . DC  B 2 7  ? 11.026  5.705   10.437  1.00 75.63  ? 34  DC  C "H2'"  1 
ATOM   877  H  "H2''" . DC  B 2 7  ? 11.342  6.968   9.512   1.00 75.63  ? 34  DC  C "H2''" 1 
ATOM   878  H  "H1'"  . DC  B 2 7  ? 13.552  6.568   9.531   1.00 66.51  ? 34  DC  C "H1'"  1 
ATOM   879  H  H41    . DC  B 2 7  ? 13.250  0.293   7.872   1.00 67.53  ? 34  DC  C H41    1 
ATOM   880  H  H42    . DC  B 2 7  ? 13.771  0.992   6.664   1.00 67.53  ? 34  DC  C H42    1 
ATOM   881  H  H5     . DC  B 2 7  ? 12.617  1.477   9.891   1.00 52.97  ? 34  DC  C H5     1 
ATOM   882  H  H6     . DC  B 2 7  ? 12.455  3.519   10.887  1.00 55.17  ? 34  DC  C H6     1 
ATOM   883  P  P      . DG  B 2 8  ? 10.728  9.446   10.372  1.00 72.19  ? 35  DG  C P      1 
ATOM   884  O  OP1    . DG  B 2 8  ? 10.816  10.896  10.658  1.00 68.60  ? 35  DG  C OP1    1 
ATOM   885  O  OP2    . DG  B 2 8  ? 9.457   8.721   10.604  1.00 64.15  ? 35  DG  C OP2    1 
ATOM   886  O  "O5'"  . DG  B 2 8  ? 11.171  9.206   8.857   1.00 62.24  ? 35  DG  C "O5'"  1 
ATOM   887  C  "C5'"  . DG  B 2 8  ? 10.514  9.885   7.805   1.00 66.86  ? 35  DG  C "C5'"  1 
ATOM   888  C  "C4'"  . DG  B 2 8  ? 11.098  9.480   6.468   1.00 68.88  ? 35  DG  C "C4'"  1 
ATOM   889  O  "O4'"  . DG  B 2 8  ? 11.616  8.121   6.565   1.00 66.87  ? 35  DG  C "O4'"  1 
ATOM   890  C  "C3'"  . DG  B 2 8  ? 10.103  9.470   5.308   1.00 69.69  ? 35  DG  C "C3'"  1 
ATOM   891  O  "O3'"  . DG  B 2 8  ? 10.703  9.970   4.119   1.00 71.63  ? 35  DG  C "O3'"  1 
ATOM   892  C  "C2'"  . DG  B 2 8  ? 9.734   8.004   5.187   1.00 72.91  ? 35  DG  C "C2'"  1 
ATOM   893  C  "C1'"  . DG  B 2 8  ? 11.032  7.317   5.562   1.00 65.96  ? 35  DG  C "C1'"  1 
ATOM   894  N  N9     . DG  B 2 8  ? 10.848  5.964   6.072   1.00 58.54  ? 35  DG  C N9     1 
ATOM   895  C  C8     . DG  B 2 8  ? 10.324  5.596   7.288   1.00 57.22  ? 35  DG  C C8     1 
ATOM   896  N  N7     . DG  B 2 8  ? 10.274  4.304   7.460   1.00 57.66  ? 35  DG  C N7     1 
ATOM   897  C  C5     . DG  B 2 8  ? 10.795  3.784   6.281   1.00 51.56  ? 35  DG  C C5     1 
ATOM   898  C  C6     . DG  B 2 8  ? 10.995  2.441   5.886   1.00 45.40  ? 35  DG  C C6     1 
ATOM   899  O  O6     . DG  B 2 8  ? 10.743  1.408   6.522   1.00 50.97  ? 35  DG  C O6     1 
ATOM   900  N  N1     . DG  B 2 8  ? 11.549  2.355   4.610   1.00 50.05  ? 35  DG  C N1     1 
ATOM   901  C  C2     . DG  B 2 8  ? 11.872  3.433   3.820   1.00 58.81  ? 35  DG  C C2     1 
ATOM   902  N  N2     . DG  B 2 8  ? 12.396  3.154   2.617   1.00 53.60  ? 35  DG  C N2     1 
ATOM   903  N  N3     . DG  B 2 8  ? 11.687  4.695   4.178   1.00 58.25  ? 35  DG  C N3     1 
ATOM   904  C  C4     . DG  B 2 8  ? 11.148  4.794   5.416   1.00 55.83  ? 35  DG  C C4     1 
ATOM   905  H  "H5'"  . DG  B 2 8  ? 10.622  10.842  7.925   1.00 80.86  ? 35  DG  C "H5'"  1 
ATOM   906  H  "H5''" . DG  B 2 8  ? 9.570   9.665   7.823   1.00 80.86  ? 35  DG  C "H5''" 1 
ATOM   907  H  "H4'"  . DG  B 2 8  ? 11.828  10.080  6.250   1.00 83.28  ? 35  DG  C "H4'"  1 
ATOM   908  H  "H3'"  . DG  B 2 8  ? 9.319   9.994   5.536   1.00 84.25  ? 35  DG  C "H3'"  1 
ATOM   909  H  "HO3'" . DG  B 2 8  ? 10.752  9.485   3.436   1.00 86.58  ? 35  DG  C "HO3'" 1 
ATOM   910  H  "H2'"  . DG  B 2 8  ? 9.027   7.772   5.810   1.00 88.12  ? 35  DG  C "H2'"  1 
ATOM   911  H  "H2''" . DG  B 2 8  ? 9.479   7.787   4.276   1.00 88.12  ? 35  DG  C "H2''" 1 
ATOM   912  H  "H1'"  . DG  B 2 8  ? 11.617  7.292   4.789   1.00 79.78  ? 35  DG  C "H1'"  1 
ATOM   913  H  H8     . DG  B 2 8  ? 10.035  6.209   7.925   1.00 69.29  ? 35  DG  C H8     1 
ATOM   914  H  H1     . DG  B 2 8  ? 11.702  1.569   4.296   1.00 60.69  ? 35  DG  C H1     1 
ATOM   915  H  H21    . DG  B 2 8  ? 12.718  3.787   2.132   1.00 64.94  ? 35  DG  C H21    1 
ATOM   916  P  P      . DG  C 3 1  ? -13.901 -8.567  -3.464  1.00 99.93  ? 36  DG  D P      1 
ATOM   917  O  OP1    . DG  C 3 1  ? -13.526 -8.624  -4.893  1.00 86.94  ? 36  DG  D OP1    1 
ATOM   918  O  OP2    . DG  C 3 1  ? -14.901 -9.518  -2.932  1.00 94.27  ? 36  DG  D OP2    1 
ATOM   919  O  "O5'"  . DG  C 3 1  ? -12.567 -8.711  -2.594  1.00 79.82  ? 36  DG  D "O5'"  1 
ATOM   920  C  "C5'"  . DG  C 3 1  ? -12.650 -8.906  -1.187  1.00 84.59  ? 36  DG  D "C5'"  1 
ATOM   921  C  "C4'"  . DG  C 3 1  ? -12.427 -7.601  -0.440  1.00 79.98  ? 36  DG  D "C4'"  1 
ATOM   922  O  "O4'"  . DG  C 3 1  ? -11.182 -7.015  -0.863  1.00 76.49  ? 36  DG  D "O4'"  1 
ATOM   923  C  "C3'"  . DG  C 3 1  ? -13.478 -6.531  -0.684  1.00 82.63  ? 36  DG  D "C3'"  1 
ATOM   924  O  "O3'"  . DG  C 3 1  ? -14.508 -6.632  0.291   1.00 78.35  ? 36  DG  D "O3'"  1 
ATOM   925  C  "C2'"  . DG  C 3 1  ? -12.706 -5.213  -0.577  1.00 85.27  ? 36  DG  D "C2'"  1 
ATOM   926  C  "C1'"  . DG  C 3 1  ? -11.245 -5.608  -0.778  1.00 75.17  ? 36  DG  D "C1'"  1 
ATOM   927  N  N9     . DG  C 3 1  ? -10.631 -5.060  -1.985  1.00 70.94  ? 36  DG  D N9     1 
ATOM   928  C  C8     . DG  C 3 1  ? -10.295 -5.751  -3.125  1.00 74.06  ? 36  DG  D C8     1 
ATOM   929  N  N7     . DG  C 3 1  ? -9.732  -5.010  -4.037  1.00 72.12  ? 36  DG  D N7     1 
ATOM   930  C  C5     . DG  C 3 1  ? -9.684  -3.746  -3.464  1.00 72.44  ? 36  DG  D C5     1 
ATOM   931  C  C6     . DG  C 3 1  ? -9.176  -2.530  -3.983  1.00 73.23  ? 36  DG  D C6     1 
ATOM   932  O  O6     . DG  C 3 1  ? -8.656  -2.323  -5.088  1.00 79.49  ? 36  DG  D O6     1 
ATOM   933  N  N1     . DG  C 3 1  ? -9.322  -1.486  -3.077  1.00 72.64  ? 36  DG  D N1     1 
ATOM   934  C  C2     . DG  C 3 1  ? -9.884  -1.603  -1.827  1.00 83.29  ? 36  DG  D C2     1 
ATOM   935  N  N2     . DG  C 3 1  ? -9.941  -0.484  -1.093  1.00 85.05  ? 36  DG  D N2     1 
ATOM   936  N  N3     . DG  C 3 1  ? -10.361 -2.735  -1.329  1.00 80.30  ? 36  DG  D N3     1 
ATOM   937  C  C4     . DG  C 3 1  ? -10.228 -3.762  -2.200  1.00 73.75  ? 36  DG  D C4     1 
ATOM   938  H  "H5'"  . DG  C 3 1  ? -11.976 -9.548  -0.915  1.00 102.13 ? 36  DG  D "H5'"  1 
ATOM   939  H  "H5''" . DG  C 3 1  ? -13.529 -9.252  -0.966  1.00 102.13 ? 36  DG  D "H5''" 1 
ATOM   940  H  "H4'"  . DG  C 3 1  ? -12.380 -7.787  0.512   1.00 96.60  ? 36  DG  D "H4'"  1 
ATOM   941  H  "H3'"  . DG  C 3 1  ? -13.850 -6.628  -1.574  1.00 99.78  ? 36  DG  D "H3'"  1 
ATOM   942  H  "H2'"  . DG  C 3 1  ? -12.989 -4.599  -1.270  1.00 102.95 ? 36  DG  D "H2'"  1 
ATOM   943  H  "H2''" . DG  C 3 1  ? -12.831 -4.818  0.300   1.00 102.95 ? 36  DG  D "H2''" 1 
ATOM   944  H  "H1'"  . DG  C 3 1  ? -10.733 -5.317  -0.007  1.00 90.83  ? 36  DG  D "H1'"  1 
ATOM   945  H  H8     . DG  C 3 1  ? -10.459 -6.660  -3.236  1.00 89.50  ? 36  DG  D H8     1 
ATOM   946  H  H1     . DG  C 3 1  ? -9.038  -0.709  -3.314  1.00 87.80  ? 36  DG  D H1     1 
ATOM   947  H  H21    . DG  C 3 1  ? -10.613 -0.343  -0.576  1.00 102.68 ? 36  DG  D H21    1 
ATOM   948  P  P      . DT  C 3 2  ? -16.024 -6.264  -0.088  1.00 87.54  ? 37  DT  D P      1 
ATOM   949  O  OP1    . DT  C 3 2  ? -16.917 -7.023  0.819   1.00 78.24  ? 37  DT  D OP1    1 
ATOM   950  O  OP2    . DT  C 3 2  ? -16.160 -6.414  -1.552  1.00 75.44  ? 37  DT  D OP2    1 
ATOM   951  O  "O5'"  . DT  C 3 2  ? -16.133 -4.706  0.255   1.00 78.58  ? 37  DT  D "O5'"  1 
ATOM   952  C  "C5'"  . DT  C 3 2  ? -15.871 -4.252  1.575   1.00 73.83  ? 37  DT  D "C5'"  1 
ATOM   953  C  "C4'"  . DT  C 3 2  ? -15.640 -2.752  1.593   1.00 80.11  ? 37  DT  D "C4'"  1 
ATOM   954  O  "O4'"  . DT  C 3 2  ? -14.626 -2.405  0.613   1.00 75.38  ? 37  DT  D "O4'"  1 
ATOM   955  C  "C3'"  . DT  C 3 2  ? -16.859 -1.900  1.252   1.00 80.92  ? 37  DT  D "C3'"  1 
ATOM   956  O  "O3'"  . DT  C 3 2  ? -16.830 -0.708  2.025   1.00 89.21  ? 37  DT  D "O3'"  1 
ATOM   957  C  "C2'"  . DT  C 3 2  ? -16.662 -1.614  -0.234  1.00 80.86  ? 37  DT  D "C2'"  1 
ATOM   958  C  "C1'"  . DT  C 3 2  ? -15.149 -1.471  -0.308  1.00 74.33  ? 37  DT  D "C1'"  1 
ATOM   959  N  N1     . DT  C 3 2  ? -14.575 -1.780  -1.647  1.00 74.94  ? 37  DT  D N1     1 
ATOM   960  C  C2     . DT  C 3 2  ? -13.799 -0.836  -2.281  1.00 79.22  ? 37  DT  D C2     1 
ATOM   961  O  O2     . DT  C 3 2  ? -13.561 0.263   -1.811  1.00 77.61  ? 37  DT  D O2     1 
ATOM   962  N  N3     . DT  C 3 2  ? -13.311 -1.223  -3.500  1.00 77.96  ? 37  DT  D N3     1 
ATOM   963  C  C4     . DT  C 3 2  ? -13.512 -2.436  -4.133  1.00 77.49  ? 37  DT  D C4     1 
ATOM   964  O  O4     . DT  C 3 2  ? -13.032 -2.691  -5.231  1.00 77.13  ? 37  DT  D O4     1 
ATOM   965  C  C5     . DT  C 3 2  ? -14.328 -3.381  -3.414  1.00 79.52  ? 37  DT  D C5     1 
ATOM   966  C  C7     . DT  C 3 2  ? -14.611 -4.730  -4.008  1.00 84.59  ? 37  DT  D C7     1 
ATOM   967  C  C6     . DT  C 3 2  ? -14.816 -3.013  -2.219  1.00 73.71  ? 37  DT  D C6     1 
ATOM   968  P  P      . DG  C 3 3  ? -18.065 0.320   2.000   1.00 95.31  ? 38  DG  D P      1 
ATOM   969  O  OP1    . DG  C 3 3  ? -18.487 0.539   3.401   1.00 89.39  ? 38  DG  D OP1    1 
ATOM   970  O  OP2    . DG  C 3 3  ? -19.048 -0.161  1.004   1.00 94.42  ? 38  DG  D OP2    1 
ATOM   971  O  "O5'"  . DG  C 3 3  ? -17.421 1.672   1.440   1.00 89.37  ? 38  DG  D "O5'"  1 
ATOM   972  C  "C5'"  . DG  C 3 3  ? -16.890 1.710   0.124   1.00 88.53  ? 38  DG  D "C5'"  1 
ATOM   973  C  "C4'"  . DG  C 3 3  ? -16.376 3.095   -0.217  1.00 90.73  ? 38  DG  D "C4'"  1 
ATOM   974  O  "O4'"  . DG  C 3 3  ? -15.443 3.008   -1.321  1.00 90.59  ? 38  DG  D "O4'"  1 
ATOM   975  C  "C3'"  . DG  C 3 3  ? -17.429 4.074   -0.687  1.00 94.20  ? 38  DG  D "C3'"  1 
ATOM   976  O  "O3'"  . DG  C 3 3  ? -17.021 5.414   -0.409  1.00 102.88 ? 38  DG  D "O3'"  1 
ATOM   977  C  "C2'"  . DG  C 3 3  ? -17.523 3.770   -2.185  1.00 93.81  ? 38  DG  D "C2'"  1 
ATOM   978  C  "C1'"  . DG  C 3 3  ? -16.114 3.283   -2.543  1.00 84.83  ? 38  DG  D "C1'"  1 
ATOM   979  N  N9     . DG  C 3 3  ? -16.089 2.067   -3.357  1.00 83.01  ? 38  DG  D N9     1 
ATOM   980  C  C8     . DG  C 3 3  ? -16.648 0.849   -3.048  1.00 83.20  ? 38  DG  D C8     1 
ATOM   981  N  N7     . DG  C 3 3  ? -16.454 -0.062  -3.960  1.00 79.39  ? 38  DG  D N7     1 
ATOM   982  C  C5     . DG  C 3 3  ? -15.709 0.589   -4.936  1.00 76.59  ? 38  DG  D C5     1 
ATOM   983  C  C6     . DG  C 3 3  ? -15.200 0.105   -6.165  1.00 76.22  ? 38  DG  D C6     1 
ATOM   984  O  O6     . DG  C 3 3  ? -15.311 -1.031  -6.648  1.00 80.71  ? 38  DG  D O6     1 
ATOM   985  N  N1     . DG  C 3 3  ? -14.500 1.091   -6.855  1.00 75.59  ? 38  DG  D N1     1 
ATOM   986  C  C2     . DG  C 3 3  ? -14.323 2.382   -6.416  1.00 75.72  ? 38  DG  D C2     1 
ATOM   987  N  N2     . DG  C 3 3  ? -13.613 3.192   -7.216  1.00 74.00  ? 38  DG  D N2     1 
ATOM   988  N  N3     . DG  C 3 3  ? -14.789 2.846   -5.264  1.00 74.49  ? 38  DG  D N3     1 
ATOM   989  C  C4     . DG  C 3 3  ? -15.472 1.898   -4.578  1.00 78.95  ? 38  DG  D C4     1 
ATOM   990  H  "H5'"  . DG  C 3 3  ? -17.586 1.465   -0.507  1.00 106.86 ? 38  DG  D "H5'"  1 
ATOM   991  H  "H5''" . DG  C 3 3  ? -16.161 1.074   0.056   1.00 106.86 ? 38  DG  D "H5''" 1 
ATOM   992  H  "H4'"  . DG  C 3 3  ? -15.920 3.464   0.555   1.00 109.50 ? 38  DG  D "H4'"  1 
ATOM   993  H  "H3'"  . DG  C 3 3  ? -18.276 3.885   -0.254  1.00 113.66 ? 38  DG  D "H3'"  1 
ATOM   994  H  "H2'"  . DG  C 3 3  ? -18.177 3.074   -2.352  1.00 113.19 ? 38  DG  D "H2'"  1 
ATOM   995  H  "H2''" . DG  C 3 3  ? -17.742 4.574   -2.683  1.00 113.19 ? 38  DG  D "H2''" 1 
ATOM   996  H  "H1'"  . DG  C 3 3  ? -15.643 3.989   -3.011  1.00 102.42 ? 38  DG  D "H1'"  1 
ATOM   997  H  H8     . DG  C 3 3  ? -17.127 0.692   -2.265  1.00 100.46 ? 38  DG  D H8     1 
ATOM   998  H  H1     . DG  C 3 3  ? -14.157 0.878   -7.614  1.00 91.34  ? 38  DG  D H1     1 
ATOM   999  H  H21    . DG  C 3 3  ? -13.465 4.006   -6.981  1.00 89.42  ? 38  DG  D H21    1 
ATOM   1000 H  H22    . DG  C 3 3  ? -13.308 2.898   -7.965  1.00 89.42  ? 38  DG  D H22    1 
ATOM   1001 P  P      . DT  C 3 4  ? -17.892 6.660   -0.930  1.00 116.82 ? 39  DT  D P      1 
ATOM   1002 O  OP1    . DT  C 3 4  ? -17.644 7.797   -0.014  1.00 115.86 ? 39  DT  D OP1    1 
ATOM   1003 O  OP2    . DT  C 3 4  ? -19.276 6.181   -1.145  1.00 111.38 ? 39  DT  D OP2    1 
ATOM   1004 O  "O5'"  . DT  C 3 4  ? -17.251 6.991   -2.357  1.00 97.89  ? 39  DT  D "O5'"  1 
ATOM   1005 C  "C5'"  . DT  C 3 4  ? -17.910 7.878   -3.244  1.00 99.14  ? 39  DT  D "C5'"  1 
ATOM   1006 C  "C4'"  . DT  C 3 4  ? -17.176 7.966   -4.571  1.00 106.11 ? 39  DT  D "C4'"  1 
ATOM   1007 O  "O4'"  . DT  C 3 4  ? -16.793 6.638   -4.997  1.00 101.90 ? 39  DT  D "O4'"  1 
ATOM   1008 C  "C3'"  . DT  C 3 4  ? -17.998 8.562   -5.717  1.00 117.12 ? 39  DT  D "C3'"  1 
ATOM   1009 O  "O3'"  . DT  C 3 4  ? -17.422 9.783   -6.159  1.00 121.08 ? 39  DT  D "O3'"  1 
ATOM   1010 C  "C2'"  . DT  C 3 4  ? -17.989 7.493   -6.813  1.00 113.17 ? 39  DT  D "C2'"  1 
ATOM   1011 C  "C1'"  . DT  C 3 4  ? -16.865 6.563   -6.398  1.00 103.58 ? 39  DT  D "C1'"  1 
ATOM   1012 N  N1     . DT  C 3 4  ? -17.072 5.138   -6.781  1.00 94.98  ? 39  DT  D N1     1 
ATOM   1013 C  C2     . DT  C 3 4  ? -16.452 4.643   -7.905  1.00 95.94  ? 39  DT  D C2     1 
ATOM   1014 O  O2     . DT  C 3 4  ? -15.747 5.321   -8.633  1.00 99.58  ? 39  DT  D O2     1 
ATOM   1015 N  N3     . DT  C 3 4  ? -16.693 3.318   -8.157  1.00 89.40  ? 39  DT  D N3     1 
ATOM   1016 C  C4     . DT  C 3 4  ? -17.470 2.455   -7.406  1.00 84.08  ? 39  DT  D C4     1 
ATOM   1017 O  O4     . DT  C 3 4  ? -17.625 1.277   -7.714  1.00 75.31  ? 39  DT  D O4     1 
ATOM   1018 C  C5     . DT  C 3 4  ? -18.087 3.036   -6.236  1.00 85.48  ? 39  DT  D C5     1 
ATOM   1019 C  C7     . DT  C 3 4  ? -18.954 2.197   -5.344  1.00 82.31  ? 39  DT  D C7     1 
ATOM   1020 C  C6     . DT  C 3 4  ? -17.859 4.334   -5.980  1.00 87.61  ? 39  DT  D C6     1 
ATOM   1021 H  "H5'"  . DT  C 3 4  ? -17.948 8.759   -2.843  1.00 119.59 ? 39  DT  D "H5'"  1 
ATOM   1022 H  "H5''" . DT  C 3 4  ? -18.813 7.560   -3.400  1.00 119.59 ? 39  DT  D "H5''" 1 
ATOM   1023 H  "H4'"  . DT  C 3 4  ? -16.374 8.499   -4.449  1.00 127.96 ? 39  DT  D "H4'"  1 
ATOM   1024 H  "H3'"  . DT  C 3 4  ? -18.908 8.718   -5.420  1.00 141.17 ? 39  DT  D "H3'"  1 
ATOM   1025 H  "H2'"  . DT  C 3 4  ? -18.834 7.017   -6.832  1.00 136.43 ? 39  DT  D "H2'"  1 
ATOM   1026 H  "H2''" . DT  C 3 4  ? -17.800 7.891   -7.677  1.00 136.43 ? 39  DT  D "H2''" 1 
ATOM   1027 H  "H1'"  . DT  C 3 4  ? -16.031 6.880   -6.780  1.00 124.92 ? 39  DT  D "H1'"  1 
ATOM   1028 H  H3     . DT  C 3 4  ? -16.316 2.986   -8.855  1.00 107.90 ? 39  DT  D H3     1 
ATOM   1029 H  H71    . DT  C 3 4  ? -18.576 2.179   -4.450  1.00 99.40  ? 39  DT  D H71    1 
ATOM   1030 H  H72    . DT  C 3 4  ? -19.846 2.575   -5.311  1.00 99.40  ? 39  DT  D H72    1 
ATOM   1031 H  H73    . DT  C 3 4  ? -18.999 1.294   -5.694  1.00 99.40  ? 39  DT  D H73    1 
ATOM   1032 H  H6     . DT  C 3 4  ? -18.255 4.712   -5.228  1.00 105.76 ? 39  DT  D H6     1 
ATOM   1033 P  P      . DC  C 3 5  ? -18.364 11.034  -6.517  1.00 130.24 ? 40  DC  D P      1 
ATOM   1034 O  OP1    . DC  C 3 5  ? -17.559 12.267  -6.405  1.00 123.80 ? 40  DC  D OP1    1 
ATOM   1035 O  OP2    . DC  C 3 5  ? -19.595 10.919  -5.705  1.00 130.06 ? 40  DC  D OP2    1 
ATOM   1036 O  "O5'"  . DC  C 3 5  ? -18.727 10.805  -8.057  1.00 125.58 ? 40  DC  D "O5'"  1 
ATOM   1037 C  "C5'"  . DC  C 3 5  ? -17.763 11.110  -9.052  1.00 124.79 ? 40  DC  D "C5'"  1 
ATOM   1038 C  "C4'"  . DC  C 3 5  ? -18.047 10.356  -10.340 1.00 129.05 ? 40  DC  D "C4'"  1 
ATOM   1039 O  "O4'"  . DC  C 3 5  ? -17.732 8.963   -10.171 1.00 121.88 ? 40  DC  D "O4'"  1 
ATOM   1040 C  "C3'"  . DC  C 3 5  ? -19.494 10.331  -10.792 1.00 129.19 ? 40  DC  D "C3'"  1 
ATOM   1041 O  "O3'"  . DC  C 3 5  ? -19.847 11.554  -11.440 1.00 132.97 ? 40  DC  D "O3'"  1 
ATOM   1042 C  "C2'"  . DC  C 3 5  ? -19.475 9.163   -11.775 1.00 122.79 ? 40  DC  D "C2'"  1 
ATOM   1043 C  "C1'"  . DC  C 3 5  ? -18.412 8.232   -11.176 1.00 120.07 ? 40  DC  D "C1'"  1 
ATOM   1044 N  N1     . DC  C 3 5  ? -18.976 6.980   -10.586 1.00 111.55 ? 40  DC  D N1     1 
ATOM   1045 C  C2     . DC  C 3 5  ? -18.664 5.751   -11.171 1.00 104.87 ? 40  DC  D C2     1 
ATOM   1046 O  O2     . DC  C 3 5  ? -17.921 5.731   -12.161 1.00 106.24 ? 40  DC  D O2     1 
ATOM   1047 N  N3     . DC  C 3 5  ? -19.181 4.616   -10.637 1.00 95.79  ? 40  DC  D N3     1 
ATOM   1048 C  C4     . DC  C 3 5  ? -19.979 4.683   -9.569  1.00 95.96  ? 40  DC  D C4     1 
ATOM   1049 N  N4     . DC  C 3 5  ? -20.466 3.536   -9.078  1.00 85.03  ? 40  DC  D N4     1 
ATOM   1050 C  C5     . DC  C 3 5  ? -20.314 5.929   -8.958  1.00 98.79  ? 40  DC  D C5     1 
ATOM   1051 C  C6     . DC  C 3 5  ? -19.796 7.042   -9.496  1.00 105.00 ? 40  DC  D C6     1 
ATOM   1052 P  P      . DG  C 3 6  ? -19.114 12.008  -12.801 1.00 143.57 ? 41  DG  D P      1 
ATOM   1053 O  OP1    . DG  C 3 6  ? -17.655 11.945  -12.587 1.00 139.79 ? 41  DG  D OP1    1 
ATOM   1054 O  OP2    . DG  C 3 6  ? -19.708 13.287  -13.234 1.00 142.43 ? 41  DG  D OP2    1 
ATOM   1055 O  "O5'"  . DG  C 3 6  ? -19.537 10.904  -13.879 1.00 124.01 ? 41  DG  D "O5'"  1 
ATOM   1056 C  "C5'"  . DG  C 3 6  ? -18.748 10.721  -15.052 1.00 120.82 ? 41  DG  D "C5'"  1 
ATOM   1057 C  "C4'"  . DG  C 3 6  ? -19.100 9.415   -15.741 1.00 121.50 ? 41  DG  D "C4'"  1 
ATOM   1058 O  "O4'"  . DG  C 3 6  ? -19.462 8.440   -14.742 1.00 115.36 ? 41  DG  D "O4'"  1 
ATOM   1059 C  "C3'"  . DG  C 3 6  ? -20.285 9.507   -16.699 1.00 116.56 ? 41  DG  D "C3'"  1 
ATOM   1060 O  "O3'"  . DG  C 3 6  ? -19.833 9.493   -18.051 1.00 115.19 ? 41  DG  D "O3'"  1 
ATOM   1061 C  "C2'"  . DG  C 3 6  ? -21.170 8.297   -16.376 1.00 106.74 ? 41  DG  D "C2'"  1 
ATOM   1062 C  "C1'"  . DG  C 3 6  ? -20.451 7.571   -15.243 1.00 105.95 ? 41  DG  D "C1'"  1 
ATOM   1063 N  N9     . DG  C 3 6  ? -21.321 7.200   -14.136 1.00 99.33  ? 41  DG  D N9     1 
ATOM   1064 C  C8     . DG  C 3 6  ? -21.890 8.043   -13.215 1.00 103.25 ? 41  DG  D C8     1 
ATOM   1065 N  N7     . DG  C 3 6  ? -22.611 7.425   -12.322 1.00 98.01  ? 41  DG  D N7     1 
ATOM   1066 C  C5     . DG  C 3 6  ? -22.510 6.087   -12.676 1.00 95.22  ? 41  DG  D C5     1 
ATOM   1067 C  C6     . DG  C 3 6  ? -23.081 4.941   -12.079 1.00 89.32  ? 41  DG  D C6     1 
ATOM   1068 O  O6     . DG  C 3 6  ? -23.815 4.879   -11.084 1.00 89.28  ? 41  DG  D O6     1 
ATOM   1069 N  N1     . DG  C 3 6  ? -22.724 3.777   -12.757 1.00 83.31  ? 41  DG  D N1     1 
ATOM   1070 C  C2     . DG  C 3 6  ? -21.919 3.730   -13.870 1.00 85.81  ? 41  DG  D C2     1 
ATOM   1071 N  N2     . DG  C 3 6  ? -21.686 2.519   -14.388 1.00 80.61  ? 41  DG  D N2     1 
ATOM   1072 N  N3     . DG  C 3 6  ? -21.379 4.797   -14.437 1.00 88.22  ? 41  DG  D N3     1 
ATOM   1073 C  C4     . DG  C 3 6  ? -21.717 5.935   -13.789 1.00 95.79  ? 41  DG  D C4     1 
ATOM   1074 H  "H5'"  . DG  C 3 6  ? -17.809 10.710  -14.808 1.00 145.61 ? 41  DG  D "H5'"  1 
ATOM   1075 H  "H5''" . DG  C 3 6  ? -18.910 11.457  -15.664 1.00 145.61 ? 41  DG  D "H5''" 1 
ATOM   1076 H  "H4'"  . DG  C 3 6  ? -18.324 9.094   -16.228 1.00 146.43 ? 41  DG  D "H4'"  1 
ATOM   1077 H  "H3'"  . DG  C 3 6  ? -20.778 10.325  -16.529 1.00 140.49 ? 41  DG  D "H3'"  1 
ATOM   1078 H  "H2'"  . DG  C 3 6  ? -22.047 8.590   -16.084 1.00 128.71 ? 41  DG  D "H2'"  1 
ATOM   1079 H  "H2''" . DG  C 3 6  ? -21.247 7.718   -17.150 1.00 128.71 ? 41  DG  D "H2''" 1 
ATOM   1080 H  "H1'"  . DG  C 3 6  ? -20.026 6.773   -15.595 1.00 127.76 ? 41  DG  D "H1'"  1 
ATOM   1081 H  H8     . DG  C 3 6  ? -21.770 8.965   -13.225 1.00 124.53 ? 41  DG  D H8     1 
ATOM   1082 H  H1     . DG  C 3 6  ? -23.033 3.032   -12.457 1.00 100.60 ? 41  DG  D H1     1 
ATOM   1083 H  H21    . DG  C 3 6  ? -21.190 2.438   -15.086 1.00 97.36  ? 41  DG  D H21    1 
ATOM   1084 H  H22    . DG  C 3 6  ? -22.032 1.822   -14.023 1.00 97.36  ? 41  DG  D H22    1 
ATOM   1085 P  P      . DT  C 3 7  ? -20.867 9.749   -19.254 1.00 124.95 ? 42  DT  D P      1 
ATOM   1086 O  OP1    . DT  C 3 7  ? -20.078 10.093  -20.457 1.00 115.03 ? 42  DT  D OP1    1 
ATOM   1087 O  OP2    . DT  C 3 7  ? -21.907 10.680  -18.763 1.00 124.36 ? 42  DT  D OP2    1 
ATOM   1088 O  "O5'"  . DT  C 3 7  ? -21.548 8.319   -19.485 1.00 119.34 ? 42  DT  D "O5'"  1 
ATOM   1089 C  "C5'"  . DT  C 3 7  ? -20.742 7.202   -19.845 1.00 113.69 ? 42  DT  D "C5'"  1 
ATOM   1090 C  "C4'"  . DT  C 3 7  ? -21.496 5.896   -19.658 1.00 112.39 ? 42  DT  D "C4'"  1 
ATOM   1091 O  "O4'"  . DT  C 3 7  ? -21.879 5.750   -18.277 1.00 112.23 ? 42  DT  D "O4'"  1 
ATOM   1092 C  "C3'"  . DT  C 3 7  ? -22.801 5.786   -20.441 1.00 103.65 ? 42  DT  D "C3'"  1 
ATOM   1093 O  "O3'"  . DT  C 3 7  ? -22.585 5.131   -21.686 1.00 104.28 ? 42  DT  D "O3'"  1 
ATOM   1094 C  "C2'"  . DT  C 3 7  ? -23.734 4.984   -19.520 1.00 92.24  ? 42  DT  D "C2'"  1 
ATOM   1095 C  "C1'"  . DT  C 3 7  ? -22.960 4.852   -18.205 1.00 99.12  ? 42  DT  D "C1'"  1 
ATOM   1096 N  N1     . DT  C 3 7  ? -23.775 5.175   -17.000 1.00 95.26  ? 42  DT  D N1     1 
ATOM   1097 C  C2     . DT  C 3 7  ? -24.387 4.153   -16.314 1.00 92.24  ? 42  DT  D C2     1 
ATOM   1098 O  O2     . DT  C 3 7  ? -24.299 2.983   -16.639 1.00 94.04  ? 42  DT  D O2     1 
ATOM   1099 N  N3     . DT  C 3 7  ? -25.113 4.549   -15.224 1.00 86.37  ? 42  DT  D N3     1 
ATOM   1100 C  C4     . DT  C 3 7  ? -25.285 5.839   -14.760 1.00 86.13  ? 42  DT  D C4     1 
ATOM   1101 O  O4     . DT  C 3 7  ? -25.958 6.094   -13.767 1.00 89.30  ? 42  DT  D O4     1 
ATOM   1102 C  C5     . DT  C 3 7  ? -24.615 6.867   -15.525 1.00 85.09  ? 42  DT  D C5     1 
ATOM   1103 C  C7     . DT  C 3 7  ? -24.733 8.307   -15.118 1.00 84.28  ? 42  DT  D C7     1 
ATOM   1104 C  C6     . DT  C 3 7  ? -23.899 6.489   -16.596 1.00 92.38  ? 42  DT  D C6     1 
ATOM   1105 H  "H5'"  . DT  C 3 7  ? -19.947 7.192   -19.289 1.00 137.05 ? 42  DT  D "H5'"  1 
ATOM   1106 H  "H5''" . DT  C 3 7  ? -20.478 7.286   -20.775 1.00 137.05 ? 42  DT  D "H5''" 1 
ATOM   1107 H  "H4'"  . DT  C 3 7  ? -20.917 5.158   -19.905 1.00 135.50 ? 42  DT  D "H4'"  1 
ATOM   1108 H  "H3'"  . DT  C 3 7  ? -23.168 6.671   -20.593 1.00 125.01 ? 42  DT  D "H3'"  1 
ATOM   1109 H  "HO3'" . DT  C 3 7  ? -22.991 4.416   -21.860 1.00 125.75 ? 42  DT  D "HO3'" 1 
ATOM   1110 H  "H2'"  . DT  C 3 7  ? -24.563 5.467   -19.377 1.00 111.31 ? 42  DT  D "H2'"  1 
ATOM   1111 H  "H2''" . DT  C 3 7  ? -23.911 4.109   -19.898 1.00 111.31 ? 42  DT  D "H2''" 1 
ATOM   1112 H  "H1'"  . DT  C 3 7  ? -22.619 3.948   -18.126 1.00 119.57 ? 42  DT  D "H1'"  1 
ATOM   1113 H  H3     . DT  C 3 7  ? -25.504 3.926   -14.779 1.00 104.27 ? 42  DT  D H3     1 
ATOM   1114 H  H71    . DT  C 3 7  ? -23.851 8.660   -14.918 1.00 101.76 ? 42  DT  D H71    1 
ATOM   1115 H  H72    . DT  C 3 7  ? -25.128 8.816   -15.843 1.00 101.76 ? 42  DT  D H72    1 
ATOM   1116 H  H73    . DT  C 3 7  ? -25.295 8.376   -14.330 1.00 101.76 ? 42  DT  D H73    1 
ATOM   1117 H  H6     . DT  C 3 7  ? -23.468 7.147   -17.094 1.00 111.48 ? 42  DT  D H6     1 
ATOM   1118 P  P      . DT  D 4 1  ? 4.021   8.512   2.762   1.00 102.41 ? 1   DT  A P      1 
ATOM   1119 O  OP1    . DT  D 4 1  ? 4.125   9.970   2.982   1.00 89.46  ? 1   DT  A OP1    1 
ATOM   1120 O  OP2    . DT  D 4 1  ? 3.248   7.683   3.710   1.00 98.37  ? 1   DT  A OP2    1 
ATOM   1121 O  "O5'"  . DT  D 4 1  ? 5.498   7.909   2.706   1.00 87.18  ? 1   DT  A "O5'"  1 
ATOM   1122 C  "C5'"  . DT  D 4 1  ? 6.539   8.648   2.086   1.00 89.53  ? 1   DT  A "C5'"  1 
ATOM   1123 C  "C4'"  . DT  D 4 1  ? 7.591   7.724   1.509   1.00 83.44  ? 1   DT  A "C4'"  1 
ATOM   1124 O  "O4'"  . DT  D 4 1  ? 8.215   6.964   2.563   1.00 64.08  ? 1   DT  A "O4'"  1 
ATOM   1125 C  "C3'"  . DT  D 4 1  ? 7.066   6.670   0.560   1.00 80.70  ? 1   DT  A "C3'"  1 
ATOM   1126 O  "O3'"  . DT  D 4 1  ? 6.888   7.208   -0.739  1.00 83.63  ? 1   DT  A "O3'"  1 
ATOM   1127 C  "C2'"  . DT  D 4 1  ? 8.153   5.599   0.617   1.00 69.48  ? 1   DT  A "C2'"  1 
ATOM   1128 C  "C1'"  . DT  D 4 1  ? 8.768   5.781   2.014   1.00 60.50  ? 1   DT  A "C1'"  1 
ATOM   1129 N  N1     . DT  D 4 1  ? 8.500   4.644   2.949   1.00 62.25  ? 1   DT  A N1     1 
ATOM   1130 C  C2     . DT  D 4 1  ? 8.925   3.381   2.609   1.00 61.49  ? 1   DT  A C2     1 
ATOM   1131 O  O2     . DT  D 4 1  ? 9.507   3.130   1.570   1.00 60.90  ? 1   DT  A O2     1 
ATOM   1132 N  N3     . DT  D 4 1  ? 8.643   2.411   3.534   1.00 59.15  ? 1   DT  A N3     1 
ATOM   1133 C  C4     . DT  D 4 1  ? 7.992   2.574   4.741   1.00 60.25  ? 1   DT  A C4     1 
ATOM   1134 O  O4     . DT  D 4 1  ? 7.785   1.637   5.506   1.00 61.03  ? 1   DT  A O4     1 
ATOM   1135 C  C5     . DT  D 4 1  ? 7.575   3.923   5.042   1.00 60.83  ? 1   DT  A C5     1 
ATOM   1136 C  C7     . DT  D 4 1  ? 6.860   4.219   6.326   1.00 62.64  ? 1   DT  A C7     1 
ATOM   1137 C  C6     . DT  D 4 1  ? 7.847   4.885   4.144   1.00 63.43  ? 1   DT  A C6     1 
ATOM   1138 H  "H5'"  . DT  D 4 1  ? 6.951   9.228   2.744   1.00 108.07 ? 1   DT  A "H5'"  1 
ATOM   1139 H  "H5''" . DT  D 4 1  ? 6.164   9.189   1.373   1.00 108.07 ? 1   DT  A "H5''" 1 
ATOM   1140 H  "H4'"  . DT  D 4 1  ? 8.266   8.253   1.056   1.00 100.75 ? 1   DT  A "H4'"  1 
ATOM   1141 H  "H3'"  . DT  D 4 1  ? 6.229   6.312   0.891   1.00 97.47  ? 1   DT  A "H3'"  1 
ATOM   1142 H  "H2'"  . DT  D 4 1  ? 7.764   4.715   0.529   1.00 84.00  ? 1   DT  A "H2'"  1 
ATOM   1143 H  "H2''" . DT  D 4 1  ? 8.819   5.751   -0.072  1.00 84.00  ? 1   DT  A "H2''" 1 
ATOM   1144 H  "H1'"  . DT  D 4 1  ? 9.727   5.894   1.923   1.00 73.22  ? 1   DT  A "H1'"  1 
ATOM   1145 H  H3     . DT  D 4 1  ? 8.897   1.613   3.341   1.00 71.61  ? 1   DT  A H3     1 
ATOM   1146 H  H71    . DT  D 4 1  ? 6.763   3.401   6.837   1.00 75.79  ? 1   DT  A H71    1 
ATOM   1147 H  H72    . DT  D 4 1  ? 7.373   4.862   6.840   1.00 75.79  ? 1   DT  A H72    1 
ATOM   1148 H  H73    . DT  D 4 1  ? 5.984   4.586   6.131   1.00 75.79  ? 1   DT  A H73    1 
ATOM   1149 H  H6     . DT  D 4 1  ? 7.579   5.755   4.334   1.00 76.75  ? 1   DT  A H6     1 
ATOM   1150 P  P      . DC  D 4 2  ? 5.572   6.842   -1.579  1.00 86.48  ? 2   DC  A P      1 
ATOM   1151 O  OP1    . DC  D 4 2  ? 5.439   7.830   -2.672  1.00 100.89 ? 2   DC  A OP1    1 
ATOM   1152 O  OP2    . DC  D 4 2  ? 4.461   6.646   -0.620  1.00 87.81  ? 2   DC  A OP2    1 
ATOM   1153 O  "O5'"  . DC  D 4 2  ? 5.923   5.422   -2.215  1.00 77.64  ? 2   DC  A "O5'"  1 
ATOM   1154 C  "C5'"  . DC  D 4 2  ? 7.063   5.294   -3.047  1.00 83.87  ? 2   DC  A "C5'"  1 
ATOM   1155 C  "C4'"  . DC  D 4 2  ? 7.320   3.842   -3.397  1.00 84.92  ? 2   DC  A "C4'"  1 
ATOM   1156 O  "O4'"  . DC  D 4 2  ? 7.854   3.157   -2.240  1.00 79.08  ? 2   DC  A "O4'"  1 
ATOM   1157 C  "C3'"  . DC  D 4 2  ? 6.085   3.060   -3.803  1.00 84.17  ? 2   DC  A "C3'"  1 
ATOM   1158 O  "O3'"  . DC  D 4 2  ? 5.878   3.144   -5.208  1.00 83.28  ? 2   DC  A "O3'"  1 
ATOM   1159 C  "C2'"  . DC  D 4 2  ? 6.398   1.640   -3.346  1.00 78.97  ? 2   DC  A "C2'"  1 
ATOM   1160 C  "C1'"  . DC  D 4 2  ? 7.348   1.835   -2.169  1.00 70.26  ? 2   DC  A "C1'"  1 
ATOM   1161 N  N1     . DC  D 4 2  ? 6.709   1.652   -0.838  1.00 64.24  ? 2   DC  A N1     1 
ATOM   1162 C  C2     . DC  D 4 2  ? 6.720   0.392   -0.231  1.00 67.36  ? 2   DC  A C2     1 
ATOM   1163 O  O2     . DC  D 4 2  ? 7.249   -0.558  -0.822  1.00 70.80  ? 2   DC  A O2     1 
ATOM   1164 N  N3     . DC  D 4 2  ? 6.145   0.247   0.988   1.00 64.29  ? 2   DC  A N3     1 
ATOM   1165 C  C4     . DC  D 4 2  ? 5.585   1.298   1.592   1.00 65.80  ? 2   DC  A C4     1 
ATOM   1166 N  N4     . DC  D 4 2  ? 5.032   1.104   2.794   1.00 67.87  ? 2   DC  A N4     1 
ATOM   1167 C  C5     . DC  D 4 2  ? 5.570   2.591   0.990   1.00 70.38  ? 2   DC  A C5     1 
ATOM   1168 C  C6     . DC  D 4 2  ? 6.138   2.721   -0.213  1.00 64.97  ? 2   DC  A C6     1 
ATOM   1169 H  "H5'"  . DC  D 4 2  ? 7.838   5.652   -2.586  1.00 101.26 ? 2   DC  A "H5'"  1 
ATOM   1170 H  "H5''" . DC  D 4 2  ? 6.919   5.797   -3.865  1.00 101.26 ? 2   DC  A "H5''" 1 
ATOM   1171 H  "H4'"  . DC  D 4 2  ? 7.971   3.801   -4.116  1.00 102.53 ? 2   DC  A "H4'"  1 
ATOM   1172 H  "H3'"  . DC  D 4 2  ? 5.307   3.397   -3.331  1.00 101.63 ? 2   DC  A "H3'"  1 
ATOM   1173 H  "H2'"  . DC  D 4 2  ? 5.588   1.189   -3.058  1.00 95.38  ? 2   DC  A "H2'"  1 
ATOM   1174 H  "H2''" . DC  D 4 2  ? 6.833   1.143   -4.056  1.00 95.38  ? 2   DC  A "H2''" 1 
ATOM   1175 H  "H1'"  . DC  D 4 2  ? 8.086   1.210   -2.253  1.00 84.93  ? 2   DC  A "H1'"  1 
ATOM   1176 H  H41    . DC  D 4 2  ? 4.665   1.761   3.209   1.00 82.07  ? 2   DC  A H41    1 
ATOM   1177 H  H42    . DC  D 4 2  ? 5.045   0.323   3.152   1.00 82.07  ? 2   DC  A H42    1 
ATOM   1178 H  H5     . DC  D 4 2  ? 5.177   3.316   1.418   1.00 85.08  ? 2   DC  A H5     1 
ATOM   1179 H  H6     . DC  D 4 2  ? 6.144   3.553   -0.630  1.00 78.58  ? 2   DC  A H6     1 
ATOM   1180 P  P      . DG  D 4 3  ? 4.446   2.781   -5.835  1.00 99.74  ? 3   DG  A P      1 
ATOM   1181 O  OP1    . DG  D 4 3  ? 4.488   3.099   -7.280  1.00 103.60 ? 3   DG  A OP1    1 
ATOM   1182 O  OP2    . DG  D 4 3  ? 3.416   3.399   -4.971  1.00 91.79  ? 3   DG  A OP2    1 
ATOM   1183 O  "O5'"  . DG  D 4 3  ? 4.341   1.195   -5.656  1.00 83.40  ? 3   DG  A "O5'"  1 
ATOM   1184 C  "C5'"  . DG  D 4 3  ? 5.328   0.342   -6.229  1.00 74.16  ? 3   DG  A "C5'"  1 
ATOM   1185 C  "C4'"  . DG  D 4 3  ? 5.284   -1.034  -5.590  1.00 76.98  ? 3   DG  A "C4'"  1 
ATOM   1186 O  "O4'"  . DG  D 4 3  ? 5.211   -0.882  -4.149  1.00 77.84  ? 3   DG  A "O4'"  1 
ATOM   1187 C  "C3'"  . DG  D 4 3  ? 4.084   -1.889  -6.006  1.00 81.67  ? 3   DG  A "C3'"  1 
ATOM   1188 O  "O3'"  . DG  D 4 3  ? 4.513   -3.124  -6.569  1.00 83.01  ? 3   DG  A "O3'"  1 
ATOM   1189 C  "C2'"  . DG  D 4 3  ? 3.279   -2.093  -4.723  1.00 72.53  ? 3   DG  A "C2'"  1 
ATOM   1190 C  "C1'"  . DG  D 4 3  ? 4.258   -1.766  -3.608  1.00 71.01  ? 3   DG  A "C1'"  1 
ATOM   1191 N  N9     . DG  D 4 3  ? 3.618   -1.126  -2.462  1.00 68.73  ? 3   DG  A N9     1 
ATOM   1192 C  C8     . DG  D 4 3  ? 3.226   0.187   -2.360  1.00 67.13  ? 3   DG  A C8     1 
ATOM   1193 N  N7     . DG  D 4 3  ? 2.661   0.473   -1.220  1.00 65.61  ? 3   DG  A N7     1 
ATOM   1194 C  C5     . DG  D 4 3  ? 2.673   -0.727  -0.524  1.00 66.31  ? 3   DG  A C5     1 
ATOM   1195 C  C6     . DG  D 4 3  ? 2.195   -1.032  0.773   1.00 74.78  ? 3   DG  A C6     1 
ATOM   1196 O  O6     . DG  D 4 3  ? 1.648   -0.276  1.588   1.00 75.43  ? 3   DG  A O6     1 
ATOM   1197 N  N1     . DG  D 4 3  ? 2.403   -2.371  1.097   1.00 77.26  ? 3   DG  A N1     1 
ATOM   1198 C  C2     . DG  D 4 3  ? 2.998   -3.296  0.271   1.00 74.73  ? 3   DG  A C2     1 
ATOM   1199 N  N2     . DG  D 4 3  ? 3.111   -4.541  0.757   1.00 74.72  ? 3   DG  A N2     1 
ATOM   1200 N  N3     . DG  D 4 3  ? 3.450   -3.023  -0.947  1.00 69.00  ? 3   DG  A N3     1 
ATOM   1201 C  C4     . DG  D 4 3  ? 3.255   -1.724  -1.276  1.00 68.78  ? 3   DG  A C4     1 
ATOM   1202 H  "H5'"  . DG  D 4 3  ? 6.206   0.730   -6.090  1.00 89.62  ? 3   DG  A "H5'"  1 
ATOM   1203 H  "H5''" . DG  D 4 3  ? 5.162   0.257   -7.182  1.00 89.62  ? 3   DG  A "H5''" 1 
ATOM   1204 H  "H4'"  . DG  D 4 3  ? 6.100   -1.510  -5.814  1.00 93.00  ? 3   DG  A "H4'"  1 
ATOM   1205 H  "H3'"  . DG  D 4 3  ? 3.547   -1.405  -6.652  1.00 98.62  ? 3   DG  A "H3'"  1 
ATOM   1206 H  "H2'"  . DG  D 4 3  ? 2.522   -1.488  -4.698  1.00 87.66  ? 3   DG  A "H2'"  1 
ATOM   1207 H  "H2''" . DG  D 4 3  ? 2.981   -3.014  -4.653  1.00 87.66  ? 3   DG  A "H2''" 1 
ATOM   1208 H  "H1'"  . DG  D 4 3  ? 4.702   -2.579  -3.319  1.00 85.84  ? 3   DG  A "H1'"  1 
ATOM   1209 H  H8     . DG  D 4 3  ? 3.354   0.811   -3.037  1.00 81.19  ? 3   DG  A H8     1 
ATOM   1210 H  H1     . DG  D 4 3  ? 2.140   -2.639  1.870   1.00 93.33  ? 3   DG  A H1     1 
ATOM   1211 H  H21    . DG  D 4 3  ? 3.474   -5.158  0.281   1.00 90.29  ? 3   DG  A H21    1 
ATOM   1212 H  H22    . DG  D 4 3  ? 2.819   -4.723  1.545   1.00 90.29  ? 3   DG  A H22    1 
ATOM   1213 P  P      . DT  D 4 4  ? 3.454   -4.077  -7.315  1.00 94.19  ? 4   DT  A P      1 
ATOM   1214 O  OP1    . DT  D 4 4  ? 4.215   -4.991  -8.196  1.00 89.39  ? 4   DT  A OP1    1 
ATOM   1215 O  OP2    . DT  D 4 4  ? 2.397   -3.214  -7.888  1.00 87.80  ? 4   DT  A OP2    1 
ATOM   1216 O  "O5'"  . DT  D 4 4  ? 2.800   -4.929  -6.130  1.00 89.56  ? 4   DT  A "O5'"  1 
ATOM   1217 C  "C5'"  . DT  D 4 4  ? 3.612   -5.801  -5.356  1.00 83.12  ? 4   DT  A "C5'"  1 
ATOM   1218 C  "C4'"  . DT  D 4 4  ? 2.807   -6.466  -4.254  1.00 75.38  ? 4   DT  A "C4'"  1 
ATOM   1219 O  "O4'"  . DT  D 4 4  ? 2.436   -5.485  -3.263  1.00 79.57  ? 4   DT  A "O4'"  1 
ATOM   1220 C  "C3'"  . DT  D 4 4  ? 1.495   -7.112  -4.712  1.00 77.16  ? 4   DT  A "C3'"  1 
ATOM   1221 O  "O3'"  . DT  D 4 4  ? 1.600   -8.531  -4.661  1.00 81.73  ? 4   DT  A "O3'"  1 
ATOM   1222 C  "C2'"  . DT  D 4 4  ? 0.432   -6.570  -3.742  1.00 78.67  ? 4   DT  A "C2'"  1 
ATOM   1223 C  "C1'"  . DT  D 4 4  ? 1.249   -5.907  -2.644  1.00 79.48  ? 4   DT  A "C1'"  1 
ATOM   1224 N  N1     . DT  D 4 4  ? 0.591   -4.725  -2.005  1.00 73.97  ? 4   DT  A N1     1 
ATOM   1225 C  C2     . DT  D 4 4  ? 0.039   -4.857  -0.751  1.00 75.53  ? 4   DT  A C2     1 
ATOM   1226 O  O2     . DT  D 4 4  ? 0.042   -5.901  -0.126  1.00 76.81  ? 4   DT  A O2     1 
ATOM   1227 N  N3     . DT  D 4 4  ? -0.528  -3.715  -0.251  1.00 73.40  ? 4   DT  A N3     1 
ATOM   1228 C  C4     . DT  D 4 4  ? -0.592  -2.478  -0.864  1.00 74.18  ? 4   DT  A C4     1 
ATOM   1229 O  O4     . DT  D 4 4  ? -1.125  -1.509  -0.333  1.00 78.32  ? 4   DT  A O4     1 
ATOM   1230 C  C5     . DT  D 4 4  ? 0.010   -2.406  -2.175  1.00 69.90  ? 4   DT  A C5     1 
ATOM   1231 C  C7     . DT  D 4 4  ? -0.001  -1.117  -2.940  1.00 69.68  ? 4   DT  A C7     1 
ATOM   1232 C  C6     . DT  D 4 4  ? 0.568   -3.519  -2.676  1.00 70.83  ? 4   DT  A C6     1 
ATOM   1233 H  "H5'"  . DT  D 4 4  ? 4.335   -5.292  -4.957  1.00 100.37 ? 4   DT  A "H5'"  1 
ATOM   1234 H  "H5''" . DT  D 4 4  ? 3.985   -6.485  -5.934  1.00 100.37 ? 4   DT  A "H5''" 1 
ATOM   1235 H  "H4'"  . DT  D 4 4  ? 3.358   -7.144  -3.831  1.00 91.08  ? 4   DT  A "H4'"  1 
ATOM   1236 H  "H3'"  . DT  D 4 4  ? 1.288   -6.831  -5.617  1.00 93.22  ? 4   DT  A "H3'"  1 
ATOM   1237 H  "H2'"  . DT  D 4 4  ? -0.134  -5.918  -4.187  1.00 95.02  ? 4   DT  A "H2'"  1 
ATOM   1238 H  "H2''" . DT  D 4 4  ? -0.101  -7.295  -3.380  1.00 95.02  ? 4   DT  A "H2''" 1 
ATOM   1239 H  "H1'"  . DT  D 4 4  ? 1.460   -6.564  -1.961  1.00 96.00  ? 4   DT  A "H1'"  1 
ATOM   1240 H  H3     . DT  D 4 4  ? -0.882  -3.774  0.530   1.00 88.70  ? 4   DT  A H3     1 
ATOM   1241 H  H71    . DT  D 4 4  ? 0.911   -0.836  -3.115  1.00 84.24  ? 4   DT  A H71    1 
ATOM   1242 H  H72    . DT  D 4 4  ? -0.469  -1.242  -3.780  1.00 84.24  ? 4   DT  A H72    1 
ATOM   1243 H  H73    . DT  D 4 4  ? -0.453  -0.435  -2.417  1.00 84.24  ? 4   DT  A H73    1 
ATOM   1244 H  H6     . DT  D 4 4  ? 0.957   -3.476  -3.519  1.00 85.62  ? 4   DT  A H6     1 
ATOM   1245 P  P      . DC  D 4 5  ? 0.435   -9.452  -5.271  1.00 99.46  ? 5   DC  A P      1 
ATOM   1246 O  OP1    . DC  D 4 5  ? 1.018   -10.783 -5.555  1.00 92.91  ? 5   DC  A OP1    1 
ATOM   1247 O  OP2    . DC  D 4 5  ? -0.229  -8.690  -6.351  1.00 94.15  ? 5   DC  A OP2    1 
ATOM   1248 O  "O5'"  . DC  D 4 5  ? -0.598  -9.600  -4.062  1.00 76.88  ? 5   DC  A "O5'"  1 
ATOM   1249 C  "C5'"  . DC  D 4 5  ? -0.152  -10.115 -2.821  1.00 75.72  ? 5   DC  A "C5'"  1 
ATOM   1250 C  "C4'"  . DC  D 4 5  ? -1.213  -9.946  -1.753  1.00 82.23  ? 5   DC  A "C4'"  1 
ATOM   1251 O  "O4'"  . DC  D 4 5  ? -1.395  -8.542  -1.450  1.00 80.58  ? 5   DC  A "O4'"  1 
ATOM   1252 C  "C3'"  . DC  D 4 5  ? -2.588  -10.481 -2.139  1.00 78.30  ? 5   DC  A "C3'"  1 
ATOM   1253 O  "O3'"  . DC  D 4 5  ? -2.983  -11.459 -1.193  1.00 69.66  ? 5   DC  A "O3'"  1 
ATOM   1254 C  "C2'"  . DC  D 4 5  ? -3.500  -9.241  -2.146  1.00 76.56  ? 5   DC  A "C2'"  1 
ATOM   1255 C  "C1'"  . DC  D 4 5  ? -2.763  -8.285  -1.229  1.00 77.47  ? 5   DC  A "C1'"  1 
ATOM   1256 N  N1     . DC  D 4 5  ? -2.994  -6.826  -1.478  1.00 77.52  ? 5   DC  A N1     1 
ATOM   1257 C  C2     . DC  D 4 5  ? -3.584  -6.035  -0.482  1.00 79.31  ? 5   DC  A C2     1 
ATOM   1258 O  O2     . DC  D 4 5  ? -3.954  -6.566  0.571   1.00 81.60  ? 5   DC  A O2     1 
ATOM   1259 N  N3     . DC  D 4 5  ? -3.747  -4.707  -0.707  1.00 71.74  ? 5   DC  A N3     1 
ATOM   1260 C  C4     . DC  D 4 5  ? -3.334  -4.167  -1.854  1.00 71.79  ? 5   DC  A C4     1 
ATOM   1261 N  N4     . DC  D 4 5  ? -3.517  -2.853  -2.028  1.00 66.72  ? 5   DC  A N4     1 
ATOM   1262 C  C5     . DC  D 4 5  ? -2.715  -4.951  -2.872  1.00 74.59  ? 5   DC  A C5     1 
ATOM   1263 C  C6     . DC  D 4 5  ? -2.560  -6.261  -2.640  1.00 73.53  ? 5   DC  A C6     1 
ATOM   1264 H  "H5'"  . DC  D 4 5  ? 0.650   -9.642  -2.549  1.00 91.49  ? 5   DC  A "H5'"  1 
ATOM   1265 H  "H5''" . DC  D 4 5  ? 0.052   -11.057 -2.921  1.00 91.49  ? 5   DC  A "H5''" 1 
ATOM   1266 H  "H4'"  . DC  D 4 5  ? -0.917  -10.402 -0.949  1.00 99.29  ? 5   DC  A "H4'"  1 
ATOM   1267 H  "H3'"  . DC  D 4 5  ? -2.553  -10.872 -3.027  1.00 94.59  ? 5   DC  A "H3'"  1 
ATOM   1268 H  "H2'"  . DC  D 4 5  ? -3.573  -8.872  -3.040  1.00 92.49  ? 5   DC  A "H2'"  1 
ATOM   1269 H  "H2''" . DC  D 4 5  ? -4.375  -9.455  -1.788  1.00 92.49  ? 5   DC  A "H2''" 1 
ATOM   1270 H  "H1'"  . DC  D 4 5  ? -2.983  -8.493  -0.307  1.00 93.58  ? 5   DC  A "H1'"  1 
ATOM   1271 H  H41    . DC  D 4 5  ? -3.263  -2.476  -2.757  1.00 80.69  ? 5   DC  A H41    1 
ATOM   1272 H  H42    . DC  D 4 5  ? -3.890  -2.385  -1.409  1.00 80.69  ? 5   DC  A H42    1 
ATOM   1273 H  H5     . DC  D 4 5  ? -2.431  -4.566  -3.670  1.00 90.14  ? 5   DC  A H5     1 
ATOM   1274 H  H6     . DC  D 4 5  ? -2.158  -6.795  -3.287  1.00 88.86  ? 5   DC  A H6     1 
ATOM   1275 P  P      . DT  D 4 6  ? -4.342  -12.283 -1.387  1.00 77.40  ? 6   DT  A P      1 
ATOM   1276 O  OP1    . DT  D 4 6  ? -4.247  -13.533 -0.599  1.00 56.32  ? 6   DT  A OP1    1 
ATOM   1277 O  OP2    . DT  D 4 6  ? -4.627  -12.337 -2.838  1.00 89.29  ? 6   DT  A OP2    1 
ATOM   1278 O  "O5'"  . DT  D 4 6  ? -5.432  -11.348 -0.705  1.00 59.89  ? 6   DT  A "O5'"  1 
ATOM   1279 C  "C5'"  . DT  D 4 6  ? -6.747  -11.806 -0.586  1.00 68.35  ? 6   DT  A "C5'"  1 
ATOM   1280 C  "C4'"  . DT  D 4 6  ? -7.632  -10.752 0.042   1.00 77.20  ? 6   DT  A "C4'"  1 
ATOM   1281 O  "O4'"  . DT  D 4 6  ? -6.998  -9.459  -0.034  1.00 79.93  ? 6   DT  A "O4'"  1 
ATOM   1282 C  "C3'"  . DT  D 4 6  ? -8.972  -10.555 -0.641  1.00 79.37  ? 6   DT  A "C3'"  1 
ATOM   1283 O  "O3'"  . DT  D 4 6  ? -9.935  -11.468 -0.135  1.00 70.15  ? 6   DT  A "O3'"  1 
ATOM   1284 C  "C2'"  . DT  D 4 6  ? -9.320  -9.096  -0.320  1.00 75.89  ? 6   DT  A "C2'"  1 
ATOM   1285 C  "C1'"  . DT  D 4 6  ? -7.992  -8.467  0.117   1.00 74.89  ? 6   DT  A "C1'"  1 
ATOM   1286 N  N1     . DT  D 4 6  ? -7.626  -7.273  -0.693  1.00 74.05  ? 6   DT  A N1     1 
ATOM   1287 C  C2     . DT  D 4 6  ? -7.883  -6.018  -0.193  1.00 78.88  ? 6   DT  A C2     1 
ATOM   1288 O  O2     . DT  D 4 6  ? -8.382  -5.824  0.902   1.00 83.97  ? 6   DT  A O2     1 
ATOM   1289 N  N3     . DT  D 4 6  ? -7.529  -4.987  -1.020  1.00 71.46  ? 6   DT  A N3     1 
ATOM   1290 C  C4     . DT  D 4 6  ? -6.959  -5.082  -2.274  1.00 71.54  ? 6   DT  A C4     1 
ATOM   1291 O  O4     . DT  D 4 6  ? -6.676  -4.092  -2.943  1.00 66.86  ? 6   DT  A O4     1 
ATOM   1292 C  C5     . DT  D 4 6  ? -6.723  -6.428  -2.746  1.00 75.43  ? 6   DT  A C5     1 
ATOM   1293 C  C7     . DT  D 4 6  ? -6.110  -6.661  -4.095  1.00 71.20  ? 6   DT  A C7     1 
ATOM   1294 C  C6     . DT  D 4 6  ? -7.069  -7.448  -1.943  1.00 72.92  ? 6   DT  A C6     1 
ATOM   1295 H  "H5'"  . DT  D 4 6  ? -6.758  -12.603 -0.033  1.00 82.65  ? 6   DT  A "H5'"  1 
ATOM   1296 H  "H5''" . DT  D 4 6  ? -7.090  -12.025 -1.467  1.00 82.65  ? 6   DT  A "H5''" 1 
ATOM   1297 H  "H4'"  . DT  D 4 6  ? -7.781  -10.977 0.974   1.00 93.27  ? 6   DT  A "H4'"  1 
ATOM   1298 H  "H3'"  . DT  D 4 6  ? -8.875  -10.670 -1.599  1.00 95.87  ? 6   DT  A "H3'"  1 
ATOM   1299 H  "HO3'" . DT  D 4 6  ? -10.304 -12.018 -0.653  1.00 84.80  ? 6   DT  A "HO3'" 1 
ATOM   1300 H  "H2'"  . DT  D 4 6  ? -9.662  -8.649  -1.110  1.00 91.69  ? 6   DT  A "H2'"  1 
ATOM   1301 H  "H2''" . DT  D 4 6  ? -9.966  -9.054  0.401   1.00 91.69  ? 6   DT  A "H2''" 1 
ATOM   1302 H  "H1'"  . DT  D 4 6  ? -8.051  -8.214  1.051   1.00 90.49  ? 6   DT  A "H1'"  1 
ATOM   1303 H  H3     . DT  D 4 6  ? -7.675  -4.192  -0.725  1.00 86.38  ? 6   DT  A H3     1 
ATOM   1304 H  H71    . DT  D 4 6  ? -5.277  -7.147  -3.993  1.00 86.06  ? 6   DT  A H71    1 
ATOM   1305 H  H72    . DT  D 4 6  ? -6.721  -7.179  -4.642  1.00 86.06  ? 6   DT  A H72    1 
ATOM   1306 H  H73    . DT  D 4 6  ? -5.938  -5.808  -4.523  1.00 86.06  ? 6   DT  A H73    1 
ATOM   1307 H  H6     . DT  D 4 6  ? -6.919  -8.317  -2.243  1.00 88.13  ? 6   DT  A H6     1 
HETATM 1308 AS AS     . CAC E 5 .  ? 7.510   1.635   9.644   1.00 175.62 ? 101 CAC A AS     1 
HETATM 1309 AS AS     . CAC F 5 .  ? 1.258   4.563   0.064   1.00 192.70 ? 102 CAC A AS     1 
# 
loop_
_pdbx_poly_seq_scheme.asym_id 
_pdbx_poly_seq_scheme.entity_id 
_pdbx_poly_seq_scheme.seq_id 
_pdbx_poly_seq_scheme.mon_id 
_pdbx_poly_seq_scheme.ndb_seq_num 
_pdbx_poly_seq_scheme.pdb_seq_num 
_pdbx_poly_seq_scheme.auth_seq_num 
_pdbx_poly_seq_scheme.pdb_mon_id 
_pdbx_poly_seq_scheme.auth_mon_id 
_pdbx_poly_seq_scheme.pdb_strand_id 
_pdbx_poly_seq_scheme.pdb_ins_code 
_pdbx_poly_seq_scheme.hetero 
A 1 1  DG 1  7  7  DG DG B . n 
A 1 2  DA 2  8  8  DA DA B . n 
A 1 3  DA 3  9  9  DA DA B . n 
A 1 4  DC 4  10 10 DC DC B . n 
A 1 5  DG 5  11 11 DG DG B . n 
A 1 6  DA 6  12 12 DA DA B . n 
A 1 7  DC 7  13 13 DC DC B . n 
A 1 8  DA 8  14 14 DA DA B . n 
A 1 9  DC 9  15 15 DC DC B . n 
A 1 10 DA 10 16 16 DA DA B . n 
A 1 11 DG 11 17 17 DG DG B . n 
A 1 12 DA 12 18 18 DA DA B . n 
A 1 13 DC 13 19 19 DC DC B . n 
A 1 14 DG 14 20 20 DG DG B . n 
A 1 15 DA 15 21 21 DA DA B . n 
A 1 16 DC 16 22 22 DC DC B . n 
A 1 17 DG 17 23 23 DG DG B . n 
A 1 18 DA 18 24 24 DA DA B . n 
A 1 19 DC 19 25 25 DC DC B . n 
A 1 20 DT 20 26 26 DT DT B . n 
A 1 21 DC 21 27 27 DC DC B . n 
B 2 1  DT 1  28 28 DT DT C . n 
B 2 2  DC 2  29 29 DC DC C . n 
B 2 3  DG 3  30 30 DG DG C . n 
B 2 4  DA 4  31 31 DA DA C . n 
B 2 5  DG 5  32 32 DG DG C . n 
B 2 6  DT 6  33 33 DT DT C . n 
B 2 7  DC 7  34 34 DC DC C . n 
B 2 8  DG 8  35 35 DG DG C . n 
C 3 1  DG 1  36 36 DG DG D . n 
C 3 2  DT 2  37 37 DT DT D . n 
C 3 3  DG 3  38 38 DG DG D . n 
C 3 4  DT 4  39 39 DT DT D . n 
C 3 5  DC 5  40 40 DC DC D . n 
C 3 6  DG 6  41 41 DG DG D . n 
C 3 7  DT 7  42 42 DT DT D . n 
D 4 1  DT 1  1  1  DT DT A . n 
D 4 2  DC 2  2  2  DC DC A . n 
D 4 3  DG 3  3  3  DG DG A . n 
D 4 4  DT 4  4  4  DT DT A . n 
D 4 5  DC 5  5  5  DC DC A . n 
D 4 6  DT 6  6  6  DT DT A . n 
# 
loop_
_pdbx_nonpoly_scheme.asym_id 
_pdbx_nonpoly_scheme.entity_id 
_pdbx_nonpoly_scheme.mon_id 
_pdbx_nonpoly_scheme.ndb_seq_num 
_pdbx_nonpoly_scheme.pdb_seq_num 
_pdbx_nonpoly_scheme.auth_seq_num 
_pdbx_nonpoly_scheme.pdb_mon_id 
_pdbx_nonpoly_scheme.auth_mon_id 
_pdbx_nonpoly_scheme.pdb_strand_id 
_pdbx_nonpoly_scheme.pdb_ins_code 
E 5 CAC 1 101 1 CAC AS A . 
F 5 CAC 1 102 2 CAC AS A . 
# 
_pdbx_struct_assembly.id                   1 
_pdbx_struct_assembly.details              author_defined_assembly 
_pdbx_struct_assembly.method_details       ? 
_pdbx_struct_assembly.oligomeric_details   tetrameric 
_pdbx_struct_assembly.oligomeric_count     4 
# 
_pdbx_struct_assembly_gen.assembly_id       1 
_pdbx_struct_assembly_gen.oper_expression   1 
_pdbx_struct_assembly_gen.asym_id_list      A,B,C,D,E,F 
# 
_pdbx_struct_oper_list.id                   1 
_pdbx_struct_oper_list.type                 'identity operation' 
_pdbx_struct_oper_list.name                 1_555 
_pdbx_struct_oper_list.symmetry_operation   x,y,z 
_pdbx_struct_oper_list.matrix[1][1]         1.0000000000 
_pdbx_struct_oper_list.matrix[1][2]         0.0000000000 
_pdbx_struct_oper_list.matrix[1][3]         0.0000000000 
_pdbx_struct_oper_list.vector[1]            0.0000000000 
_pdbx_struct_oper_list.matrix[2][1]         0.0000000000 
_pdbx_struct_oper_list.matrix[2][2]         1.0000000000 
_pdbx_struct_oper_list.matrix[2][3]         0.0000000000 
_pdbx_struct_oper_list.vector[2]            0.0000000000 
_pdbx_struct_oper_list.matrix[3][1]         0.0000000000 
_pdbx_struct_oper_list.matrix[3][2]         0.0000000000 
_pdbx_struct_oper_list.matrix[3][3]         1.0000000000 
_pdbx_struct_oper_list.vector[3]            0.0000000000 
# 
loop_
_pdbx_audit_revision_history.ordinal 
_pdbx_audit_revision_history.data_content_type 
_pdbx_audit_revision_history.major_revision 
_pdbx_audit_revision_history.minor_revision 
_pdbx_audit_revision_history.revision_date 
1 'Structure model' 1 0 2021-07-14 
2 'Structure model' 1 1 2022-07-06 
3 'Structure model' 1 2 2023-10-18 
# 
_pdbx_audit_revision_details.ordinal             1 
_pdbx_audit_revision_details.revision_ordinal    1 
_pdbx_audit_revision_details.data_content_type   'Structure model' 
_pdbx_audit_revision_details.provider            repository 
_pdbx_audit_revision_details.type                'Initial release' 
_pdbx_audit_revision_details.description         ? 
_pdbx_audit_revision_details.details             ? 
# 
loop_
_pdbx_audit_revision_group.ordinal 
_pdbx_audit_revision_group.revision_ordinal 
_pdbx_audit_revision_group.data_content_type 
_pdbx_audit_revision_group.group 
1 2 'Structure model' 'Database references'    
2 3 'Structure model' 'Data collection'        
3 3 'Structure model' 'Refinement description' 
# 
loop_
_pdbx_audit_revision_category.ordinal 
_pdbx_audit_revision_category.revision_ordinal 
_pdbx_audit_revision_category.data_content_type 
_pdbx_audit_revision_category.category 
1 2 'Structure model' citation                      
2 2 'Structure model' citation_author               
3 2 'Structure model' database_2                    
4 3 'Structure model' chem_comp_atom                
5 3 'Structure model' chem_comp_bond                
6 3 'Structure model' pdbx_initial_refinement_model 
# 
loop_
_pdbx_audit_revision_item.ordinal 
_pdbx_audit_revision_item.revision_ordinal 
_pdbx_audit_revision_item.data_content_type 
_pdbx_audit_revision_item.item 
1  2 'Structure model' '_citation.country'                   
2  2 'Structure model' '_citation.journal_abbrev'            
3  2 'Structure model' '_citation.journal_id_CSD'            
4  2 'Structure model' '_citation.journal_id_ISSN'           
5  2 'Structure model' '_citation.journal_volume'            
6  2 'Structure model' '_citation.page_first'                
7  2 'Structure model' '_citation.page_last'                 
8  2 'Structure model' '_citation.pdbx_database_id_DOI'      
9  2 'Structure model' '_citation.pdbx_database_id_PubMed'   
10 2 'Structure model' '_citation.title'                     
11 2 'Structure model' '_citation.year'                      
12 2 'Structure model' '_database_2.pdbx_DOI'                
13 2 'Structure model' '_database_2.pdbx_database_accession' 
# 
loop_
_software.citation_id 
_software.classification 
_software.compiler_name 
_software.compiler_version 
_software.contact_author 
_software.contact_author_email 
_software.date 
_software.description 
_software.dependencies 
_software.hardware 
_software.language 
_software.location 
_software.mods 
_software.name 
_software.os 
_software.os_version 
_software.type 
_software.version 
_software.pdbx_ordinal 
? refinement        ? ? ? ? ? ? ? ? ? ? ? PHENIX      ? ? ? 1.11.1_2575 1 
? 'data reduction'  ? ? ? ? ? ? ? ? ? ? ? HKL-2000    ? ? ? .           2 
? 'data scaling'    ? ? ? ? ? ? ? ? ? ? ? HKL-2000    ? ? ? .           3 
? 'data extraction' ? ? ? ? ? ? ? ? ? ? ? PDB_EXTRACT ? ? ? 3.25        4 
? phasing           ? ? ? ? ? ? ? ? ? ? ? PHASER      ? ? ? .           5 
# 
_pdbx_entry_details.entry_id                 7JKJ 
_pdbx_entry_details.nonpolymer_details       ? 
_pdbx_entry_details.sequence_details         ? 
_pdbx_entry_details.compound_details         ? 
_pdbx_entry_details.source_details           ? 
_pdbx_entry_details.has_ligand_of_interest   N 
# 
loop_
_pdbx_unobs_or_zero_occ_atoms.id 
_pdbx_unobs_or_zero_occ_atoms.PDB_model_num 
_pdbx_unobs_or_zero_occ_atoms.polymer_flag 
_pdbx_unobs_or_zero_occ_atoms.occupancy_flag 
_pdbx_unobs_or_zero_occ_atoms.auth_asym_id 
_pdbx_unobs_or_zero_occ_atoms.auth_comp_id 
_pdbx_unobs_or_zero_occ_atoms.auth_seq_id 
_pdbx_unobs_or_zero_occ_atoms.PDB_ins_code 
_pdbx_unobs_or_zero_occ_atoms.auth_atom_id 
_pdbx_unobs_or_zero_occ_atoms.label_alt_id 
_pdbx_unobs_or_zero_occ_atoms.label_asym_id 
_pdbx_unobs_or_zero_occ_atoms.label_comp_id 
_pdbx_unobs_or_zero_occ_atoms.label_seq_id 
_pdbx_unobs_or_zero_occ_atoms.label_atom_id 
1 1 N 1 A CAC 101 ? O1 ? E CAC 1 O1 
2 1 N 1 A CAC 101 ? O2 ? E CAC 1 O2 
3 1 N 1 A CAC 101 ? C1 ? E CAC 1 C1 
4 1 N 1 A CAC 101 ? C2 ? E CAC 1 C2 
5 1 N 1 A CAC 102 ? O1 ? F CAC 1 O1 
6 1 N 1 A CAC 102 ? O2 ? F CAC 1 O2 
7 1 N 1 A CAC 102 ? C1 ? F CAC 1 C1 
8 1 N 1 A CAC 102 ? C2 ? F CAC 1 C2 
# 
loop_
_chem_comp_atom.comp_id 
_chem_comp_atom.atom_id 
_chem_comp_atom.type_symbol 
_chem_comp_atom.pdbx_aromatic_flag 
_chem_comp_atom.pdbx_stereo_config 
_chem_comp_atom.pdbx_ordinal 
CAC AS     AS N N 1   
CAC O1     O  N N 2   
CAC O2     O  N N 3   
CAC C1     C  N N 4   
CAC C2     C  N N 5   
CAC H11    H  N N 6   
CAC H12    H  N N 7   
CAC H13    H  N N 8   
CAC H21    H  N N 9   
CAC H22    H  N N 10  
CAC H23    H  N N 11  
DA  OP3    O  N N 12  
DA  P      P  N N 13  
DA  OP1    O  N N 14  
DA  OP2    O  N N 15  
DA  "O5'"  O  N N 16  
DA  "C5'"  C  N N 17  
DA  "C4'"  C  N R 18  
DA  "O4'"  O  N N 19  
DA  "C3'"  C  N S 20  
DA  "O3'"  O  N N 21  
DA  "C2'"  C  N N 22  
DA  "C1'"  C  N R 23  
DA  N9     N  Y N 24  
DA  C8     C  Y N 25  
DA  N7     N  Y N 26  
DA  C5     C  Y N 27  
DA  C6     C  Y N 28  
DA  N6     N  N N 29  
DA  N1     N  Y N 30  
DA  C2     C  Y N 31  
DA  N3     N  Y N 32  
DA  C4     C  Y N 33  
DA  HOP3   H  N N 34  
DA  HOP2   H  N N 35  
DA  "H5'"  H  N N 36  
DA  "H5''" H  N N 37  
DA  "H4'"  H  N N 38  
DA  "H3'"  H  N N 39  
DA  "HO3'" H  N N 40  
DA  "H2'"  H  N N 41  
DA  "H2''" H  N N 42  
DA  "H1'"  H  N N 43  
DA  H8     H  N N 44  
DA  H61    H  N N 45  
DA  H62    H  N N 46  
DA  H2     H  N N 47  
DC  OP3    O  N N 48  
DC  P      P  N N 49  
DC  OP1    O  N N 50  
DC  OP2    O  N N 51  
DC  "O5'"  O  N N 52  
DC  "C5'"  C  N N 53  
DC  "C4'"  C  N R 54  
DC  "O4'"  O  N N 55  
DC  "C3'"  C  N S 56  
DC  "O3'"  O  N N 57  
DC  "C2'"  C  N N 58  
DC  "C1'"  C  N R 59  
DC  N1     N  N N 60  
DC  C2     C  N N 61  
DC  O2     O  N N 62  
DC  N3     N  N N 63  
DC  C4     C  N N 64  
DC  N4     N  N N 65  
DC  C5     C  N N 66  
DC  C6     C  N N 67  
DC  HOP3   H  N N 68  
DC  HOP2   H  N N 69  
DC  "H5'"  H  N N 70  
DC  "H5''" H  N N 71  
DC  "H4'"  H  N N 72  
DC  "H3'"  H  N N 73  
DC  "HO3'" H  N N 74  
DC  "H2'"  H  N N 75  
DC  "H2''" H  N N 76  
DC  "H1'"  H  N N 77  
DC  H41    H  N N 78  
DC  H42    H  N N 79  
DC  H5     H  N N 80  
DC  H6     H  N N 81  
DG  OP3    O  N N 82  
DG  P      P  N N 83  
DG  OP1    O  N N 84  
DG  OP2    O  N N 85  
DG  "O5'"  O  N N 86  
DG  "C5'"  C  N N 87  
DG  "C4'"  C  N R 88  
DG  "O4'"  O  N N 89  
DG  "C3'"  C  N S 90  
DG  "O3'"  O  N N 91  
DG  "C2'"  C  N N 92  
DG  "C1'"  C  N R 93  
DG  N9     N  Y N 94  
DG  C8     C  Y N 95  
DG  N7     N  Y N 96  
DG  C5     C  Y N 97  
DG  C6     C  N N 98  
DG  O6     O  N N 99  
DG  N1     N  N N 100 
DG  C2     C  N N 101 
DG  N2     N  N N 102 
DG  N3     N  N N 103 
DG  C4     C  Y N 104 
DG  HOP3   H  N N 105 
DG  HOP2   H  N N 106 
DG  "H5'"  H  N N 107 
DG  "H5''" H  N N 108 
DG  "H4'"  H  N N 109 
DG  "H3'"  H  N N 110 
DG  "HO3'" H  N N 111 
DG  "H2'"  H  N N 112 
DG  "H2''" H  N N 113 
DG  "H1'"  H  N N 114 
DG  H8     H  N N 115 
DG  H1     H  N N 116 
DG  H21    H  N N 117 
DG  H22    H  N N 118 
DT  OP3    O  N N 119 
DT  P      P  N N 120 
DT  OP1    O  N N 121 
DT  OP2    O  N N 122 
DT  "O5'"  O  N N 123 
DT  "C5'"  C  N N 124 
DT  "C4'"  C  N R 125 
DT  "O4'"  O  N N 126 
DT  "C3'"  C  N S 127 
DT  "O3'"  O  N N 128 
DT  "C2'"  C  N N 129 
DT  "C1'"  C  N R 130 
DT  N1     N  N N 131 
DT  C2     C  N N 132 
DT  O2     O  N N 133 
DT  N3     N  N N 134 
DT  C4     C  N N 135 
DT  O4     O  N N 136 
DT  C5     C  N N 137 
DT  C7     C  N N 138 
DT  C6     C  N N 139 
DT  HOP3   H  N N 140 
DT  HOP2   H  N N 141 
DT  "H5'"  H  N N 142 
DT  "H5''" H  N N 143 
DT  "H4'"  H  N N 144 
DT  "H3'"  H  N N 145 
DT  "HO3'" H  N N 146 
DT  "H2'"  H  N N 147 
DT  "H2''" H  N N 148 
DT  "H1'"  H  N N 149 
DT  H3     H  N N 150 
DT  H71    H  N N 151 
DT  H72    H  N N 152 
DT  H73    H  N N 153 
DT  H6     H  N N 154 
# 
loop_
_chem_comp_bond.comp_id 
_chem_comp_bond.atom_id_1 
_chem_comp_bond.atom_id_2 
_chem_comp_bond.value_order 
_chem_comp_bond.pdbx_aromatic_flag 
_chem_comp_bond.pdbx_stereo_config 
_chem_comp_bond.pdbx_ordinal 
CAC AS    O1     doub N N 1   
CAC AS    O2     sing N N 2   
CAC AS    C1     sing N N 3   
CAC AS    C2     sing N N 4   
CAC C1    H11    sing N N 5   
CAC C1    H12    sing N N 6   
CAC C1    H13    sing N N 7   
CAC C2    H21    sing N N 8   
CAC C2    H22    sing N N 9   
CAC C2    H23    sing N N 10  
DA  OP3   P      sing N N 11  
DA  OP3   HOP3   sing N N 12  
DA  P     OP1    doub N N 13  
DA  P     OP2    sing N N 14  
DA  P     "O5'"  sing N N 15  
DA  OP2   HOP2   sing N N 16  
DA  "O5'" "C5'"  sing N N 17  
DA  "C5'" "C4'"  sing N N 18  
DA  "C5'" "H5'"  sing N N 19  
DA  "C5'" "H5''" sing N N 20  
DA  "C4'" "O4'"  sing N N 21  
DA  "C4'" "C3'"  sing N N 22  
DA  "C4'" "H4'"  sing N N 23  
DA  "O4'" "C1'"  sing N N 24  
DA  "C3'" "O3'"  sing N N 25  
DA  "C3'" "C2'"  sing N N 26  
DA  "C3'" "H3'"  sing N N 27  
DA  "O3'" "HO3'" sing N N 28  
DA  "C2'" "C1'"  sing N N 29  
DA  "C2'" "H2'"  sing N N 30  
DA  "C2'" "H2''" sing N N 31  
DA  "C1'" N9     sing N N 32  
DA  "C1'" "H1'"  sing N N 33  
DA  N9    C8     sing Y N 34  
DA  N9    C4     sing Y N 35  
DA  C8    N7     doub Y N 36  
DA  C8    H8     sing N N 37  
DA  N7    C5     sing Y N 38  
DA  C5    C6     sing Y N 39  
DA  C5    C4     doub Y N 40  
DA  C6    N6     sing N N 41  
DA  C6    N1     doub Y N 42  
DA  N6    H61    sing N N 43  
DA  N6    H62    sing N N 44  
DA  N1    C2     sing Y N 45  
DA  C2    N3     doub Y N 46  
DA  C2    H2     sing N N 47  
DA  N3    C4     sing Y N 48  
DC  OP3   P      sing N N 49  
DC  OP3   HOP3   sing N N 50  
DC  P     OP1    doub N N 51  
DC  P     OP2    sing N N 52  
DC  P     "O5'"  sing N N 53  
DC  OP2   HOP2   sing N N 54  
DC  "O5'" "C5'"  sing N N 55  
DC  "C5'" "C4'"  sing N N 56  
DC  "C5'" "H5'"  sing N N 57  
DC  "C5'" "H5''" sing N N 58  
DC  "C4'" "O4'"  sing N N 59  
DC  "C4'" "C3'"  sing N N 60  
DC  "C4'" "H4'"  sing N N 61  
DC  "O4'" "C1'"  sing N N 62  
DC  "C3'" "O3'"  sing N N 63  
DC  "C3'" "C2'"  sing N N 64  
DC  "C3'" "H3'"  sing N N 65  
DC  "O3'" "HO3'" sing N N 66  
DC  "C2'" "C1'"  sing N N 67  
DC  "C2'" "H2'"  sing N N 68  
DC  "C2'" "H2''" sing N N 69  
DC  "C1'" N1     sing N N 70  
DC  "C1'" "H1'"  sing N N 71  
DC  N1    C2     sing N N 72  
DC  N1    C6     sing N N 73  
DC  C2    O2     doub N N 74  
DC  C2    N3     sing N N 75  
DC  N3    C4     doub N N 76  
DC  C4    N4     sing N N 77  
DC  C4    C5     sing N N 78  
DC  N4    H41    sing N N 79  
DC  N4    H42    sing N N 80  
DC  C5    C6     doub N N 81  
DC  C5    H5     sing N N 82  
DC  C6    H6     sing N N 83  
DG  OP3   P      sing N N 84  
DG  OP3   HOP3   sing N N 85  
DG  P     OP1    doub N N 86  
DG  P     OP2    sing N N 87  
DG  P     "O5'"  sing N N 88  
DG  OP2   HOP2   sing N N 89  
DG  "O5'" "C5'"  sing N N 90  
DG  "C5'" "C4'"  sing N N 91  
DG  "C5'" "H5'"  sing N N 92  
DG  "C5'" "H5''" sing N N 93  
DG  "C4'" "O4'"  sing N N 94  
DG  "C4'" "C3'"  sing N N 95  
DG  "C4'" "H4'"  sing N N 96  
DG  "O4'" "C1'"  sing N N 97  
DG  "C3'" "O3'"  sing N N 98  
DG  "C3'" "C2'"  sing N N 99  
DG  "C3'" "H3'"  sing N N 100 
DG  "O3'" "HO3'" sing N N 101 
DG  "C2'" "C1'"  sing N N 102 
DG  "C2'" "H2'"  sing N N 103 
DG  "C2'" "H2''" sing N N 104 
DG  "C1'" N9     sing N N 105 
DG  "C1'" "H1'"  sing N N 106 
DG  N9    C8     sing Y N 107 
DG  N9    C4     sing Y N 108 
DG  C8    N7     doub Y N 109 
DG  C8    H8     sing N N 110 
DG  N7    C5     sing Y N 111 
DG  C5    C6     sing N N 112 
DG  C5    C4     doub Y N 113 
DG  C6    O6     doub N N 114 
DG  C6    N1     sing N N 115 
DG  N1    C2     sing N N 116 
DG  N1    H1     sing N N 117 
DG  C2    N2     sing N N 118 
DG  C2    N3     doub N N 119 
DG  N2    H21    sing N N 120 
DG  N2    H22    sing N N 121 
DG  N3    C4     sing N N 122 
DT  OP3   P      sing N N 123 
DT  OP3   HOP3   sing N N 124 
DT  P     OP1    doub N N 125 
DT  P     OP2    sing N N 126 
DT  P     "O5'"  sing N N 127 
DT  OP2   HOP2   sing N N 128 
DT  "O5'" "C5'"  sing N N 129 
DT  "C5'" "C4'"  sing N N 130 
DT  "C5'" "H5'"  sing N N 131 
DT  "C5'" "H5''" sing N N 132 
DT  "C4'" "O4'"  sing N N 133 
DT  "C4'" "C3'"  sing N N 134 
DT  "C4'" "H4'"  sing N N 135 
DT  "O4'" "C1'"  sing N N 136 
DT  "C3'" "O3'"  sing N N 137 
DT  "C3'" "C2'"  sing N N 138 
DT  "C3'" "H3'"  sing N N 139 
DT  "O3'" "HO3'" sing N N 140 
DT  "C2'" "C1'"  sing N N 141 
DT  "C2'" "H2'"  sing N N 142 
DT  "C2'" "H2''" sing N N 143 
DT  "C1'" N1     sing N N 144 
DT  "C1'" "H1'"  sing N N 145 
DT  N1    C2     sing N N 146 
DT  N1    C6     sing N N 147 
DT  C2    O2     doub N N 148 
DT  C2    N3     sing N N 149 
DT  N3    C4     sing N N 150 
DT  N3    H3     sing N N 151 
DT  C4    O4     doub N N 152 
DT  C4    C5     sing N N 153 
DT  C5    C7     sing N N 154 
DT  C5    C6     doub N N 155 
DT  C7    H71    sing N N 156 
DT  C7    H72    sing N N 157 
DT  C7    H73    sing N N 158 
DT  C6    H6     sing N N 159 
# 
loop_
_ndb_struct_conf_na.entry_id 
_ndb_struct_conf_na.feature 
7JKJ 'double helix'        
7JKJ 'a-form double helix' 
7JKJ 'b-form double helix' 
# 
loop_
_ndb_struct_na_base_pair.model_number 
_ndb_struct_na_base_pair.i_label_asym_id 
_ndb_struct_na_base_pair.i_label_comp_id 
_ndb_struct_na_base_pair.i_label_seq_id 
_ndb_struct_na_base_pair.i_symmetry 
_ndb_struct_na_base_pair.j_label_asym_id 
_ndb_struct_na_base_pair.j_label_comp_id 
_ndb_struct_na_base_pair.j_label_seq_id 
_ndb_struct_na_base_pair.j_symmetry 
_ndb_struct_na_base_pair.shear 
_ndb_struct_na_base_pair.stretch 
_ndb_struct_na_base_pair.stagger 
_ndb_struct_na_base_pair.buckle 
_ndb_struct_na_base_pair.propeller 
_ndb_struct_na_base_pair.opening 
_ndb_struct_na_base_pair.pair_number 
_ndb_struct_na_base_pair.pair_name 
_ndb_struct_na_base_pair.i_auth_asym_id 
_ndb_struct_na_base_pair.i_auth_seq_id 
_ndb_struct_na_base_pair.i_PDB_ins_code 
_ndb_struct_na_base_pair.j_auth_asym_id 
_ndb_struct_na_base_pair.j_auth_seq_id 
_ndb_struct_na_base_pair.j_PDB_ins_code 
_ndb_struct_na_base_pair.hbond_type_28 
_ndb_struct_na_base_pair.hbond_type_12 
1 A DA 3  1_555 C DT 7 1_555 0.153  0.094  0.342  7.977   -17.423 8.699   1  B_DA9:DT42_D  B 9  ? D 42 ? 20 1 
1 A DC 4  1_555 C DG 6 1_555 -0.893 0.344  -0.009 1.548   -18.008 12.372  2  B_DC10:DG41_D B 10 ? D 41 ? 19 1 
1 A DG 5  1_555 C DC 5 1_555 0.198  -0.044 -0.659 -5.191  -13.518 -2.408  3  B_DG11:DC40_D B 11 ? D 40 ? 19 1 
1 A DA 6  1_555 C DT 4 1_555 0.325  -0.373 -1.008 6.765   -13.651 -6.004  4  B_DA12:DT39_D B 12 ? D 39 ? 20 1 
1 A DC 7  1_555 C DG 3 1_555 -1.023 0.391  -0.275 10.050  -17.095 6.768   5  B_DC13:DG38_D B 13 ? D 38 ? 19 1 
1 A DA 8  1_555 C DT 2 1_555 -0.461 0.231  0.435  -10.656 -26.855 -11.008 6  B_DA14:DT37_D B 14 ? D 37 ? 20 1 
1 A DC 9  1_555 C DG 1 1_555 -0.587 -0.204 0.841  -16.973 -21.229 -2.151  7  B_DC15:DG36_D B 15 ? D 36 ? 19 1 
1 A DA 10 1_555 D DT 6 1_555 0.028  0.269  0.948  -4.513  0.921   -6.693  8  B_DA16:DT6_A  B 16 ? A 6  ? 20 1 
1 A DG 11 1_555 D DC 5 1_555 0.733  0.043  0.873  6.896   -0.459  5.105   9  B_DG17:DC5_A  B 17 ? A 5  ? 19 1 
1 A DA 12 1_555 D DT 4 1_555 0.871  -0.049 0.864  6.223   -8.147  0.720   10 B_DA18:DT4_A  B 18 ? A 4  ? 20 1 
1 A DC 13 1_555 D DG 3 1_555 -0.393 -0.079 0.436  0.306   -9.257  -3.451  11 B_DC19:DG3_A  B 19 ? A 3  ? 19 1 
1 A DG 14 1_555 D DC 2 1_555 0.036  -0.129 0.073  -2.053  -10.151 -5.650  12 B_DG20:DC2_A  B 20 ? A 2  ? 19 1 
1 A DA 15 1_555 D DT 1 1_555 0.532  -0.028 -0.227 -7.053  -5.853  -16.132 13 B_DA21:DT1_A  B 21 ? A 1  ? 20 1 
1 A DC 16 1_555 B DG 8 1_555 -0.426 -0.279 0.232  -1.787  -0.063  -2.163  14 B_DC22:DG35_C B 22 ? C 35 ? 19 1 
1 A DG 17 1_555 B DC 7 1_555 0.767  -0.043 0.767  8.069   -1.045  -9.852  15 B_DG23:DC34_C B 23 ? C 34 ? 19 1 
1 A DA 18 1_555 B DT 6 1_555 0.779  -0.301 0.410  5.704   -0.079  -4.512  16 B_DA24:DT33_C B 24 ? C 33 ? 20 1 
1 A DC 19 1_555 B DG 5 1_555 -0.200 0.032  -0.156 8.054   1.322   5.630   17 B_DC25:DG32_C B 25 ? C 32 ? 19 1 
1 A DT 20 1_555 B DA 4 1_555 -0.460 -0.038 -0.091 8.568   -4.953  -11.036 18 B_DT26:DA31_C B 26 ? C 31 ? 20 1 
1 A DC 21 1_555 B DG 3 1_555 0.177  -0.377 0.546  6.032   -11.279 -1.039  19 B_DC27:DG30_C B 27 ? C 30 ? 19 1 
# 
loop_
_ndb_struct_na_base_pair_step.model_number 
_ndb_struct_na_base_pair_step.i_label_asym_id_1 
_ndb_struct_na_base_pair_step.i_label_comp_id_1 
_ndb_struct_na_base_pair_step.i_label_seq_id_1 
_ndb_struct_na_base_pair_step.i_symmetry_1 
_ndb_struct_na_base_pair_step.j_label_asym_id_1 
_ndb_struct_na_base_pair_step.j_label_comp_id_1 
_ndb_struct_na_base_pair_step.j_label_seq_id_1 
_ndb_struct_na_base_pair_step.j_symmetry_1 
_ndb_struct_na_base_pair_step.i_label_asym_id_2 
_ndb_struct_na_base_pair_step.i_label_comp_id_2 
_ndb_struct_na_base_pair_step.i_label_seq_id_2 
_ndb_struct_na_base_pair_step.i_symmetry_2 
_ndb_struct_na_base_pair_step.j_label_asym_id_2 
_ndb_struct_na_base_pair_step.j_label_comp_id_2 
_ndb_struct_na_base_pair_step.j_label_seq_id_2 
_ndb_struct_na_base_pair_step.j_symmetry_2 
_ndb_struct_na_base_pair_step.shift 
_ndb_struct_na_base_pair_step.slide 
_ndb_struct_na_base_pair_step.rise 
_ndb_struct_na_base_pair_step.tilt 
_ndb_struct_na_base_pair_step.roll 
_ndb_struct_na_base_pair_step.twist 
_ndb_struct_na_base_pair_step.x_displacement 
_ndb_struct_na_base_pair_step.y_displacement 
_ndb_struct_na_base_pair_step.helical_rise 
_ndb_struct_na_base_pair_step.inclination 
_ndb_struct_na_base_pair_step.tip 
_ndb_struct_na_base_pair_step.helical_twist 
_ndb_struct_na_base_pair_step.step_number 
_ndb_struct_na_base_pair_step.step_name 
_ndb_struct_na_base_pair_step.i_auth_asym_id_1 
_ndb_struct_na_base_pair_step.i_auth_seq_id_1 
_ndb_struct_na_base_pair_step.i_PDB_ins_code_1 
_ndb_struct_na_base_pair_step.j_auth_asym_id_1 
_ndb_struct_na_base_pair_step.j_auth_seq_id_1 
_ndb_struct_na_base_pair_step.j_PDB_ins_code_1 
_ndb_struct_na_base_pair_step.i_auth_asym_id_2 
_ndb_struct_na_base_pair_step.i_auth_seq_id_2 
_ndb_struct_na_base_pair_step.i_PDB_ins_code_2 
_ndb_struct_na_base_pair_step.j_auth_asym_id_2 
_ndb_struct_na_base_pair_step.j_auth_seq_id_2 
_ndb_struct_na_base_pair_step.j_PDB_ins_code_2 
1 A DA 3  1_555 C DT 7 1_555 A DC 4  1_555 C DG 6 1_555 -0.201 -0.581 3.272 1.414  1.666  29.903 -1.464 0.678  3.223 3.223  -2.735 
29.980 1  BB_DA9DC10:DG41DT42_DD  B 9  ? D 42 ? B 10 ? D 41 ? 
1 A DC 4  1_555 C DG 6 1_555 A DG 5  1_555 C DC 5 1_555 -0.648 0.483  3.934 2.113  2.556  33.500 0.334  1.534  3.912 4.421  -3.654 
33.659 2  BB_DC10DG11:DC40DG41_DD B 10 ? D 41 ? B 11 ? D 40 ? 
1 A DG 5  1_555 C DC 5 1_555 A DA 6  1_555 C DT 4 1_555 -0.437 0.400  3.138 0.903  4.029  38.906 0.130  0.758  3.151 6.028  -1.352 
39.116 3  BB_DG11DA12:DT39DC40_DD B 11 ? D 40 ? B 12 ? D 39 ? 
1 A DA 6  1_555 C DT 4 1_555 A DC 7  1_555 C DG 3 1_555 0.925  -0.578 3.150 -0.479 0.376  28.153 -1.273 -2.009 3.126 0.772  0.985  
28.159 4  BB_DA12DC13:DG38DT39_DD B 12 ? D 39 ? B 13 ? D 38 ? 
1 A DC 7  1_555 C DG 3 1_555 A DA 8  1_555 C DT 2 1_555 -0.094 -0.940 3.778 -1.124 0.584  37.495 -1.550 -0.023 3.765 0.908  1.749  
37.515 5  BB_DC13DA14:DT37DG38_DD B 13 ? D 38 ? B 14 ? D 37 ? 
1 A DA 8  1_555 C DT 2 1_555 A DC 9  1_555 C DG 1 1_555 0.805  -0.707 3.473 -5.553 -3.221 40.114 -0.641 -1.811 3.381 -4.659 8.033  
40.603 6  BB_DA14DC15:DG36DT37_DD B 14 ? D 37 ? B 15 ? D 36 ? 
1 A DC 9  1_555 C DG 1 1_555 A DA 10 1_555 D DT 6 1_555 -1.855 -1.456 2.536 -4.561 6.830  29.523 -3.794 2.819  2.400 13.085 8.740  
30.620 7  BB_DC15DA16:DT6DG36_AD  B 15 ? D 36 ? B 16 ? A 6  ? 
1 A DA 10 1_555 D DT 6 1_555 A DG 11 1_555 D DC 5 1_555 0.149  -0.543 3.194 -2.428 4.285  36.283 -1.433 -0.559 3.096 6.842  3.877  
36.605 8  BB_DA16DG17:DC5DT6_AA   B 16 ? A 6  ? B 17 ? A 5  ? 
1 A DG 11 1_555 D DC 5 1_555 A DA 12 1_555 D DT 4 1_555 -0.912 0.009  3.171 -1.348 2.399  38.526 -0.274 1.217  3.194 3.630  2.039  
38.620 9  BB_DG17DA18:DT4DC5_AA   B 17 ? A 5  ? B 18 ? A 4  ? 
1 A DA 12 1_555 D DT 4 1_555 A DC 13 1_555 D DG 3 1_555 -0.181 -1.414 3.325 0.899  -1.245 27.380 -2.667 0.609  3.377 -2.627 -1.897 
27.422 10 BB_DA18DC19:DG3DT4_AA   B 18 ? A 4  ? B 19 ? A 3  ? 
1 A DC 13 1_555 D DG 3 1_555 A DG 14 1_555 D DC 2 1_555 -0.361 -0.652 3.650 -1.625 0.601  30.337 -1.378 0.326  3.651 1.148  3.103  
30.385 11 BB_DC19DG20:DC2DG3_AA   B 19 ? A 3  ? B 20 ? A 2  ? 
1 A DG 14 1_555 D DC 2 1_555 A DA 15 1_555 D DT 1 1_555 0.087  -1.031 3.457 -2.200 0.406  39.350 -1.580 -0.404 3.437 0.602  3.264  
39.411 12 BB_DG20DA21:DT1DC2_AA   B 20 ? A 2  ? B 21 ? A 1  ? 
1 A DA 15 1_555 D DT 1 1_555 A DC 16 1_555 B DG 8 1_555 -0.502 -1.388 3.002 -6.322 1.261  26.358 -3.254 -0.408 2.971 2.713  13.606 
27.121 13 BB_DA21DC22:DG35DT1_CA  B 21 ? A 1  ? B 22 ? C 35 ? 
1 A DC 16 1_555 B DG 8 1_555 A DG 17 1_555 B DC 7 1_555 -0.709 0.090  3.146 -1.279 4.086  42.194 -0.277 0.854  3.160 5.659  1.771  
42.401 14 BB_DC22DG23:DC34DG35_CC B 22 ? C 35 ? B 23 ? C 34 ? 
1 A DG 17 1_555 B DC 7 1_555 A DA 18 1_555 B DT 6 1_555 0.014  -0.953 3.235 2.588  3.512  33.115 -2.225 0.393  3.113 6.129  -4.516 
33.393 15 BB_DG23DA24:DT33DC34_CC B 23 ? C 34 ? B 24 ? C 33 ? 
1 A DA 18 1_555 B DT 6 1_555 A DC 19 1_555 B DG 5 1_555 1.049  -1.126 3.232 3.509  -0.564 29.500 -2.076 -1.301 3.352 -1.103 -6.859 
29.708 16 BB_DA24DC25:DG32DT33_CC B 24 ? C 33 ? B 25 ? C 32 ? 
1 A DC 19 1_555 B DG 5 1_555 A DT 20 1_555 B DA 4 1_555 -0.563 -0.773 3.347 2.653  2.010  33.809 -1.649 1.393  3.245 3.446  -4.549 
33.968 17 BB_DC25DT26:DA31DG32_CC B 25 ? C 32 ? B 26 ? C 31 ? 
1 A DT 20 1_555 B DA 4 1_555 A DC 21 1_555 B DG 3 1_555 0.851  -0.247 3.580 0.972  1.876  34.134 -0.744 -1.279 3.584 3.192  -1.654 
34.198 18 BB_DT26DC27:DG30DA31_CC B 26 ? C 31 ? B 27 ? C 30 ? 
# 
loop_
_pdbx_audit_support.funding_organization 
_pdbx_audit_support.country 
_pdbx_audit_support.grant_number 
_pdbx_audit_support.ordinal 
'National Science Foundation (NSF, United States)'                                         'United States' 1360635     1 
'National Institutes of Health/National Institute of General Medical Sciences (NIH/NIGMS)' 'United States' R01GM104960 2 
'National Science Foundation (NSF, United States)'                                         'United States' NSF2004250  3 
# 
_pdbx_entity_nonpoly.entity_id   5 
_pdbx_entity_nonpoly.name        'CACODYLATE ION' 
_pdbx_entity_nonpoly.comp_id     CAC 
# 
_pdbx_initial_refinement_model.id               1 
_pdbx_initial_refinement_model.entity_id_list   ? 
_pdbx_initial_refinement_model.type             'experimental model' 
_pdbx_initial_refinement_model.source_name      PDB 
_pdbx_initial_refinement_model.accession_code   5VY6 
_pdbx_initial_refinement_model.details          ? 
# 
_pdbx_struct_assembly_auth_evidence.id                     1 
_pdbx_struct_assembly_auth_evidence.assembly_id            1 
_pdbx_struct_assembly_auth_evidence.experimental_support   none 
_pdbx_struct_assembly_auth_evidence.details                ? 
# 
